data_9MJ5
#
_entry.id   9MJ5
#
_cell.length_a   1.00
_cell.length_b   1.00
_cell.length_c   1.00
_cell.angle_alpha   90.00
_cell.angle_beta   90.00
_cell.angle_gamma   90.00
#
_symmetry.space_group_name_H-M   'P 1'
#
loop_
_entity.id
_entity.type
_entity.pdbx_description
1 polymer 'Replication protein A 14 kDa subunit'
2 polymer 'Replication protein A 32 kDa subunit'
3 polymer 'Replication protein A 70 kDa DNA-binding subunit'
4 polymer 'RNA-DNA primer (11-mer)'
5 polymer 'DNA polymerase alpha catalytic subunit'
6 polymer 'DNA template (35-mer)'
7 non-polymer 'ZINC ION'
8 non-polymer 'MAGNESIUM ION'
9 non-polymer "2'-DEOXYCYTIDINE-5'-TRIPHOSPHATE"
#
loop_
_entity_poly.entity_id
_entity_poly.type
_entity_poly.pdbx_seq_one_letter_code
_entity_poly.pdbx_strand_id
1 'polypeptide(L)'
;MVDMMDLPRSRINAGMLAQFIDKPVCFVGRLEKIHPTGKMFILSDGEGKNGTIELMEPLDEEISGIVEVVGRVTAKATIL
CTSYVQFKEDSHPFDLGLYNEAVKIIHDFPQFYPLGIVQHD
;
A
2 'polypeptide(L)'
;AEKKSRARAQHIVPCTISQLLSATLVDEVFRIGNVEISQVTIVGIIRHAEKAPTNIVYKIDDMTAAPMDVRQWVDTDDTS
SENTVVPPETYVKVAGHLRSFQNKKSLVAFKIMPLEDMNEFTTHILEVINAHMVLSKANSQPSAGRAPISNPGMSEAGNF
GGNSFMPANGLTVAQNQVLNLIKACPRPEGLNFQDLKNQLKHMSVSSIKQAVDFLSNEGHIYSTVDDDHFKSTDAE
;
B
3 'polypeptide(L)'
;SNTNWKTLYEVKSENLGQGDKPDYFSSVATVVYLRKENCMYQACPTQDCNKKVIDQQNGLYRCEKCDTEFPNFKYRMILS
VNIADFQENQWVTCFQESAEAILGQNAAYLGELKDKNEQAFEEVFQNANFRSFIFRVRVKVETYNDESRIKATVMDVKPV
DYREYGRRLVMSIRRSALM
;
C
4 'polydeoxyribonucleotide/polyribonucleotide hybrid' GCCUGGAGC(DG)(DC) P
5 'polypeptide(L)'
;ADEEQVFHFYWLDAYEDQYNQPGVVFLFGKVWIESAETHVSCCVMVKNIERTLYFLPREMKIDLNTGKETGTPISMKDVY
EEFDEKIATKYKIMKFKSKPVEKNYAFEIPDVPEKSEYLEVKYSAEMPQLPQDLKGETFSHVFGTNTSSLELFLMNRKIK
GPCWLEVKSPQLLNQPVSWCKVEAMALKPDLVNVIKDVSPPPLVVMAFSMKTMQNAKNHQNEIIAMAALVHHSFALDKAA
PKPPFQSHFCVVSKPKDCIFPYAFKEVIEKKNVKVEVAATERTLLGFFLAKVHKIDPDIIVGHNIYGFELEVLLQRINVC
KAPHWSKIGRLKRSNMPKLGGRSGFGERNATCGRMICDVEISAKELIRCKSYHLSELVQQILKTERVVIPMENIQNMYSE
SSQLLYLLEHTWKDAKFILQIMCELNVLPLALQITNIAGNIMSRTLMGGRSERNEFLLLHAFYENNYIVPDKQIFRKPQQ
KLGDEDEEIDGDTNKYKKGRKKAAYAGGLVLDPKVGFYDKFILLLDFNSLYPSIIQEFNICFTTVQRVASEAQKVTEDGE
QEQIPELPDPSLEMGILPREIRKLVERRKQVKQLMKQQDLNPDLILQYDIRQKALKLTANSMYGCLGFSYSRFYAKPLAA
LVTYKGREILMHTKEMVQKMNLEVIYGDTDSIMINTNSTNLEEVFKLGNKVKSEVNKLYKLLEIDIDGVFKSLLLLKKKK
YAALVVEPTSDGNYVTKQELKGLDIVRRDWCDLAKDTGNFVIGQILSDQSRDTIVENIQKRLIEIGENVLNGSVPVSQFE
INKALTKDPQDYPDKKSLPHVHVALWINSQGGRKVKAGDTVSYVICQDGSNLTASQRAYAPEQLQKQDNLTIDTQYYLAQ
QIHPVVARICEPIDGIDAVLIATWLGLDPT
;
S
6 'polydeoxyribonucleotide'
;(DA)(DA)(DT)(DC)(DT)(DA)(DG)(DT)(DA)(DA)(DC)(DA)(DT)(DA)(DG)(DT)(DA)(DT)(DA)(DC)
(DA)(DT)(DA)(DG)(DG)(DC)(DG)(DC)(DT)(DC)(DC)(DA)(DG)(DG)(DC)
;
T
#
# COMPACT_ATOMS: atom_id res chain seq x y z
N VAL A 2 -28.00 -4.86 32.93
CA VAL A 2 -27.47 -3.56 32.58
C VAL A 2 -26.89 -2.87 33.82
N ASP A 3 -25.57 -2.75 33.87
CA ASP A 3 -24.93 -2.16 35.03
C ASP A 3 -25.20 -0.66 35.08
N MET A 4 -25.04 -0.09 36.28
CA MET A 4 -25.45 1.29 36.51
C MET A 4 -24.57 2.30 35.78
N MET A 5 -23.33 1.95 35.45
CA MET A 5 -22.47 2.91 34.76
C MET A 5 -22.87 3.10 33.31
N ASP A 6 -23.81 2.32 32.78
CA ASP A 6 -24.29 2.49 31.42
C ASP A 6 -25.54 3.34 31.31
N LEU A 7 -26.05 3.89 32.42
CA LEU A 7 -27.25 4.71 32.39
C LEU A 7 -26.94 6.11 32.91
N PRO A 8 -27.66 7.12 32.43
CA PRO A 8 -27.43 8.48 32.94
C PRO A 8 -27.75 8.59 34.42
N ARG A 9 -26.99 9.43 35.11
CA ARG A 9 -27.16 9.66 36.54
C ARG A 9 -27.21 11.17 36.78
N SER A 10 -28.40 11.69 37.04
CA SER A 10 -28.57 13.11 37.26
C SER A 10 -27.99 13.52 38.61
N ARG A 11 -27.55 14.77 38.69
CA ARG A 11 -26.98 15.34 39.92
C ARG A 11 -28.13 15.93 40.74
N ILE A 12 -28.50 15.25 41.82
CA ILE A 12 -29.59 15.66 42.69
C ILE A 12 -29.04 15.86 44.10
N ASN A 13 -29.36 17.00 44.71
CA ASN A 13 -28.90 17.30 46.06
C ASN A 13 -29.89 16.74 47.07
N ALA A 14 -29.73 17.11 48.34
CA ALA A 14 -30.65 16.65 49.37
C ALA A 14 -32.02 17.33 49.30
N GLY A 15 -32.18 18.34 48.45
CA GLY A 15 -33.45 19.03 48.36
C GLY A 15 -34.56 18.19 47.77
N MET A 16 -34.26 17.41 46.73
CA MET A 16 -35.31 16.72 45.98
C MET A 16 -35.12 15.20 45.99
N LEU A 17 -34.80 14.64 47.16
CA LEU A 17 -34.49 13.22 47.24
C LEU A 17 -35.69 12.37 46.82
N ALA A 18 -36.90 12.77 47.23
CA ALA A 18 -38.09 11.94 47.02
C ALA A 18 -38.66 12.05 45.61
N GLN A 19 -38.18 12.97 44.79
CA GLN A 19 -38.72 13.16 43.45
C GLN A 19 -38.05 12.29 42.40
N PHE A 20 -37.06 11.49 42.78
CA PHE A 20 -36.31 10.65 41.85
C PHE A 20 -36.26 9.22 42.35
N ILE A 21 -37.43 8.69 42.71
CA ILE A 21 -37.49 7.34 43.28
C ILE A 21 -37.29 6.30 42.19
N ASP A 22 -36.58 5.22 42.52
CA ASP A 22 -36.17 4.20 41.56
C ASP A 22 -35.48 4.81 40.35
N LYS A 23 -34.57 5.75 40.61
CA LYS A 23 -33.82 6.41 39.54
C LYS A 23 -32.35 6.53 39.95
N PRO A 24 -31.43 6.28 39.02
CA PRO A 24 -30.01 6.48 39.33
C PRO A 24 -29.71 7.94 39.61
N VAL A 25 -28.78 8.17 40.53
CA VAL A 25 -28.51 9.53 41.01
C VAL A 25 -27.11 9.56 41.61
N CYS A 26 -26.41 10.66 41.37
CA CYS A 26 -25.13 10.95 42.00
C CYS A 26 -25.33 12.01 43.07
N PHE A 27 -24.63 11.85 44.19
CA PHE A 27 -24.71 12.78 45.31
C PHE A 27 -23.29 13.07 45.78
N VAL A 28 -23.05 14.31 46.22
CA VAL A 28 -21.73 14.70 46.72
C VAL A 28 -21.92 15.55 47.97
N GLY A 29 -20.91 15.55 48.83
CA GLY A 29 -20.96 16.52 49.91
C GLY A 29 -20.08 16.21 51.10
N ARG A 30 -20.53 16.68 52.26
CA ARG A 30 -19.74 16.76 53.48
C ARG A 30 -20.05 15.57 54.38
N LEU A 31 -19.04 14.73 54.61
CA LEU A 31 -19.22 13.57 55.48
C LEU A 31 -19.46 14.01 56.91
N GLU A 32 -20.45 13.39 57.56
CA GLU A 32 -20.83 13.76 58.93
C GLU A 32 -20.57 12.64 59.93
N LYS A 33 -21.14 11.45 59.72
CA LYS A 33 -21.06 10.40 60.72
C LYS A 33 -21.19 9.03 60.06
N ILE A 34 -20.46 8.06 60.59
CA ILE A 34 -20.44 6.69 60.09
C ILE A 34 -20.91 5.76 61.19
N HIS A 35 -21.86 4.88 60.84
CA HIS A 35 -22.32 3.89 61.80
C HIS A 35 -21.20 2.90 62.13
N PRO A 36 -21.14 2.43 63.38
CA PRO A 36 -20.09 1.47 63.75
C PRO A 36 -20.13 0.19 62.92
N THR A 37 -21.30 -0.22 62.43
CA THR A 37 -21.38 -1.40 61.58
C THR A 37 -20.60 -1.20 60.29
N GLY A 38 -20.64 0.00 59.73
CA GLY A 38 -19.98 0.29 58.48
C GLY A 38 -20.85 0.12 57.25
N LYS A 39 -22.06 -0.42 57.40
CA LYS A 39 -22.95 -0.60 56.25
C LYS A 39 -23.62 0.70 55.82
N MET A 40 -23.75 1.69 56.70
CA MET A 40 -24.46 2.90 56.35
C MET A 40 -23.86 4.09 57.08
N PHE A 41 -24.07 5.27 56.52
CA PHE A 41 -23.58 6.51 57.13
C PHE A 41 -24.48 7.66 56.71
N ILE A 42 -24.12 8.86 57.14
CA ILE A 42 -24.93 10.06 56.91
C ILE A 42 -24.06 11.09 56.20
N LEU A 43 -24.72 11.96 55.42
CA LEU A 43 -24.05 12.92 54.56
C LEU A 43 -24.75 14.27 54.70
N SER A 44 -23.98 15.34 54.50
CA SER A 44 -24.50 16.70 54.55
C SER A 44 -24.40 17.35 53.18
N ASP A 45 -25.45 18.06 52.79
CA ASP A 45 -25.50 18.74 51.51
C ASP A 45 -25.00 20.18 51.57
N GLY A 46 -24.54 20.63 52.74
CA GLY A 46 -24.07 21.99 52.88
C GLY A 46 -25.14 23.02 53.14
N GLU A 47 -26.42 22.62 53.13
CA GLU A 47 -27.53 23.52 53.40
C GLU A 47 -28.21 23.19 54.72
N GLY A 48 -27.56 22.41 55.58
CA GLY A 48 -28.13 22.00 56.84
C GLY A 48 -28.97 20.74 56.80
N LYS A 49 -29.22 20.19 55.61
CA LYS A 49 -30.01 18.99 55.46
C LYS A 49 -29.12 17.76 55.38
N ASN A 50 -29.68 16.61 55.75
CA ASN A 50 -28.94 15.36 55.81
C ASN A 50 -29.51 14.33 54.83
N GLY A 51 -28.66 13.40 54.43
CA GLY A 51 -29.07 12.28 53.60
C GLY A 51 -28.28 11.04 53.93
N THR A 52 -28.95 9.91 54.11
CA THR A 52 -28.28 8.69 54.56
C THR A 52 -28.01 7.75 53.39
N ILE A 53 -26.88 7.05 53.46
CA ILE A 53 -26.44 6.15 52.41
C ILE A 53 -26.18 4.77 53.02
N GLU A 54 -26.60 3.73 52.32
CA GLU A 54 -26.41 2.36 52.76
C GLU A 54 -25.63 1.57 51.71
N LEU A 55 -24.86 0.60 52.18
CA LEU A 55 -24.07 -0.29 51.35
C LEU A 55 -24.41 -1.73 51.69
N MET A 56 -24.32 -2.61 50.69
CA MET A 56 -24.61 -4.02 50.92
C MET A 56 -23.53 -4.68 51.76
N GLU A 57 -22.30 -4.18 51.71
CA GLU A 57 -21.20 -4.71 52.50
C GLU A 57 -20.55 -3.58 53.29
N PRO A 58 -20.18 -3.84 54.56
CA PRO A 58 -19.57 -2.77 55.37
C PRO A 58 -18.29 -2.23 54.75
N LEU A 59 -18.08 -0.93 54.93
CA LEU A 59 -16.94 -0.26 54.30
C LEU A 59 -15.65 -0.67 55.01
N ASP A 60 -14.61 -0.95 54.22
CA ASP A 60 -13.34 -1.45 54.74
C ASP A 60 -12.28 -0.37 54.92
N GLU A 61 -12.38 0.75 54.22
CA GLU A 61 -11.34 1.77 54.22
C GLU A 61 -11.79 2.99 55.01
N GLU A 62 -10.80 3.71 55.54
CA GLU A 62 -11.08 4.94 56.28
C GLU A 62 -11.34 6.07 55.29
N ILE A 63 -12.46 6.76 55.46
CA ILE A 63 -12.86 7.82 54.55
C ILE A 63 -12.93 9.14 55.31
N SER A 64 -12.72 10.23 54.58
CA SER A 64 -12.75 11.57 55.15
C SER A 64 -12.83 12.56 54.00
N GLY A 65 -13.15 13.81 54.34
CA GLY A 65 -13.25 14.86 53.34
C GLY A 65 -14.51 14.74 52.51
N ILE A 66 -14.53 15.53 51.43
CA ILE A 66 -15.66 15.51 50.51
C ILE A 66 -15.71 14.16 49.81
N VAL A 67 -16.92 13.63 49.62
CA VAL A 67 -17.13 12.31 49.05
C VAL A 67 -18.34 12.37 48.13
N GLU A 68 -18.27 11.64 47.01
CA GLU A 68 -19.45 11.48 46.18
C GLU A 68 -19.85 10.01 46.17
N VAL A 69 -21.15 9.76 46.03
CA VAL A 69 -21.72 8.42 46.03
C VAL A 69 -22.63 8.29 44.81
N VAL A 70 -22.54 7.15 44.13
CA VAL A 70 -23.42 6.82 43.02
C VAL A 70 -24.40 5.78 43.51
N GLY A 71 -25.69 6.02 43.32
CA GLY A 71 -26.66 5.09 43.86
C GLY A 71 -28.04 5.32 43.29
N ARG A 72 -29.03 4.72 43.97
CA ARG A 72 -30.43 4.81 43.59
C ARG A 72 -31.26 5.14 44.82
N VAL A 73 -32.30 5.96 44.62
CA VAL A 73 -33.21 6.27 45.71
C VAL A 73 -34.15 5.08 45.92
N THR A 74 -34.23 4.60 47.15
CA THR A 74 -35.06 3.47 47.49
C THR A 74 -36.44 3.95 47.96
N ALA A 75 -37.27 3.01 48.43
CA ALA A 75 -38.58 3.36 48.95
C ALA A 75 -38.48 4.26 50.17
N LYS A 76 -37.45 4.06 50.99
CA LYS A 76 -37.23 4.88 52.18
C LYS A 76 -36.44 6.16 51.89
N ALA A 77 -36.38 6.57 50.62
CA ALA A 77 -35.66 7.78 50.21
C ALA A 77 -34.18 7.72 50.61
N THR A 78 -33.62 6.51 50.66
CA THR A 78 -32.22 6.32 50.96
C THR A 78 -31.47 5.88 49.70
N ILE A 79 -30.15 5.98 49.75
CA ILE A 79 -29.31 5.78 48.57
C ILE A 79 -28.60 4.43 48.72
N LEU A 80 -28.87 3.53 47.79
CA LEU A 80 -28.16 2.25 47.70
C LEU A 80 -26.90 2.47 46.87
N CYS A 81 -25.78 2.68 47.54
CA CYS A 81 -24.54 3.01 46.85
C CYS A 81 -24.00 1.81 46.07
N THR A 82 -23.43 2.10 44.91
CA THR A 82 -22.66 1.14 44.14
C THR A 82 -21.18 1.49 44.05
N SER A 83 -20.85 2.77 44.12
CA SER A 83 -19.46 3.21 44.10
C SER A 83 -19.36 4.59 44.74
N TYR A 84 -18.16 4.92 45.17
CA TYR A 84 -17.89 6.19 45.83
C TYR A 84 -16.45 6.59 45.59
N VAL A 85 -16.21 7.90 45.57
CA VAL A 85 -14.87 8.45 45.40
C VAL A 85 -14.70 9.60 46.40
N GLN A 86 -13.57 9.59 47.09
CA GLN A 86 -13.19 10.67 48.00
C GLN A 86 -12.52 11.78 47.22
N PHE A 87 -12.88 13.02 47.56
CA PHE A 87 -12.40 14.21 46.88
C PHE A 87 -11.24 14.83 47.65
N LYS A 88 -10.30 15.40 46.89
CA LYS A 88 -9.09 15.95 47.48
C LYS A 88 -9.38 17.27 48.19
N GLU A 89 -8.78 17.44 49.36
CA GLU A 89 -8.90 18.68 50.13
C GLU A 89 -7.55 19.17 50.63
N ASP A 90 -6.44 18.61 50.13
CA ASP A 90 -5.12 18.97 50.62
C ASP A 90 -4.68 20.36 50.13
N SER A 91 -5.23 20.83 49.02
CA SER A 91 -4.75 22.04 48.38
C SER A 91 -5.77 23.16 48.34
N HIS A 92 -6.96 22.92 47.78
CA HIS A 92 -7.93 23.98 47.57
C HIS A 92 -9.25 23.61 48.22
N PRO A 93 -9.88 24.52 48.97
CA PRO A 93 -11.21 24.24 49.50
C PRO A 93 -12.24 24.18 48.40
N PHE A 94 -13.28 23.39 48.64
CA PHE A 94 -14.40 23.26 47.71
C PHE A 94 -15.62 23.97 48.31
N ASP A 95 -16.19 24.89 47.55
CA ASP A 95 -17.33 25.68 47.99
C ASP A 95 -18.59 25.01 47.45
N LEU A 96 -19.38 24.43 48.35
CA LEU A 96 -20.55 23.67 47.93
C LEU A 96 -21.72 24.56 47.53
N GLY A 97 -21.72 25.82 47.95
CA GLY A 97 -22.82 26.70 47.60
C GLY A 97 -22.94 26.94 46.11
N LEU A 98 -21.81 27.24 45.46
CA LEU A 98 -21.84 27.43 44.01
C LEU A 98 -22.25 26.14 43.32
N TYR A 99 -21.86 24.99 43.85
CA TYR A 99 -22.33 23.72 43.32
C TYR A 99 -23.85 23.62 43.41
N ASN A 100 -24.42 24.00 44.56
CA ASN A 100 -25.86 23.89 44.75
C ASN A 100 -26.60 24.80 43.78
N GLU A 101 -26.17 26.06 43.67
CA GLU A 101 -26.79 26.95 42.69
C GLU A 101 -26.58 26.46 41.26
N ALA A 102 -25.47 25.75 41.00
CA ALA A 102 -25.29 25.15 39.69
C ALA A 102 -26.37 24.10 39.42
N VAL A 103 -26.67 23.28 40.43
CA VAL A 103 -27.76 22.30 40.28
C VAL A 103 -29.09 23.02 40.05
N LYS A 104 -29.33 24.10 40.80
CA LYS A 104 -30.58 24.84 40.61
C LYS A 104 -30.69 25.38 39.19
N ILE A 105 -29.62 25.96 38.68
CA ILE A 105 -29.63 26.50 37.32
C ILE A 105 -29.83 25.39 36.31
N ILE A 106 -29.17 24.24 36.52
CA ILE A 106 -29.30 23.13 35.59
C ILE A 106 -30.74 22.65 35.54
N HIS A 107 -31.38 22.52 36.69
CA HIS A 107 -32.79 22.14 36.73
C HIS A 107 -33.68 23.23 36.14
N ASP A 108 -33.23 24.50 36.19
CA ASP A 108 -34.01 25.58 35.61
C ASP A 108 -34.10 25.45 34.10
N PHE A 109 -33.00 25.05 33.45
CA PHE A 109 -32.96 24.89 31.99
C PHE A 109 -32.40 23.51 31.66
N PRO A 110 -33.19 22.45 31.89
CA PRO A 110 -32.72 21.11 31.55
C PRO A 110 -32.58 20.87 30.06
N GLN A 111 -33.20 21.72 29.23
CA GLN A 111 -33.17 21.50 27.78
C GLN A 111 -31.75 21.61 27.23
N PHE A 112 -30.96 22.55 27.74
CA PHE A 112 -29.59 22.73 27.29
C PHE A 112 -28.60 21.83 28.01
N TYR A 113 -29.08 21.04 28.98
CA TYR A 113 -28.28 19.99 29.62
C TYR A 113 -29.07 18.69 29.52
N PRO A 114 -29.12 18.09 28.33
CA PRO A 114 -29.95 16.90 28.14
C PRO A 114 -29.50 15.74 29.02
N LEU A 115 -30.47 15.01 29.54
CA LEU A 115 -30.23 13.79 30.30
C LEU A 115 -30.64 12.60 29.43
N GLY A 116 -29.73 11.65 29.27
CA GLY A 116 -29.96 10.57 28.33
C GLY A 116 -29.75 11.03 26.90
N ILE A 117 -30.14 10.16 25.97
CA ILE A 117 -30.05 10.46 24.55
C ILE A 117 -31.37 11.06 24.12
N VAL A 118 -31.34 12.34 23.75
CA VAL A 118 -32.53 13.08 23.34
C VAL A 118 -32.49 13.23 21.83
N GLN A 119 -33.58 12.81 21.16
CA GLN A 119 -33.66 12.86 19.72
C GLN A 119 -34.30 14.17 19.24
N ALA B 9 -8.81 26.15 15.41
CA ALA B 9 -8.94 26.87 14.15
C ALA B 9 -9.71 28.17 14.34
N GLN B 10 -10.94 28.07 14.82
CA GLN B 10 -11.80 29.21 15.02
C GLN B 10 -12.10 29.49 16.48
N HIS B 11 -12.65 28.51 17.20
CA HIS B 11 -13.01 28.69 18.60
C HIS B 11 -13.36 27.36 19.26
N ILE B 12 -12.77 27.08 20.41
CA ILE B 12 -13.14 25.89 21.17
C ILE B 12 -14.47 26.14 21.88
N VAL B 13 -15.27 25.08 22.02
CA VAL B 13 -16.59 25.18 22.64
C VAL B 13 -16.72 24.05 23.65
N PRO B 14 -16.94 24.35 24.93
CA PRO B 14 -17.22 23.29 25.90
C PRO B 14 -18.57 22.64 25.60
N CYS B 15 -18.67 21.35 25.90
CA CYS B 15 -19.87 20.59 25.62
C CYS B 15 -19.91 19.38 26.55
N THR B 16 -20.83 18.46 26.26
CA THR B 16 -20.96 17.21 27.01
C THR B 16 -21.07 16.06 26.03
N ILE B 17 -20.64 14.88 26.48
CA ILE B 17 -20.60 13.72 25.59
C ILE B 17 -21.99 13.35 25.08
N SER B 18 -23.03 13.62 25.87
CA SER B 18 -24.39 13.41 25.38
C SER B 18 -24.66 14.25 24.14
N GLN B 19 -24.34 15.54 24.20
CA GLN B 19 -24.49 16.39 23.03
C GLN B 19 -23.57 15.95 21.90
N LEU B 20 -22.38 15.47 22.24
CA LEU B 20 -21.44 15.00 21.23
C LEU B 20 -22.03 13.85 20.42
N LEU B 21 -22.57 12.85 21.12
CA LEU B 21 -23.14 11.71 20.41
C LEU B 21 -24.45 12.07 19.71
N SER B 22 -25.24 12.97 20.30
CA SER B 22 -26.48 13.38 19.65
C SER B 22 -26.25 14.27 18.43
N ALA B 23 -25.03 14.71 18.18
CA ALA B 23 -24.75 15.54 17.03
C ALA B 23 -24.93 14.76 15.74
N THR B 24 -25.13 15.50 14.65
CA THR B 24 -25.38 14.92 13.33
C THR B 24 -24.32 15.37 12.34
N LEU B 25 -24.15 14.57 11.29
CA LEU B 25 -23.16 14.84 10.25
C LEU B 25 -23.88 15.40 9.03
N VAL B 26 -23.50 16.62 8.63
CA VAL B 26 -24.02 17.24 7.42
C VAL B 26 -22.86 17.83 6.65
N ASP B 27 -22.54 17.22 5.50
CA ASP B 27 -21.51 17.73 4.59
C ASP B 27 -20.20 17.99 5.32
N GLU B 28 -19.63 16.91 5.86
CA GLU B 28 -18.39 16.86 6.62
C GLU B 28 -18.38 17.79 7.83
N VAL B 29 -19.52 18.38 8.17
CA VAL B 29 -19.62 19.32 9.29
C VAL B 29 -20.53 18.71 10.34
N PHE B 30 -20.04 18.62 11.57
CA PHE B 30 -20.81 18.07 12.67
C PHE B 30 -21.59 19.19 13.35
N ARG B 31 -22.91 19.04 13.40
CA ARG B 31 -23.80 20.04 13.99
C ARG B 31 -24.66 19.36 15.05
N ILE B 32 -24.61 19.86 16.27
CA ILE B 32 -25.54 19.46 17.32
C ILE B 32 -26.73 20.40 17.20
N GLY B 33 -27.77 19.95 16.51
CA GLY B 33 -28.88 20.82 16.17
C GLY B 33 -28.45 21.90 15.20
N ASN B 34 -28.55 23.16 15.63
CA ASN B 34 -28.09 24.30 14.85
C ASN B 34 -26.76 24.84 15.35
N VAL B 35 -26.01 24.04 16.11
CA VAL B 35 -24.75 24.46 16.71
C VAL B 35 -23.61 23.73 16.02
N GLU B 36 -22.64 24.49 15.52
CA GLU B 36 -21.46 23.92 14.90
C GLU B 36 -20.35 23.73 15.92
N ILE B 37 -19.66 22.60 15.84
CA ILE B 37 -18.58 22.26 16.75
C ILE B 37 -17.41 21.69 15.94
N SER B 38 -16.21 22.22 16.18
CA SER B 38 -15.00 21.71 15.56
C SER B 38 -13.98 21.21 16.57
N GLN B 39 -13.71 22.00 17.61
CA GLN B 39 -12.86 21.59 18.72
C GLN B 39 -13.65 21.73 20.01
N VAL B 40 -13.55 20.72 20.88
CA VAL B 40 -14.31 20.69 22.12
C VAL B 40 -13.40 20.28 23.27
N THR B 41 -13.85 20.62 24.48
CA THR B 41 -13.20 20.21 25.71
C THR B 41 -14.23 19.56 26.61
N ILE B 42 -13.76 18.60 27.42
CA ILE B 42 -14.65 17.85 28.31
C ILE B 42 -13.86 17.46 29.55
N VAL B 43 -14.51 17.48 30.69
CA VAL B 43 -13.89 17.15 31.97
C VAL B 43 -14.61 15.95 32.56
N GLY B 44 -13.86 14.92 32.92
CA GLY B 44 -14.50 13.72 33.41
C GLY B 44 -13.53 12.75 34.04
N ILE B 45 -14.06 11.57 34.37
CA ILE B 45 -13.32 10.52 35.07
C ILE B 45 -12.99 9.41 34.07
N ILE B 46 -11.81 8.83 34.21
CA ILE B 46 -11.41 7.69 33.39
C ILE B 46 -11.72 6.41 34.17
N ARG B 47 -12.49 5.52 33.54
CA ARG B 47 -12.87 4.26 34.18
C ARG B 47 -11.92 3.13 33.84
N HIS B 48 -11.43 3.09 32.60
CA HIS B 48 -10.51 2.04 32.18
C HIS B 48 -9.69 2.56 31.02
N ALA B 49 -8.43 2.13 30.97
CA ALA B 49 -7.52 2.52 29.91
C ALA B 49 -6.85 1.27 29.32
N GLU B 50 -6.65 1.28 28.01
CA GLU B 50 -5.96 0.19 27.33
C GLU B 50 -4.73 0.71 26.61
N LYS B 51 -3.66 -0.06 26.73
CA LYS B 51 -2.34 0.27 26.21
C LYS B 51 -2.12 -0.43 24.88
N ALA B 52 -1.89 0.35 23.84
CA ALA B 52 -1.53 -0.16 22.52
C ALA B 52 -0.06 0.08 22.26
N PRO B 53 0.55 -0.65 21.32
CA PRO B 53 1.98 -0.43 21.04
C PRO B 53 2.30 1.01 20.66
N THR B 54 1.37 1.71 20.02
CA THR B 54 1.56 3.13 19.70
C THR B 54 0.54 4.02 20.40
N ASN B 55 -0.75 3.74 20.25
CA ASN B 55 -1.79 4.62 20.77
C ASN B 55 -2.14 4.26 22.21
N ILE B 56 -2.95 5.11 22.84
CA ILE B 56 -3.45 4.87 24.18
C ILE B 56 -4.95 5.21 24.18
N VAL B 57 -5.78 4.30 24.68
CA VAL B 57 -7.20 4.60 24.73
C VAL B 57 -7.60 4.85 26.18
N TYR B 58 -8.65 5.64 26.34
CA TYR B 58 -9.19 5.98 27.64
C TYR B 58 -10.70 5.87 27.60
N LYS B 59 -11.30 5.58 28.75
CA LYS B 59 -12.75 5.46 28.91
C LYS B 59 -13.21 6.62 29.79
N ILE B 60 -13.51 7.74 29.16
CA ILE B 60 -13.95 8.92 29.88
C ILE B 60 -15.43 8.80 30.22
N ASP B 61 -15.85 9.53 31.26
CA ASP B 61 -17.23 9.48 31.71
C ASP B 61 -17.56 10.78 32.43
N ASP B 62 -18.67 11.40 32.04
CA ASP B 62 -19.13 12.65 32.65
C ASP B 62 -20.48 12.49 33.33
N MET B 63 -20.89 11.25 33.61
CA MET B 63 -22.16 10.90 34.25
C MET B 63 -23.36 11.59 33.60
N THR B 64 -23.28 11.82 32.29
CA THR B 64 -24.44 12.24 31.51
C THR B 64 -24.93 11.17 30.53
N ALA B 65 -24.09 10.21 30.18
CA ALA B 65 -24.46 9.14 29.26
C ALA B 65 -23.47 7.99 29.46
N ALA B 66 -23.46 7.07 28.51
CA ALA B 66 -22.55 5.94 28.58
C ALA B 66 -21.10 6.42 28.45
N PRO B 67 -20.15 5.68 29.02
CA PRO B 67 -18.74 6.08 28.91
C PRO B 67 -18.29 6.12 27.45
N MET B 68 -17.40 7.06 27.16
CA MET B 68 -16.93 7.33 25.82
C MET B 68 -15.47 6.94 25.68
N ASP B 69 -15.06 6.59 24.47
CA ASP B 69 -13.68 6.22 24.18
C ASP B 69 -12.94 7.42 23.63
N VAL B 70 -11.76 7.67 24.18
CA VAL B 70 -10.86 8.74 23.72
C VAL B 70 -9.56 8.11 23.27
N ARG B 71 -9.10 8.48 22.08
CA ARG B 71 -7.90 7.96 21.48
C ARG B 71 -6.82 9.04 21.55
N GLN B 72 -5.67 8.70 22.13
CA GLN B 72 -4.52 9.60 22.16
C GLN B 72 -3.42 8.95 21.33
N TRP B 73 -3.05 9.63 20.25
CA TRP B 73 -2.00 9.16 19.34
C TRP B 73 -0.65 9.64 19.86
N VAL B 74 0.15 8.73 20.38
CA VAL B 74 1.48 9.04 20.89
C VAL B 74 2.48 8.19 20.12
N ASP B 75 3.59 8.81 19.72
CA ASP B 75 4.65 8.08 19.04
C ASP B 75 5.47 7.30 20.07
N THR B 76 5.64 5.99 19.81
CA THR B 76 6.30 5.12 20.78
C THR B 76 7.76 5.49 21.00
N ASP B 77 8.38 6.22 20.06
CA ASP B 77 9.76 6.65 20.26
C ASP B 77 9.86 7.62 21.42
N ASP B 78 8.90 8.54 21.56
CA ASP B 78 8.90 9.52 22.64
C ASP B 78 8.33 8.87 23.90
N THR B 79 9.22 8.20 24.65
CA THR B 79 8.85 7.53 25.89
C THR B 79 8.86 8.50 27.07
N SER B 80 8.04 9.54 26.95
CA SER B 80 7.96 10.59 27.96
C SER B 80 6.60 10.63 28.66
N SER B 81 5.51 10.72 27.90
CA SER B 81 4.17 10.79 28.47
C SER B 81 3.44 9.46 28.46
N GLU B 82 3.81 8.53 27.58
CA GLU B 82 3.16 7.22 27.57
C GLU B 82 3.46 6.46 28.85
N ASN B 83 4.68 6.59 29.38
CA ASN B 83 5.02 5.96 30.65
C ASN B 83 4.29 6.60 31.83
N THR B 84 3.71 7.77 31.65
CA THR B 84 2.99 8.48 32.70
C THR B 84 1.48 8.39 32.53
N VAL B 85 0.99 7.22 32.10
CA VAL B 85 -0.46 7.03 31.94
C VAL B 85 -1.16 7.31 33.27
N VAL B 86 -2.20 8.12 33.21
CA VAL B 86 -2.90 8.56 34.42
C VAL B 86 -3.59 7.37 35.07
N PRO B 87 -3.43 7.16 36.37
CA PRO B 87 -4.12 6.05 37.04
C PRO B 87 -5.62 6.28 37.06
N PRO B 88 -6.41 5.22 37.25
CA PRO B 88 -7.87 5.37 37.20
C PRO B 88 -8.43 6.21 38.33
N GLU B 89 -9.76 6.34 38.36
CA GLU B 89 -10.50 7.19 39.31
C GLU B 89 -9.81 8.53 39.54
N THR B 90 -9.42 9.16 38.43
CA THR B 90 -8.84 10.50 38.44
C THR B 90 -9.64 11.40 37.51
N TYR B 91 -9.93 12.62 37.97
CA TYR B 91 -10.71 13.59 37.21
C TYR B 91 -9.74 14.42 36.36
N VAL B 92 -9.96 14.42 35.05
CA VAL B 92 -9.05 15.09 34.13
C VAL B 92 -9.83 15.94 33.13
N LYS B 93 -9.11 16.86 32.50
CA LYS B 93 -9.62 17.73 31.45
C LYS B 93 -9.00 17.33 30.12
N VAL B 94 -9.84 17.17 29.10
CA VAL B 94 -9.46 16.68 27.79
C VAL B 94 -9.82 17.74 26.77
N ALA B 95 -8.86 18.12 25.93
CA ALA B 95 -9.13 19.06 24.85
C ALA B 95 -8.75 18.41 23.53
N GLY B 96 -9.66 18.48 22.55
CA GLY B 96 -9.39 17.87 21.27
C GLY B 96 -10.58 18.00 20.34
N HIS B 97 -10.49 17.31 19.21
CA HIS B 97 -11.54 17.34 18.20
C HIS B 97 -12.07 15.93 17.99
N LEU B 98 -13.36 15.84 17.72
CA LEU B 98 -14.04 14.56 17.55
C LEU B 98 -13.93 14.07 16.11
N ARG B 99 -14.14 12.76 15.95
CA ARG B 99 -14.05 12.10 14.65
C ARG B 99 -15.20 11.12 14.54
N SER B 100 -15.70 10.90 13.33
CA SER B 100 -16.83 10.02 13.09
C SER B 100 -16.44 8.89 12.14
N PHE B 101 -16.89 7.69 12.43
CA PHE B 101 -16.53 6.52 11.63
C PHE B 101 -17.64 5.48 11.81
N GLN B 102 -18.37 5.20 10.74
CA GLN B 102 -19.37 4.13 10.71
C GLN B 102 -20.39 4.29 11.83
N ASN B 103 -20.87 5.51 12.01
CA ASN B 103 -21.98 5.85 12.92
C ASN B 103 -21.64 5.57 14.38
N LYS B 104 -20.36 5.42 14.72
CA LYS B 104 -19.92 5.45 16.11
C LYS B 104 -18.91 6.58 16.26
N LYS B 105 -19.13 7.42 17.26
CA LYS B 105 -18.28 8.59 17.46
C LYS B 105 -16.94 8.19 18.05
N SER B 106 -16.01 9.14 18.01
CA SER B 106 -14.69 8.97 18.60
C SER B 106 -14.12 10.34 18.91
N LEU B 107 -13.17 10.38 19.84
CA LEU B 107 -12.53 11.61 20.26
C LEU B 107 -11.02 11.51 20.04
N VAL B 108 -10.46 12.56 19.43
CA VAL B 108 -9.02 12.67 19.25
C VAL B 108 -8.50 13.66 20.29
N ALA B 109 -7.50 13.22 21.06
CA ALA B 109 -7.03 13.99 22.20
C ALA B 109 -5.87 14.88 21.78
N PHE B 110 -6.11 16.19 21.74
CA PHE B 110 -5.01 17.13 21.57
C PHE B 110 -4.19 17.26 22.85
N LYS B 111 -4.85 17.34 24.00
CA LYS B 111 -4.13 17.48 25.26
C LYS B 111 -4.94 16.90 26.40
N ILE B 112 -4.22 16.29 27.35
CA ILE B 112 -4.80 15.65 28.53
C ILE B 112 -4.15 16.29 29.76
N MET B 113 -4.96 16.76 30.70
CA MET B 113 -4.38 17.34 31.91
C MET B 113 -5.12 16.89 33.16
N PRO B 114 -4.43 16.30 34.14
CA PRO B 114 -5.07 16.05 35.43
C PRO B 114 -5.50 17.35 36.08
N LEU B 115 -6.64 17.30 36.75
CA LEU B 115 -7.23 18.50 37.34
C LEU B 115 -6.81 18.62 38.79
N GLU B 116 -6.32 19.80 39.16
CA GLU B 116 -5.81 20.02 40.52
C GLU B 116 -6.85 20.70 41.40
N ASP B 117 -7.35 21.86 40.98
CA ASP B 117 -8.46 22.48 41.68
C ASP B 117 -9.77 21.85 41.23
N MET B 118 -10.65 21.56 42.19
CA MET B 118 -11.86 20.82 41.90
C MET B 118 -13.13 21.66 41.98
N ASN B 119 -12.98 22.98 41.93
CA ASN B 119 -14.09 23.84 41.54
C ASN B 119 -14.17 23.98 40.04
N GLU B 120 -13.23 23.37 39.31
CA GLU B 120 -13.20 23.49 37.86
C GLU B 120 -14.37 22.77 37.21
N PHE B 121 -14.94 21.75 37.86
CA PHE B 121 -16.08 21.06 37.28
C PHE B 121 -17.30 21.97 37.21
N THR B 122 -17.60 22.68 38.30
CA THR B 122 -18.72 23.61 38.29
C THR B 122 -18.49 24.74 37.31
N THR B 123 -17.26 25.25 37.25
CA THR B 123 -16.94 26.29 36.26
C THR B 123 -17.15 25.78 34.85
N HIS B 124 -16.74 24.53 34.59
CA HIS B 124 -16.89 23.95 33.25
C HIS B 124 -18.37 23.78 32.90
N ILE B 125 -19.18 23.34 33.86
CA ILE B 125 -20.60 23.16 33.58
C ILE B 125 -21.27 24.52 33.34
N LEU B 126 -20.85 25.55 34.07
CA LEU B 126 -21.38 26.89 33.83
C LEU B 126 -20.96 27.40 32.45
N GLU B 127 -19.71 27.14 32.06
CA GLU B 127 -19.29 27.46 30.70
C GLU B 127 -20.17 26.76 29.68
N VAL B 128 -20.45 25.47 29.91
CA VAL B 128 -21.25 24.72 28.95
C VAL B 128 -22.62 25.35 28.79
N ILE B 129 -23.31 25.60 29.91
CA ILE B 129 -24.68 26.12 29.81
C ILE B 129 -24.69 27.51 29.20
N ASN B 130 -23.78 28.39 29.66
CA ASN B 130 -23.77 29.76 29.17
C ASN B 130 -23.43 29.83 27.69
N ALA B 131 -22.38 29.11 27.28
CA ALA B 131 -21.99 29.13 25.87
C ALA B 131 -23.07 28.51 24.99
N HIS B 132 -23.67 27.41 25.46
CA HIS B 132 -24.74 26.79 24.68
C HIS B 132 -25.89 27.77 24.47
N MET B 133 -26.33 28.44 25.54
CA MET B 133 -27.41 29.40 25.40
C MET B 133 -27.04 30.54 24.46
N VAL B 134 -25.85 31.13 24.67
CA VAL B 134 -25.47 32.31 23.90
C VAL B 134 -25.37 31.97 22.42
N LEU B 135 -24.69 30.87 22.10
CA LEU B 135 -24.49 30.53 20.70
C LEU B 135 -25.75 29.95 20.06
N SER B 136 -26.64 29.32 20.86
CA SER B 136 -27.90 28.86 20.31
C SER B 136 -28.79 30.02 19.92
N LYS B 137 -28.82 31.08 20.74
CA LYS B 137 -29.54 32.28 20.28
C LYS B 137 -28.79 33.00 19.17
N ALA B 138 -27.46 32.89 19.13
CA ALA B 138 -26.70 33.49 18.04
C ALA B 138 -27.01 32.85 16.70
N ASN B 139 -27.30 31.55 16.68
CA ASN B 139 -27.78 30.90 15.46
C ASN B 139 -29.28 30.99 15.32
N SER B 140 -30.00 31.27 16.40
CA SER B 140 -31.46 31.37 16.33
C SER B 140 -31.90 32.65 15.64
N GLN B 141 -31.16 33.73 15.79
CA GLN B 141 -31.51 34.97 15.14
C GLN B 141 -31.41 34.81 13.63
N PRO B 142 -32.28 35.46 12.87
CA PRO B 142 -32.24 35.35 11.41
C PRO B 142 -31.12 36.19 10.84
N SER B 143 -30.98 36.12 9.50
CA SER B 143 -29.95 36.85 8.75
C SER B 143 -28.56 36.56 9.31
N ALA B 144 -28.30 35.30 9.63
CA ALA B 144 -27.01 34.89 10.16
C ALA B 144 -26.24 34.06 9.13
N SER B 164 -14.08 25.73 -19.73
CA SER B 164 -13.05 24.99 -20.44
C SER B 164 -12.11 24.29 -19.46
N PHE B 165 -11.40 23.27 -19.93
CA PHE B 165 -10.44 22.52 -19.13
C PHE B 165 -9.07 22.64 -19.79
N MET B 166 -8.38 23.73 -19.50
CA MET B 166 -7.04 24.01 -20.01
C MET B 166 -6.00 23.80 -18.91
N PRO B 167 -4.74 23.59 -19.29
CA PRO B 167 -3.68 23.56 -18.26
C PRO B 167 -3.61 24.83 -17.43
N ALA B 168 -3.91 25.98 -18.04
CA ALA B 168 -3.99 27.26 -17.33
C ALA B 168 -2.66 27.60 -16.64
N ASN B 169 -1.62 27.76 -17.46
CA ASN B 169 -0.31 28.15 -16.98
C ASN B 169 -0.22 29.68 -16.91
N GLY B 170 0.95 30.17 -16.51
CA GLY B 170 1.17 31.60 -16.41
C GLY B 170 1.63 32.05 -15.03
N LEU B 171 2.75 32.76 -14.97
CA LEU B 171 3.33 33.23 -13.73
C LEU B 171 3.30 34.75 -13.68
N THR B 172 3.09 35.29 -12.49
CA THR B 172 3.07 36.73 -12.30
C THR B 172 4.51 37.28 -12.29
N VAL B 173 4.61 38.61 -12.25
CA VAL B 173 5.92 39.24 -12.29
C VAL B 173 6.70 38.97 -11.00
N ALA B 174 6.01 38.96 -9.86
CA ALA B 174 6.70 38.75 -8.58
C ALA B 174 7.32 37.36 -8.52
N GLN B 175 6.58 36.33 -8.92
CA GLN B 175 7.13 34.98 -8.92
C GLN B 175 8.27 34.86 -9.94
N ASN B 176 8.17 35.58 -11.06
CA ASN B 176 9.26 35.58 -12.02
C ASN B 176 10.53 36.17 -11.42
N GLN B 177 10.40 37.28 -10.69
CA GLN B 177 11.56 37.87 -10.02
C GLN B 177 12.13 36.92 -8.97
N VAL B 178 11.25 36.26 -8.21
CA VAL B 178 11.72 35.32 -7.20
C VAL B 178 12.49 34.17 -7.85
N LEU B 179 11.95 33.63 -8.94
CA LEU B 179 12.63 32.53 -9.63
C LEU B 179 13.97 32.97 -10.19
N ASN B 180 14.03 34.18 -10.78
CA ASN B 180 15.29 34.67 -11.30
C ASN B 180 16.31 34.86 -10.19
N LEU B 181 15.88 35.38 -9.04
CA LEU B 181 16.78 35.55 -7.90
C LEU B 181 17.30 34.22 -7.41
N ILE B 182 16.43 33.21 -7.35
CA ILE B 182 16.86 31.87 -6.94
C ILE B 182 17.88 31.32 -7.94
N LYS B 183 17.61 31.49 -9.23
CA LYS B 183 18.49 30.96 -10.26
C LYS B 183 19.85 31.63 -10.25
N ALA B 184 19.89 32.93 -9.99
CA ALA B 184 21.13 33.69 -10.17
C ALA B 184 22.22 33.29 -9.20
N CYS B 185 21.87 32.83 -8.00
CA CYS B 185 22.88 32.58 -6.97
C CYS B 185 23.76 31.41 -7.39
N PRO B 186 25.08 31.52 -7.17
CA PRO B 186 26.00 30.40 -7.46
C PRO B 186 26.34 29.52 -6.27
N ARG B 187 25.75 29.75 -5.11
CA ARG B 187 26.11 29.00 -3.92
C ARG B 187 25.70 27.53 -4.08
N PRO B 188 26.56 26.59 -3.71
CA PRO B 188 26.19 25.17 -3.83
C PRO B 188 24.97 24.78 -2.99
N GLU B 189 24.77 25.43 -1.84
CA GLU B 189 23.61 25.14 -1.00
C GLU B 189 22.40 25.99 -1.36
N GLY B 190 22.53 26.91 -2.32
CA GLY B 190 21.43 27.76 -2.69
C GLY B 190 21.22 28.91 -1.72
N LEU B 191 20.18 29.69 -2.01
CA LEU B 191 19.87 30.86 -1.20
C LEU B 191 19.07 30.45 0.05
N ASN B 192 18.99 31.39 0.98
CA ASN B 192 18.14 31.28 2.17
C ASN B 192 17.16 32.45 2.17
N PHE B 193 16.32 32.48 3.21
CA PHE B 193 15.30 33.52 3.28
C PHE B 193 15.89 34.90 3.50
N GLN B 194 17.00 35.00 4.22
CA GLN B 194 17.58 36.30 4.53
C GLN B 194 17.99 37.04 3.25
N ASP B 195 18.67 36.34 2.35
CA ASP B 195 19.06 36.96 1.08
C ASP B 195 17.85 37.34 0.24
N LEU B 196 16.82 36.47 0.23
CA LEU B 196 15.62 36.78 -0.53
C LEU B 196 14.95 38.05 -0.02
N LYS B 197 14.84 38.19 1.30
CA LYS B 197 14.26 39.41 1.86
C LYS B 197 15.14 40.62 1.57
N ASN B 198 16.47 40.46 1.66
CA ASN B 198 17.36 41.59 1.42
C ASN B 198 17.28 42.09 -0.01
N GLN B 199 17.23 41.18 -0.98
CA GLN B 199 17.25 41.59 -2.38
C GLN B 199 15.95 42.26 -2.79
N LEU B 200 14.83 41.79 -2.24
CA LEU B 200 13.50 42.30 -2.61
C LEU B 200 12.95 43.11 -1.44
N LYS B 201 13.02 44.43 -1.57
CA LYS B 201 12.46 45.35 -0.58
C LYS B 201 11.14 45.97 -1.03
N HIS B 202 10.61 45.56 -2.18
CA HIS B 202 9.40 46.14 -2.74
C HIS B 202 8.14 45.37 -2.38
N MET B 203 8.25 44.30 -1.61
CA MET B 203 7.09 43.48 -1.28
C MET B 203 7.29 42.83 0.07
N SER B 204 6.18 42.42 0.68
CA SER B 204 6.16 41.94 2.05
C SER B 204 6.71 40.52 2.14
N VAL B 205 6.96 40.09 3.38
CA VAL B 205 7.48 38.74 3.63
C VAL B 205 6.42 37.69 3.30
N SER B 206 5.15 37.99 3.57
CA SER B 206 4.10 37.02 3.30
C SER B 206 3.99 36.72 1.81
N SER B 207 4.16 37.73 0.97
CA SER B 207 4.19 37.49 -0.47
C SER B 207 5.35 36.58 -0.86
N ILE B 208 6.51 36.78 -0.23
CA ILE B 208 7.65 35.90 -0.45
C ILE B 208 7.28 34.46 -0.10
N LYS B 209 6.64 34.27 1.06
CA LYS B 209 6.28 32.93 1.48
C LYS B 209 5.29 32.29 0.51
N GLN B 210 4.28 33.05 0.08
CA GLN B 210 3.29 32.49 -0.85
C GLN B 210 3.94 32.12 -2.19
N ALA B 211 4.79 33.01 -2.73
CA ALA B 211 5.46 32.71 -3.99
C ALA B 211 6.36 31.50 -3.87
N VAL B 212 7.10 31.39 -2.77
CA VAL B 212 7.97 30.24 -2.56
C VAL B 212 7.16 28.96 -2.47
N ASP B 213 6.04 29.00 -1.74
CA ASP B 213 5.20 27.82 -1.58
C ASP B 213 4.67 27.38 -2.93
N PHE B 214 4.18 28.32 -3.74
CA PHE B 214 3.64 27.97 -5.05
C PHE B 214 4.74 27.40 -5.96
N LEU B 215 5.91 28.03 -5.96
CA LEU B 215 7.00 27.55 -6.81
C LEU B 215 7.45 26.15 -6.41
N SER B 216 7.52 25.88 -5.10
CA SER B 216 7.90 24.54 -4.65
C SER B 216 6.82 23.53 -4.99
N ASN B 217 5.54 23.93 -4.91
CA ASN B 217 4.47 23.02 -5.30
C ASN B 217 4.55 22.66 -6.77
N GLU B 218 4.85 23.63 -7.62
CA GLU B 218 4.93 23.36 -9.05
C GLU B 218 6.22 22.66 -9.47
N GLY B 219 7.17 22.50 -8.56
CA GLY B 219 8.40 21.79 -8.86
C GLY B 219 9.50 22.61 -9.49
N HIS B 220 9.34 23.93 -9.57
CA HIS B 220 10.38 24.77 -10.17
C HIS B 220 11.61 24.87 -9.28
N ILE B 221 11.44 24.72 -7.96
CA ILE B 221 12.54 24.80 -7.00
C ILE B 221 12.42 23.63 -6.04
N TYR B 222 13.52 23.36 -5.35
CA TYR B 222 13.51 22.30 -4.35
C TYR B 222 14.47 22.65 -3.23
N SER B 223 14.18 22.13 -2.03
CA SER B 223 15.02 22.38 -0.87
C SER B 223 16.20 21.44 -0.86
N THR B 224 17.35 21.93 -0.38
CA THR B 224 18.59 21.17 -0.40
C THR B 224 18.92 20.54 0.95
N VAL B 225 19.02 21.35 2.01
CA VAL B 225 19.42 20.84 3.32
C VAL B 225 18.32 21.08 4.33
N ASP B 226 17.97 22.34 4.54
CA ASP B 226 16.92 22.73 5.47
C ASP B 226 15.75 23.34 4.71
N ASP B 227 14.67 23.60 5.44
CA ASP B 227 13.46 24.15 4.83
C ASP B 227 13.66 25.58 4.35
N ASP B 228 14.71 26.26 4.81
CA ASP B 228 14.96 27.64 4.40
C ASP B 228 15.91 27.75 3.22
N HIS B 229 16.50 26.63 2.77
CA HIS B 229 17.40 26.64 1.63
C HIS B 229 16.66 26.13 0.40
N PHE B 230 16.90 26.77 -0.74
CA PHE B 230 16.20 26.44 -1.97
C PHE B 230 17.18 26.50 -3.15
N LYS B 231 16.81 25.83 -4.24
CA LYS B 231 17.61 25.85 -5.44
C LYS B 231 16.74 25.46 -6.62
N SER B 232 16.90 26.15 -7.74
CA SER B 232 16.15 25.83 -8.95
C SER B 232 16.59 24.48 -9.52
N THR B 233 15.66 23.81 -10.20
CA THR B 233 15.92 22.47 -10.72
C THR B 233 16.50 22.47 -12.12
N ASP B 234 16.15 23.47 -12.95
CA ASP B 234 16.63 23.47 -14.33
C ASP B 234 18.07 23.96 -14.42
N ALA B 235 18.32 25.18 -13.97
CA ALA B 235 19.66 25.80 -14.03
C ALA B 235 20.21 25.81 -15.44
N SER C 1 -9.14 49.48 38.68
CA SER C 1 -10.35 49.06 39.38
C SER C 1 -10.97 47.82 38.72
N ASN C 2 -12.30 47.77 38.67
CA ASN C 2 -12.98 46.61 38.12
C ASN C 2 -12.65 46.41 36.64
N THR C 3 -12.38 45.17 36.28
CA THR C 3 -12.07 44.84 34.89
C THR C 3 -13.34 44.92 34.04
N ASN C 4 -13.23 45.58 32.89
CA ASN C 4 -14.33 45.65 31.94
C ASN C 4 -14.39 44.33 31.18
N TRP C 5 -15.06 43.36 31.79
CA TRP C 5 -15.20 42.04 31.18
C TRP C 5 -16.01 42.13 29.90
N LYS C 6 -15.38 41.79 28.77
CA LYS C 6 -16.03 41.89 27.47
C LYS C 6 -15.58 40.74 26.59
N THR C 7 -16.55 40.07 25.96
CA THR C 7 -16.24 39.03 24.99
C THR C 7 -15.65 39.67 23.73
N LEU C 8 -14.68 38.98 23.12
CA LEU C 8 -14.00 39.54 21.95
C LEU C 8 -14.97 39.87 20.83
N TYR C 9 -16.07 39.13 20.72
CA TYR C 9 -17.08 39.46 19.72
C TYR C 9 -17.66 40.85 19.98
N GLU C 10 -17.98 41.15 21.24
CA GLU C 10 -18.46 42.48 21.60
C GLU C 10 -17.37 43.52 21.37
N VAL C 11 -16.11 43.16 21.61
CA VAL C 11 -15.01 44.09 21.42
C VAL C 11 -14.91 44.50 19.96
N LYS C 12 -14.99 43.53 19.05
CA LYS C 12 -14.93 43.85 17.63
C LYS C 12 -16.22 44.48 17.13
N SER C 13 -17.36 44.22 17.78
CA SER C 13 -18.61 44.80 17.31
C SER C 13 -18.71 46.28 17.66
N GLU C 14 -18.32 46.66 18.89
CA GLU C 14 -18.48 48.05 19.26
C GLU C 14 -17.34 48.91 18.68
N ASN C 15 -16.33 48.27 18.10
CA ASN C 15 -15.12 48.90 17.58
C ASN C 15 -14.30 49.56 18.69
N LEU C 16 -13.83 48.75 19.65
CA LEU C 16 -12.89 49.25 20.64
C LEU C 16 -11.60 49.71 19.97
N GLY C 17 -11.02 50.77 20.51
CA GLY C 17 -9.73 51.25 20.05
C GLY C 17 -9.74 52.12 18.82
N GLN C 18 -10.91 52.40 18.25
CA GLN C 18 -10.98 53.28 17.09
C GLN C 18 -10.90 54.75 17.45
N GLY C 19 -11.00 55.09 18.73
CA GLY C 19 -10.89 56.46 19.17
C GLY C 19 -9.44 56.92 19.23
N ASP C 20 -9.27 58.19 19.61
CA ASP C 20 -7.95 58.79 19.69
C ASP C 20 -7.11 58.23 20.83
N LYS C 21 -7.71 57.46 21.74
CA LYS C 21 -6.99 56.88 22.85
C LYS C 21 -7.27 55.39 22.92
N PRO C 22 -6.30 54.60 23.41
CA PRO C 22 -6.50 53.15 23.50
C PRO C 22 -7.45 52.80 24.62
N ASP C 23 -8.02 51.60 24.52
CA ASP C 23 -8.99 51.11 25.48
C ASP C 23 -8.44 49.88 26.19
N TYR C 24 -8.80 49.71 27.46
CA TYR C 24 -8.22 48.67 28.30
C TYR C 24 -9.31 47.74 28.80
N PHE C 25 -9.08 46.43 28.65
CA PHE C 25 -10.02 45.46 29.22
C PHE C 25 -9.28 44.13 29.38
N SER C 26 -9.83 43.27 30.23
CA SER C 26 -9.16 42.01 30.54
C SER C 26 -10.14 40.86 30.47
N SER C 27 -9.62 39.68 30.14
CA SER C 27 -10.48 38.52 29.92
C SER C 27 -9.68 37.25 30.15
N VAL C 28 -10.41 36.16 30.38
CA VAL C 28 -9.83 34.82 30.53
C VAL C 28 -9.97 34.08 29.21
N ALA C 29 -8.91 33.38 28.81
CA ALA C 29 -8.92 32.63 27.56
C ALA C 29 -7.85 31.55 27.61
N THR C 30 -7.83 30.72 26.57
CA THR C 30 -6.89 29.61 26.44
C THR C 30 -6.07 29.80 25.18
N VAL C 31 -4.75 29.61 25.31
CA VAL C 31 -3.85 29.75 24.16
C VAL C 31 -4.08 28.58 23.21
N VAL C 32 -4.15 28.89 21.91
CA VAL C 32 -4.38 27.86 20.90
C VAL C 32 -3.18 27.73 19.98
N TYR C 33 -2.40 28.80 19.84
CA TYR C 33 -1.27 28.74 18.92
C TYR C 33 -0.25 29.81 19.28
N LEU C 34 1.02 29.48 19.05
CA LEU C 34 2.13 30.40 19.27
C LEU C 34 3.10 30.28 18.11
N ARG C 35 3.83 31.37 17.87
CA ARG C 35 4.78 31.45 16.76
C ARG C 35 6.20 31.40 17.32
N LYS C 36 6.96 30.38 16.92
CA LYS C 36 8.34 30.24 17.34
C LYS C 36 9.32 30.94 16.41
N GLU C 37 8.86 31.44 15.27
CA GLU C 37 9.72 32.09 14.30
C GLU C 37 9.87 33.56 14.64
N ASN C 38 11.11 34.06 14.54
CA ASN C 38 11.46 35.45 14.83
C ASN C 38 11.12 35.85 16.26
N CYS C 39 10.96 34.88 17.15
CA CYS C 39 10.58 35.16 18.52
C CYS C 39 11.75 35.67 19.37
N MET C 40 12.98 35.44 18.95
CA MET C 40 14.15 35.80 19.73
C MET C 40 14.94 36.89 19.02
N TYR C 41 15.39 37.88 19.79
CA TYR C 41 16.18 38.97 19.23
C TYR C 41 17.16 39.46 20.29
N GLN C 42 18.18 40.18 19.82
CA GLN C 42 19.23 40.71 20.69
C GLN C 42 18.91 42.16 21.02
N ALA C 43 18.79 42.47 22.31
CA ALA C 43 18.50 43.82 22.75
C ALA C 43 19.78 44.48 23.26
N CYS C 44 19.69 45.78 23.49
CA CYS C 44 20.84 46.54 23.95
C CYS C 44 21.18 46.16 25.39
N PRO C 45 22.42 45.76 25.67
CA PRO C 45 22.76 45.37 27.04
C PRO C 45 22.79 46.53 28.03
N THR C 46 22.75 47.76 27.56
CA THR C 46 22.71 48.91 28.47
C THR C 46 21.45 48.87 29.31
N GLN C 47 21.59 49.23 30.58
CA GLN C 47 20.47 49.17 31.51
C GLN C 47 19.36 50.10 31.07
N ASP C 48 18.11 49.63 31.22
CA ASP C 48 16.91 50.37 30.84
C ASP C 48 16.89 50.72 29.36
N CYS C 49 17.64 49.99 28.54
CA CYS C 49 17.67 50.18 27.10
C CYS C 49 17.31 48.85 26.44
N ASN C 50 16.37 48.90 25.50
CA ASN C 50 15.86 47.69 24.85
C ASN C 50 15.81 47.85 23.34
N LYS C 51 16.66 48.71 22.78
CA LYS C 51 16.71 48.86 21.34
C LYS C 51 17.43 47.68 20.70
N LYS C 52 16.96 47.28 19.52
CA LYS C 52 17.56 46.14 18.83
C LYS C 52 18.93 46.52 18.29
N VAL C 53 19.96 45.80 18.72
CA VAL C 53 21.32 46.06 18.30
C VAL C 53 21.55 45.49 16.90
N ILE C 54 22.63 45.90 16.25
CA ILE C 54 22.96 45.45 14.90
C ILE C 54 24.32 44.75 14.95
N ASP C 55 24.36 43.52 14.43
CA ASP C 55 25.60 42.76 14.39
C ASP C 55 26.51 43.31 13.30
N GLN C 56 27.78 43.53 13.64
CA GLN C 56 28.76 44.07 12.70
C GLN C 56 29.71 42.99 12.17
N GLN C 57 29.37 41.71 12.36
CA GLN C 57 30.18 40.59 11.88
C GLN C 57 31.62 40.67 12.37
N ASN C 58 31.79 41.14 13.61
CA ASN C 58 33.12 41.23 14.20
C ASN C 58 33.11 40.82 15.68
N GLY C 59 31.98 40.36 16.20
CA GLY C 59 31.86 40.05 17.61
C GLY C 59 31.53 41.23 18.49
N LEU C 60 31.46 42.43 17.93
CA LEU C 60 31.14 43.64 18.67
C LEU C 60 29.90 44.27 18.05
N TYR C 61 28.88 44.49 18.86
CA TYR C 61 27.57 44.95 18.40
C TYR C 61 27.36 46.39 18.82
N ARG C 62 26.98 47.24 17.87
CA ARG C 62 26.85 48.67 18.11
C ARG C 62 25.38 49.04 18.18
N CYS C 63 25.00 49.74 19.24
CA CYS C 63 23.63 50.18 19.47
C CYS C 63 23.49 51.64 19.04
N GLU C 64 22.46 51.89 18.23
CA GLU C 64 22.20 53.21 17.65
C GLU C 64 21.56 54.16 18.65
N LYS C 65 20.79 53.65 19.62
CA LYS C 65 20.15 54.54 20.59
C LYS C 65 21.19 55.15 21.52
N CYS C 66 22.08 54.33 22.05
CA CYS C 66 23.14 54.83 22.93
C CYS C 66 24.38 55.25 22.18
N ASP C 67 24.44 55.00 20.86
CA ASP C 67 25.63 55.26 20.05
C ASP C 67 26.85 54.54 20.60
N THR C 68 26.66 53.33 21.14
CA THR C 68 27.74 52.67 21.87
C THR C 68 27.87 51.21 21.45
N GLU C 69 29.10 50.72 21.45
CA GLU C 69 29.40 49.37 21.01
C GLU C 69 29.77 48.51 22.21
N PHE C 70 29.20 47.31 22.26
CA PHE C 70 29.40 46.36 23.34
C PHE C 70 29.72 44.99 22.77
N PRO C 71 30.56 44.21 23.46
CA PRO C 71 30.91 42.87 22.98
C PRO C 71 29.90 41.79 23.33
N ASN C 72 28.86 42.13 24.09
CA ASN C 72 27.86 41.16 24.52
C ASN C 72 26.47 41.76 24.34
N PHE C 73 25.47 40.89 24.37
CA PHE C 73 24.09 41.30 24.22
C PHE C 73 23.22 40.55 25.21
N LYS C 74 22.01 41.08 25.43
CA LYS C 74 21.03 40.45 26.29
C LYS C 74 19.83 40.04 25.46
N TYR C 75 19.39 38.80 25.66
CA TYR C 75 18.19 38.32 24.98
C TYR C 75 16.95 38.95 25.60
N ARG C 76 15.98 39.31 24.76
CA ARG C 76 14.72 39.88 25.22
C ARG C 76 13.56 39.18 24.53
N MET C 77 12.54 38.84 25.31
CA MET C 77 11.42 38.05 24.83
C MET C 77 10.43 38.92 24.07
N ILE C 78 10.16 38.54 22.81
CA ILE C 78 9.09 39.13 22.02
C ILE C 78 8.29 37.99 21.39
N LEU C 79 6.97 38.03 21.53
CA LEU C 79 6.15 36.89 21.15
C LEU C 79 4.81 37.37 20.61
N SER C 80 4.27 36.62 19.65
CA SER C 80 2.91 36.79 19.16
C SER C 80 2.13 35.51 19.44
N VAL C 81 0.98 35.66 20.10
CA VAL C 81 0.17 34.53 20.53
C VAL C 81 -1.23 34.67 19.95
N ASN C 82 -1.87 33.54 19.72
CA ASN C 82 -3.24 33.48 19.24
C ASN C 82 -4.14 33.17 20.42
N ILE C 83 -4.90 34.16 20.88
CA ILE C 83 -5.83 33.97 21.97
C ILE C 83 -7.17 33.57 21.38
N ALA C 84 -7.94 32.80 22.13
CA ALA C 84 -9.21 32.29 21.62
C ALA C 84 -10.13 31.94 22.77
N ASP C 85 -11.41 32.26 22.61
CA ASP C 85 -12.44 31.89 23.57
C ASP C 85 -13.60 31.20 22.89
N PHE C 86 -14.71 31.01 23.62
CA PHE C 86 -15.81 30.20 23.12
C PHE C 86 -16.48 30.81 21.88
N GLN C 87 -16.26 32.09 21.61
CA GLN C 87 -16.96 32.78 20.52
C GLN C 87 -16.04 33.21 19.39
N GLU C 88 -14.92 33.86 19.70
CA GLU C 88 -14.05 34.42 18.68
C GLU C 88 -12.60 34.24 19.09
N ASN C 89 -11.69 34.70 18.23
CA ASN C 89 -10.25 34.62 18.47
C ASN C 89 -9.60 35.93 18.08
N GLN C 90 -8.40 36.16 18.62
CA GLN C 90 -7.69 37.41 18.42
C GLN C 90 -6.19 37.13 18.43
N TRP C 91 -5.43 38.05 17.84
CA TRP C 91 -3.97 37.97 17.80
C TRP C 91 -3.38 39.03 18.72
N VAL C 92 -2.51 38.61 19.65
CA VAL C 92 -1.96 39.53 20.64
C VAL C 92 -0.43 39.40 20.63
N THR C 93 0.23 40.46 21.10
CA THR C 93 1.68 40.50 21.21
C THR C 93 2.08 40.74 22.67
N CYS C 94 3.10 40.02 23.12
CA CYS C 94 3.58 40.03 24.49
C CYS C 94 4.93 40.74 24.59
N PHE C 95 5.53 40.68 25.77
CA PHE C 95 6.83 41.29 26.02
C PHE C 95 7.62 40.38 26.95
N GLN C 96 8.69 40.94 27.54
CA GLN C 96 9.59 40.14 28.36
C GLN C 96 8.87 39.49 29.53
N GLU C 97 8.33 40.31 30.44
CA GLU C 97 7.77 39.77 31.67
C GLU C 97 6.54 38.90 31.43
N SER C 98 5.68 39.26 30.48
CA SER C 98 4.45 38.51 30.26
C SER C 98 4.73 37.16 29.60
N ALA C 99 5.56 37.14 28.55
CA ALA C 99 5.94 35.88 27.93
C ALA C 99 6.76 35.02 28.88
N GLU C 100 7.59 35.64 29.73
CA GLU C 100 8.36 34.87 30.69
C GLU C 100 7.46 34.23 31.73
N ALA C 101 6.43 34.96 32.18
CA ALA C 101 5.46 34.37 33.09
C ALA C 101 4.68 33.25 32.41
N ILE C 102 4.30 33.44 31.14
CA ILE C 102 3.51 32.43 30.44
C ILE C 102 4.31 31.15 30.26
N LEU C 103 5.55 31.27 29.77
CA LEU C 103 6.36 30.09 29.51
C LEU C 103 6.94 29.51 30.79
N GLY C 104 7.30 30.38 31.75
CA GLY C 104 7.82 29.93 33.02
C GLY C 104 9.33 29.79 33.08
N GLN C 105 10.06 30.21 32.05
CA GLN C 105 11.51 30.10 32.04
C GLN C 105 12.11 31.43 31.59
N ASN C 106 13.20 31.84 32.24
CA ASN C 106 13.83 33.12 31.93
C ASN C 106 14.56 33.04 30.59
N ALA C 107 14.73 34.21 29.97
CA ALA C 107 15.25 34.26 28.60
C ALA C 107 16.67 33.71 28.52
N ALA C 108 17.52 34.01 29.51
CA ALA C 108 18.89 33.52 29.49
C ALA C 108 18.92 31.99 29.51
N TYR C 109 17.96 31.37 30.18
CA TYR C 109 17.85 29.91 30.14
C TYR C 109 17.58 29.44 28.73
N LEU C 110 16.59 30.05 28.06
CA LEU C 110 16.32 29.71 26.67
C LEU C 110 17.49 30.01 25.76
N GLY C 111 18.42 30.87 26.19
CA GLY C 111 19.58 31.17 25.38
C GLY C 111 20.48 29.98 25.11
N GLU C 112 20.36 28.92 25.91
CA GLU C 112 21.22 27.75 25.78
C GLU C 112 20.64 26.68 24.86
N LEU C 113 19.35 26.35 25.04
CA LEU C 113 18.77 25.23 24.30
C LEU C 113 18.71 25.50 22.80
N LYS C 114 18.41 26.75 22.40
CA LYS C 114 18.38 27.02 20.97
C LYS C 114 19.75 26.84 20.32
N ASP C 115 20.81 26.79 21.12
CA ASP C 115 22.15 26.56 20.61
C ASP C 115 22.64 25.13 20.81
N LYS C 116 22.09 24.39 21.79
CA LYS C 116 22.65 23.07 22.11
C LYS C 116 21.60 21.96 22.09
N ASN C 117 20.34 22.27 22.41
CA ASN C 117 19.29 21.25 22.49
C ASN C 117 18.00 21.83 21.91
N GLU C 118 17.79 21.61 20.61
CA GLU C 118 16.57 22.09 19.97
C GLU C 118 15.35 21.29 20.43
N GLN C 119 15.53 19.99 20.69
CA GLN C 119 14.40 19.16 21.10
C GLN C 119 13.83 19.64 22.43
N ALA C 120 14.69 19.99 23.38
CA ALA C 120 14.20 20.47 24.66
C ALA C 120 13.50 21.81 24.51
N PHE C 121 14.01 22.67 23.63
CA PHE C 121 13.34 23.94 23.36
C PHE C 121 11.93 23.72 22.80
N GLU C 122 11.81 22.80 21.85
CA GLU C 122 10.50 22.47 21.28
C GLU C 122 9.58 21.88 22.35
N GLU C 123 10.13 21.04 23.22
CA GLU C 123 9.32 20.48 24.30
C GLU C 123 8.83 21.56 25.25
N VAL C 124 9.69 22.53 25.58
CA VAL C 124 9.30 23.62 26.45
C VAL C 124 8.17 24.43 25.83
N PHE C 125 8.29 24.73 24.53
CA PHE C 125 7.17 25.39 23.85
C PHE C 125 5.91 24.52 23.87
N GLN C 126 6.08 23.20 23.71
CA GLN C 126 4.93 22.32 23.57
C GLN C 126 4.13 22.22 24.87
N ASN C 127 4.82 22.01 26.00
CA ASN C 127 4.08 21.73 27.23
C ASN C 127 3.29 22.91 27.75
N ALA C 128 3.53 24.11 27.23
CA ALA C 128 2.81 25.31 27.64
C ALA C 128 1.60 25.59 26.77
N ASN C 129 1.26 24.69 25.85
CA ASN C 129 0.14 24.89 24.95
C ASN C 129 -1.17 24.56 25.68
N PHE C 130 -2.26 25.16 25.20
CA PHE C 130 -3.61 24.90 25.70
C PHE C 130 -3.72 25.20 27.20
N ARG C 131 -3.15 26.33 27.61
CA ARG C 131 -3.26 26.82 28.97
C ARG C 131 -4.19 28.02 29.02
N SER C 132 -4.82 28.23 30.17
CA SER C 132 -5.82 29.28 30.34
C SER C 132 -5.32 30.29 31.37
N PHE C 133 -5.49 31.57 31.06
CA PHE C 133 -5.04 32.65 31.94
C PHE C 133 -5.99 33.83 31.83
N ILE C 134 -5.72 34.86 32.63
CA ILE C 134 -6.42 36.14 32.57
C ILE C 134 -5.44 37.16 32.05
N PHE C 135 -5.74 37.75 30.90
CA PHE C 135 -4.86 38.69 30.23
C PHE C 135 -5.54 40.06 30.22
N ARG C 136 -4.79 41.08 30.65
CA ARG C 136 -5.19 42.47 30.41
C ARG C 136 -4.66 42.91 29.05
N VAL C 137 -5.55 43.33 28.17
CA VAL C 137 -5.22 43.72 26.81
C VAL C 137 -5.67 45.17 26.58
N ARG C 138 -4.78 45.95 25.98
CA ARG C 138 -5.06 47.30 25.54
C ARG C 138 -5.13 47.31 24.02
N VAL C 139 -6.18 47.92 23.47
CA VAL C 139 -6.47 47.91 22.04
C VAL C 139 -6.40 49.34 21.53
N LYS C 140 -5.74 49.51 20.39
CA LYS C 140 -5.71 50.77 19.66
C LYS C 140 -5.56 50.45 18.18
N VAL C 141 -6.08 51.34 17.34
CA VAL C 141 -6.13 51.13 15.89
C VAL C 141 -5.25 52.17 15.22
N GLU C 142 -4.21 51.69 14.53
CA GLU C 142 -3.32 52.54 13.75
C GLU C 142 -3.43 52.20 12.27
N THR C 143 -3.29 53.21 11.43
CA THR C 143 -3.36 53.05 9.99
C THR C 143 -1.96 53.05 9.40
N TYR C 144 -1.71 52.12 8.49
CA TYR C 144 -0.41 52.00 7.82
C TYR C 144 -0.68 51.71 6.35
N ASN C 145 -0.36 52.68 5.48
CA ASN C 145 -0.53 52.55 4.04
C ASN C 145 -2.00 52.36 3.66
N ASP C 146 -2.88 53.08 4.36
CA ASP C 146 -4.29 53.24 3.98
C ASP C 146 -5.15 52.00 4.26
N GLU C 147 -4.78 51.19 5.25
CA GLU C 147 -5.69 50.21 5.82
C GLU C 147 -5.58 50.28 7.33
N SER C 148 -6.72 50.15 8.01
CA SER C 148 -6.78 50.23 9.46
C SER C 148 -6.60 48.83 10.04
N ARG C 149 -5.55 48.64 10.83
CA ARG C 149 -5.22 47.36 11.42
C ARG C 149 -5.34 47.45 12.93
N ILE C 150 -6.12 46.56 13.52
CA ILE C 150 -6.34 46.53 14.96
C ILE C 150 -5.21 45.73 15.60
N LYS C 151 -4.55 46.33 16.59
CA LYS C 151 -3.46 45.68 17.29
C LYS C 151 -3.82 45.50 18.76
N ALA C 152 -3.28 44.45 19.37
CA ALA C 152 -3.55 44.11 20.76
C ALA C 152 -2.23 44.00 21.52
N THR C 153 -2.16 44.67 22.67
CA THR C 153 -0.98 44.64 23.53
C THR C 153 -1.40 44.18 24.92
N VAL C 154 -0.66 43.22 25.48
CA VAL C 154 -0.96 42.66 26.78
C VAL C 154 0.15 43.04 27.74
N MET C 155 -0.22 43.55 28.91
CA MET C 155 0.74 43.98 29.91
C MET C 155 0.68 43.19 31.21
N ASP C 156 -0.31 42.31 31.39
CA ASP C 156 -0.40 41.55 32.62
C ASP C 156 -1.14 40.25 32.35
N VAL C 157 -0.59 39.16 32.89
CA VAL C 157 -1.18 37.82 32.79
C VAL C 157 -1.21 37.22 34.19
N LYS C 158 -2.33 36.57 34.53
CA LYS C 158 -2.50 36.03 35.86
C LYS C 158 -3.17 34.66 35.79
N PRO C 159 -2.94 33.80 36.78
CA PRO C 159 -3.66 32.52 36.82
C PRO C 159 -5.15 32.72 37.03
N VAL C 160 -5.94 31.78 36.51
CA VAL C 160 -7.39 31.91 36.56
C VAL C 160 -7.90 31.64 37.97
N ASP C 161 -8.86 32.45 38.41
CA ASP C 161 -9.57 32.24 39.66
C ASP C 161 -10.97 31.71 39.36
N TYR C 162 -11.53 31.00 40.34
CA TYR C 162 -12.81 30.32 40.15
C TYR C 162 -13.96 30.93 40.94
N ARG C 163 -13.70 31.45 42.14
CA ARG C 163 -14.78 31.96 42.98
C ARG C 163 -15.48 33.15 42.33
N GLU C 164 -14.75 34.26 42.15
CA GLU C 164 -15.37 35.44 41.56
C GLU C 164 -15.76 35.22 40.12
N TYR C 165 -15.01 34.39 39.39
CA TYR C 165 -15.38 34.08 38.02
C TYR C 165 -16.71 33.35 37.97
N GLY C 166 -16.89 32.37 38.86
CA GLY C 166 -18.17 31.67 38.92
C GLY C 166 -19.30 32.57 39.35
N ARG C 167 -19.04 33.46 40.32
CA ARG C 167 -20.06 34.42 40.72
C ARG C 167 -20.46 35.32 39.58
N ARG C 168 -19.47 35.80 38.80
CA ARG C 168 -19.77 36.64 37.66
C ARG C 168 -20.56 35.89 36.60
N LEU C 169 -20.23 34.62 36.36
CA LEU C 169 -20.97 33.83 35.39
C LEU C 169 -22.41 33.62 35.85
N VAL C 170 -22.61 33.36 37.14
CA VAL C 170 -23.97 33.22 37.66
C VAL C 170 -24.73 34.52 37.51
N MET C 171 -24.08 35.65 37.82
CA MET C 171 -24.74 36.94 37.68
C MET C 171 -25.13 37.19 36.22
N SER C 172 -24.24 36.90 35.28
CA SER C 172 -24.53 37.13 33.88
C SER C 172 -25.66 36.23 33.38
N ILE C 173 -25.68 34.96 33.79
CA ILE C 173 -26.73 34.08 33.33
C ILE C 173 -28.08 34.48 33.94
N ARG C 174 -28.07 34.93 35.20
CA ARG C 174 -29.28 35.47 35.80
C ARG C 174 -29.77 36.69 35.03
N ARG C 175 -28.85 37.58 34.66
CA ARG C 175 -29.22 38.79 33.93
C ARG C 175 -29.81 38.43 32.57
N SER C 176 -29.19 37.49 31.86
CA SER C 176 -29.72 37.08 30.56
C SER C 176 -31.04 36.32 30.69
N ALA C 177 -31.33 35.77 31.86
CA ALA C 177 -32.61 35.10 32.07
C ALA C 177 -33.78 36.07 31.89
N LEU C 178 -33.66 37.28 32.44
CA LEU C 178 -34.71 38.28 32.25
C LEU C 178 -34.84 38.67 30.79
N MET C 179 -33.73 38.87 30.10
CA MET C 179 -33.75 39.25 28.70
C MET C 179 -34.07 38.04 27.82
N GLU E 3 -15.53 23.34 -18.64
CA GLU E 3 -16.67 22.48 -18.91
C GLU E 3 -17.37 22.87 -20.21
N GLU E 4 -17.37 21.95 -21.17
CA GLU E 4 -18.03 22.20 -22.46
C GLU E 4 -18.54 20.87 -23.00
N GLN E 5 -19.82 20.59 -22.73
CA GLN E 5 -20.51 19.41 -23.24
C GLN E 5 -19.83 18.10 -22.86
N VAL E 6 -19.01 17.55 -23.75
CA VAL E 6 -18.42 16.24 -23.58
C VAL E 6 -16.96 16.39 -23.20
N PHE E 7 -16.35 15.27 -22.78
CA PHE E 7 -14.94 15.29 -22.39
C PHE E 7 -14.35 13.92 -22.67
N HIS E 8 -13.44 13.83 -23.64
CA HIS E 8 -12.86 12.56 -24.06
C HIS E 8 -11.49 12.36 -23.45
N PHE E 9 -11.21 11.13 -23.00
CA PHE E 9 -9.89 10.82 -22.47
C PHE E 9 -9.66 9.32 -22.51
N TYR E 10 -8.39 8.93 -22.41
CA TYR E 10 -7.98 7.53 -22.54
C TYR E 10 -7.39 7.08 -21.21
N TRP E 11 -8.12 6.21 -20.50
CA TRP E 11 -7.74 5.80 -19.16
C TRP E 11 -6.73 4.65 -19.20
N LEU E 12 -5.86 4.62 -18.19
CA LEU E 12 -4.83 3.58 -18.07
C LEU E 12 -4.94 2.81 -16.75
N ASP E 13 -5.09 3.51 -15.62
CA ASP E 13 -5.07 2.87 -14.31
C ASP E 13 -6.22 3.41 -13.47
N ALA E 14 -6.62 2.61 -12.48
CA ALA E 14 -7.72 2.96 -11.58
C ALA E 14 -7.29 2.68 -10.14
N TYR E 15 -7.99 3.32 -9.21
CA TYR E 15 -7.68 3.19 -7.79
C TYR E 15 -8.92 3.56 -6.98
N GLU E 16 -9.05 2.94 -5.81
CA GLU E 16 -10.16 3.23 -4.91
C GLU E 16 -9.71 3.00 -3.47
N ASP E 17 -10.43 3.62 -2.55
CA ASP E 17 -10.17 3.47 -1.12
C ASP E 17 -11.51 3.34 -0.41
N GLN E 18 -11.81 2.14 0.09
CA GLN E 18 -13.10 1.86 0.69
C GLN E 18 -13.15 2.12 2.19
N TYR E 19 -12.05 2.60 2.78
CA TYR E 19 -12.01 2.86 4.22
C TYR E 19 -11.99 4.34 4.58
N ASN E 20 -11.62 5.22 3.66
CA ASN E 20 -11.59 6.65 3.92
C ASN E 20 -12.52 7.44 3.02
N GLN E 21 -12.62 7.07 1.74
CA GLN E 21 -13.51 7.74 0.78
C GLN E 21 -14.36 6.67 0.12
N PRO E 22 -15.36 6.14 0.82
CA PRO E 22 -16.17 5.06 0.24
C PRO E 22 -16.97 5.53 -0.96
N GLY E 23 -17.12 4.63 -1.93
CA GLY E 23 -17.97 4.90 -3.07
C GLY E 23 -17.37 5.77 -4.16
N VAL E 24 -16.07 6.03 -4.14
CA VAL E 24 -15.43 6.84 -5.17
C VAL E 24 -14.40 5.99 -5.90
N VAL E 25 -14.24 6.25 -7.19
CA VAL E 25 -13.29 5.54 -8.04
C VAL E 25 -12.49 6.57 -8.84
N PHE E 26 -11.17 6.45 -8.80
CA PHE E 26 -10.29 7.34 -9.54
C PHE E 26 -9.89 6.70 -10.86
N LEU E 27 -9.71 7.54 -11.88
CA LEU E 27 -9.21 7.13 -13.18
C LEU E 27 -8.12 8.09 -13.60
N PHE E 28 -6.98 7.56 -14.03
CA PHE E 28 -5.87 8.36 -14.51
C PHE E 28 -5.58 7.98 -15.95
N GLY E 29 -5.26 8.97 -16.77
CA GLY E 29 -5.03 8.70 -18.17
C GLY E 29 -4.49 9.89 -18.92
N LYS E 30 -4.67 9.86 -20.24
CA LYS E 30 -4.19 10.89 -21.13
C LYS E 30 -5.35 11.61 -21.81
N VAL E 31 -5.14 12.90 -22.11
CA VAL E 31 -6.11 13.72 -22.80
C VAL E 31 -5.38 14.56 -23.84
N TRP E 32 -6.00 14.75 -25.00
CA TRP E 32 -5.42 15.49 -26.11
C TRP E 32 -5.72 16.98 -25.95
N ILE E 33 -4.68 17.81 -26.09
CA ILE E 33 -4.82 19.26 -26.02
C ILE E 33 -4.54 19.81 -27.42
N GLU E 34 -5.48 20.55 -27.98
CA GLU E 34 -5.35 21.03 -29.34
C GLU E 34 -4.38 22.20 -29.45
N SER E 35 -4.32 23.06 -28.42
CA SER E 35 -3.48 24.25 -28.51
C SER E 35 -2.00 23.90 -28.64
N ALA E 36 -1.53 22.94 -27.85
CA ALA E 36 -0.13 22.56 -27.87
C ALA E 36 0.17 21.37 -28.77
N GLU E 37 -0.87 20.76 -29.36
CA GLU E 37 -0.71 19.61 -30.25
C GLU E 37 0.02 18.46 -29.55
N THR E 38 -0.44 18.14 -28.35
CA THR E 38 0.22 17.11 -27.55
C THR E 38 -0.77 16.53 -26.55
N HIS E 39 -0.38 15.41 -25.94
CA HIS E 39 -1.16 14.74 -24.93
C HIS E 39 -0.62 15.07 -23.54
N VAL E 40 -1.54 15.30 -22.59
CA VAL E 40 -1.17 15.59 -21.21
C VAL E 40 -1.95 14.69 -20.27
N SER E 41 -1.41 14.51 -19.06
CA SER E 41 -2.04 13.63 -18.10
C SER E 41 -3.32 14.24 -17.55
N CYS E 42 -4.23 13.38 -17.14
CA CYS E 42 -5.55 13.80 -16.68
C CYS E 42 -6.06 12.82 -15.63
N CYS E 43 -6.94 13.32 -14.76
CA CYS E 43 -7.51 12.55 -13.67
C CYS E 43 -9.00 12.84 -13.56
N VAL E 44 -9.81 11.79 -13.54
CA VAL E 44 -11.26 11.89 -13.43
C VAL E 44 -11.72 11.06 -12.25
N MET E 45 -12.52 11.67 -11.37
CA MET E 45 -12.94 11.02 -10.13
C MET E 45 -14.46 10.86 -10.14
N VAL E 46 -14.93 9.66 -9.79
CA VAL E 46 -16.34 9.30 -9.91
C VAL E 46 -16.88 9.00 -8.52
N LYS E 47 -18.04 9.57 -8.21
CA LYS E 47 -18.72 9.38 -6.93
C LYS E 47 -20.03 8.62 -7.13
N ASN E 48 -20.74 8.43 -6.02
CA ASN E 48 -22.10 7.90 -6.01
C ASN E 48 -22.19 6.52 -6.67
N ILE E 49 -21.50 5.56 -6.06
CA ILE E 49 -21.60 4.16 -6.43
C ILE E 49 -22.38 3.44 -5.34
N GLU E 50 -23.46 2.78 -5.72
CA GLU E 50 -24.40 2.18 -4.79
C GLU E 50 -24.20 0.68 -4.72
N ARG E 51 -24.43 0.11 -3.54
CA ARG E 51 -24.37 -1.33 -3.40
C ARG E 51 -25.56 -1.99 -4.09
N THR E 52 -25.41 -3.28 -4.38
CA THR E 52 -26.48 -4.06 -4.97
C THR E 52 -26.63 -5.36 -4.19
N LEU E 53 -27.85 -5.63 -3.74
CA LEU E 53 -28.15 -6.85 -3.00
C LEU E 53 -29.28 -7.59 -3.70
N TYR E 54 -29.22 -8.92 -3.67
CA TYR E 54 -30.27 -9.75 -4.24
C TYR E 54 -30.82 -10.65 -3.13
N PHE E 55 -32.13 -10.55 -2.90
CA PHE E 55 -32.82 -11.33 -1.87
C PHE E 55 -33.59 -12.45 -2.53
N LEU E 56 -33.47 -13.67 -1.97
CA LEU E 56 -34.09 -14.86 -2.54
C LEU E 56 -35.35 -15.20 -1.74
N PRO E 57 -36.54 -15.08 -2.32
CA PRO E 57 -37.76 -15.42 -1.58
C PRO E 57 -37.90 -16.91 -1.36
N ARG E 58 -38.64 -17.27 -0.32
CA ARG E 58 -38.96 -18.66 -0.03
C ARG E 58 -40.20 -19.09 -0.80
N GLU E 59 -40.66 -20.31 -0.52
CA GLU E 59 -41.94 -20.79 -1.00
C GLU E 59 -42.99 -20.90 0.09
N MET E 60 -42.58 -21.22 1.31
CA MET E 60 -43.46 -21.27 2.47
C MET E 60 -42.83 -20.44 3.59
N LYS E 61 -43.68 -19.81 4.38
CA LYS E 61 -43.19 -18.94 5.46
C LYS E 61 -42.84 -19.80 6.67
N ILE E 62 -41.56 -19.87 7.00
CA ILE E 62 -41.06 -20.64 8.13
C ILE E 62 -40.64 -19.67 9.22
N ASP E 63 -41.14 -19.90 10.44
CA ASP E 63 -40.73 -19.10 11.59
C ASP E 63 -39.39 -19.60 12.12
N LEU E 64 -38.51 -18.64 12.46
CA LEU E 64 -37.16 -19.00 12.89
C LEU E 64 -37.16 -19.77 14.20
N ASN E 65 -37.99 -19.36 15.16
CA ASN E 65 -37.94 -19.95 16.49
C ASN E 65 -38.30 -21.43 16.47
N THR E 66 -39.35 -21.80 15.71
CA THR E 66 -39.81 -23.18 15.67
C THR E 66 -39.24 -23.97 14.49
N GLY E 67 -38.87 -23.30 13.41
CA GLY E 67 -38.37 -24.00 12.24
C GLY E 67 -39.42 -24.79 11.49
N LYS E 68 -40.70 -24.46 11.65
CA LYS E 68 -41.79 -25.14 10.99
C LYS E 68 -42.51 -24.20 10.05
N GLU E 69 -43.28 -24.78 9.14
CA GLU E 69 -44.07 -24.01 8.18
C GLU E 69 -45.44 -23.71 8.78
N THR E 70 -45.89 -22.47 8.60
CA THR E 70 -47.16 -22.00 9.16
C THR E 70 -48.30 -22.08 8.16
N GLY E 71 -48.08 -22.66 6.99
CA GLY E 71 -49.13 -22.79 6.00
C GLY E 71 -49.63 -21.49 5.42
N THR E 72 -48.71 -20.58 5.09
CA THR E 72 -49.06 -19.28 4.54
C THR E 72 -48.28 -19.05 3.24
N PRO E 73 -48.96 -18.75 2.14
CA PRO E 73 -48.24 -18.48 0.88
C PRO E 73 -47.44 -17.18 0.97
N ILE E 74 -46.44 -17.09 0.11
CA ILE E 74 -45.52 -15.96 0.09
C ILE E 74 -45.75 -15.15 -1.17
N SER E 75 -45.30 -13.89 -1.13
CA SER E 75 -45.40 -13.00 -2.27
C SER E 75 -44.32 -11.93 -2.15
N MET E 76 -44.17 -11.13 -3.21
CA MET E 76 -43.16 -10.08 -3.20
C MET E 76 -43.47 -9.00 -2.17
N LYS E 77 -44.75 -8.71 -1.95
CA LYS E 77 -45.12 -7.70 -0.96
C LYS E 77 -44.67 -8.10 0.43
N ASP E 78 -44.78 -9.39 0.76
CA ASP E 78 -44.32 -9.86 2.06
C ASP E 78 -42.82 -9.66 2.21
N VAL E 79 -42.05 -9.94 1.17
CA VAL E 79 -40.60 -9.75 1.22
C VAL E 79 -40.27 -8.28 1.40
N TYR E 80 -40.97 -7.40 0.66
CA TYR E 80 -40.72 -5.97 0.81
C TYR E 80 -41.04 -5.50 2.23
N GLU E 81 -42.16 -5.96 2.79
CA GLU E 81 -42.52 -5.56 4.13
C GLU E 81 -41.52 -6.07 5.15
N GLU E 82 -41.04 -7.31 4.99
CA GLU E 82 -40.07 -7.85 5.93
C GLU E 82 -38.74 -7.10 5.84
N PHE E 83 -38.34 -6.70 4.63
CA PHE E 83 -37.12 -5.91 4.50
C PHE E 83 -37.26 -4.53 5.12
N ASP E 84 -38.40 -3.88 4.89
CA ASP E 84 -38.57 -2.51 5.37
C ASP E 84 -38.73 -2.45 6.88
N GLU E 85 -39.58 -3.33 7.44
CA GLU E 85 -39.93 -3.21 8.84
C GLU E 85 -38.80 -3.66 9.76
N LYS E 86 -38.15 -4.77 9.43
CA LYS E 86 -37.22 -5.42 10.34
C LYS E 86 -35.76 -5.07 10.06
N ILE E 87 -35.29 -5.35 8.84
CA ILE E 87 -33.87 -5.21 8.56
C ILE E 87 -33.47 -3.74 8.52
N ALA E 88 -34.28 -2.90 7.90
CA ALA E 88 -33.93 -1.49 7.74
C ALA E 88 -33.77 -0.80 9.08
N THR E 89 -34.70 -1.03 10.00
CA THR E 89 -34.61 -0.40 11.33
C THR E 89 -33.49 -1.02 12.15
N LYS E 90 -33.27 -2.33 12.00
CA LYS E 90 -32.26 -3.01 12.81
C LYS E 90 -30.86 -2.54 12.43
N TYR E 91 -30.56 -2.46 11.14
CA TYR E 91 -29.21 -2.16 10.67
C TYR E 91 -29.04 -0.71 10.25
N LYS E 92 -30.01 0.14 10.54
CA LYS E 92 -29.90 1.58 10.30
C LYS E 92 -29.67 1.90 8.82
N ILE E 93 -30.65 1.52 8.00
CA ILE E 93 -30.66 1.85 6.58
C ILE E 93 -31.81 2.81 6.34
N MET E 94 -31.50 3.99 5.80
CA MET E 94 -32.49 5.06 5.66
C MET E 94 -33.15 5.05 4.29
N LYS E 95 -32.36 5.22 3.24
CA LYS E 95 -32.87 5.35 1.87
C LYS E 95 -32.43 4.16 1.05
N PHE E 96 -33.34 3.68 0.19
CA PHE E 96 -33.06 2.54 -0.66
C PHE E 96 -34.04 2.52 -1.82
N LYS E 97 -33.68 1.75 -2.85
CA LYS E 97 -34.55 1.49 -3.98
C LYS E 97 -34.67 -0.02 -4.17
N SER E 98 -35.87 -0.49 -4.49
CA SER E 98 -36.14 -1.91 -4.59
C SER E 98 -36.94 -2.21 -5.85
N LYS E 99 -36.66 -3.36 -6.46
CA LYS E 99 -37.38 -3.77 -7.65
C LYS E 99 -37.19 -5.26 -7.92
N PRO E 100 -38.23 -5.99 -8.32
CA PRO E 100 -38.05 -7.41 -8.64
C PRO E 100 -37.36 -7.59 -9.98
N VAL E 101 -36.58 -8.67 -10.07
CA VAL E 101 -35.86 -8.99 -11.31
C VAL E 101 -35.79 -10.50 -11.51
N GLU E 102 -35.28 -10.91 -12.68
CA GLU E 102 -35.11 -12.31 -13.04
C GLU E 102 -33.62 -12.58 -13.18
N LYS E 103 -33.17 -13.70 -12.60
CA LYS E 103 -31.76 -14.06 -12.64
C LYS E 103 -31.63 -15.57 -12.78
N ASN E 104 -30.42 -16.02 -13.07
CA ASN E 104 -30.10 -17.44 -13.20
C ASN E 104 -28.89 -17.77 -12.35
N TYR E 105 -28.93 -18.91 -11.68
CA TYR E 105 -27.84 -19.37 -10.82
C TYR E 105 -27.48 -20.80 -11.19
N ALA E 106 -26.19 -21.04 -11.40
CA ALA E 106 -25.69 -22.36 -11.81
C ALA E 106 -24.41 -22.69 -11.06
N PHE E 107 -24.39 -22.46 -9.75
CA PHE E 107 -23.14 -22.59 -9.00
C PHE E 107 -23.28 -23.44 -7.74
N GLU E 108 -22.27 -23.37 -6.87
CA GLU E 108 -22.09 -24.39 -5.83
C GLU E 108 -23.14 -24.33 -4.73
N ILE E 109 -23.74 -23.15 -4.50
CA ILE E 109 -24.66 -23.04 -3.36
C ILE E 109 -25.86 -23.94 -3.58
N PRO E 110 -26.18 -24.82 -2.64
CA PRO E 110 -27.31 -25.74 -2.82
C PRO E 110 -28.64 -25.09 -2.45
N ASP E 111 -29.71 -25.83 -2.72
CA ASP E 111 -31.07 -25.43 -2.35
C ASP E 111 -31.45 -24.07 -2.94
N VAL E 112 -30.99 -23.81 -4.16
CA VAL E 112 -31.41 -22.62 -4.90
C VAL E 112 -31.88 -23.04 -6.28
N PRO E 113 -33.04 -22.57 -6.74
CA PRO E 113 -33.50 -22.93 -8.08
C PRO E 113 -32.64 -22.31 -9.16
N GLU E 114 -32.62 -22.98 -10.31
CA GLU E 114 -31.80 -22.50 -11.43
C GLU E 114 -32.30 -21.15 -11.94
N LYS E 115 -33.61 -20.99 -12.06
CA LYS E 115 -34.22 -19.75 -12.50
C LYS E 115 -35.32 -19.37 -11.53
N SER E 116 -35.30 -18.13 -11.06
CA SER E 116 -36.25 -17.68 -10.05
C SER E 116 -36.37 -16.17 -10.15
N GLU E 117 -37.22 -15.58 -9.30
CA GLU E 117 -37.41 -14.14 -9.22
C GLU E 117 -36.77 -13.64 -7.93
N TYR E 118 -35.89 -12.65 -8.06
CA TYR E 118 -35.18 -12.10 -6.92
C TYR E 118 -35.63 -10.66 -6.66
N LEU E 119 -35.28 -10.16 -5.48
CA LEU E 119 -35.54 -8.76 -5.12
C LEU E 119 -34.22 -8.01 -5.14
N GLU E 120 -34.13 -6.96 -5.96
CA GLU E 120 -32.91 -6.17 -6.11
C GLU E 120 -33.04 -4.91 -5.27
N VAL E 121 -32.09 -4.71 -4.35
CA VAL E 121 -32.07 -3.59 -3.43
C VAL E 121 -30.77 -2.81 -3.62
N LYS E 122 -30.89 -1.50 -3.80
CA LYS E 122 -29.74 -0.63 -4.00
C LYS E 122 -29.79 0.54 -3.04
N TYR E 123 -28.65 0.86 -2.43
CA TYR E 123 -28.55 1.99 -1.53
C TYR E 123 -27.10 2.46 -1.47
N SER E 124 -26.91 3.66 -0.93
CA SER E 124 -25.58 4.27 -0.91
C SER E 124 -24.63 3.47 -0.02
N ALA E 125 -23.34 3.57 -0.35
CA ALA E 125 -22.33 2.74 0.31
C ALA E 125 -22.02 3.20 1.73
N GLU E 126 -22.38 4.43 2.09
CA GLU E 126 -22.03 4.94 3.41
C GLU E 126 -22.79 4.23 4.53
N MET E 127 -23.92 3.61 4.22
CA MET E 127 -24.67 2.88 5.23
C MET E 127 -23.93 1.60 5.62
N PRO E 128 -24.20 1.04 6.80
CA PRO E 128 -23.51 -0.17 7.23
C PRO E 128 -23.76 -1.34 6.29
N GLN E 129 -22.96 -2.39 6.48
CA GLN E 129 -22.97 -3.56 5.62
C GLN E 129 -23.66 -4.71 6.33
N LEU E 130 -24.61 -5.35 5.64
CA LEU E 130 -25.35 -6.46 6.22
C LEU E 130 -24.45 -7.69 6.35
N PRO E 131 -24.76 -8.59 7.29
CA PRO E 131 -23.96 -9.80 7.43
C PRO E 131 -24.06 -10.70 6.20
N GLN E 132 -23.01 -11.47 5.96
CA GLN E 132 -22.94 -12.31 4.78
C GLN E 132 -23.87 -13.52 4.85
N ASP E 133 -24.34 -13.88 6.04
CA ASP E 133 -25.18 -15.06 6.22
C ASP E 133 -26.55 -14.68 6.79
N LEU E 134 -27.15 -13.64 6.24
CA LEU E 134 -28.43 -13.17 6.73
C LEU E 134 -29.53 -14.20 6.44
N LYS E 135 -30.45 -14.32 7.39
CA LYS E 135 -31.63 -15.17 7.23
C LYS E 135 -32.84 -14.44 7.80
N GLY E 136 -34.00 -14.68 7.19
CA GLY E 136 -35.21 -13.99 7.58
C GLY E 136 -36.42 -14.90 7.53
N GLU E 137 -37.57 -14.33 7.88
CA GLU E 137 -38.81 -15.10 7.88
C GLU E 137 -39.22 -15.50 6.47
N THR E 138 -39.06 -14.60 5.50
CA THR E 138 -39.54 -14.84 4.15
C THR E 138 -38.45 -15.12 3.13
N PHE E 139 -37.21 -14.74 3.42
CA PHE E 139 -36.10 -14.97 2.50
C PHE E 139 -35.11 -15.93 3.15
N SER E 140 -34.50 -16.78 2.32
CA SER E 140 -33.55 -17.76 2.81
C SER E 140 -32.11 -17.44 2.48
N HIS E 141 -31.84 -16.53 1.54
CA HIS E 141 -30.47 -16.20 1.21
C HIS E 141 -30.39 -14.83 0.55
N VAL E 142 -29.19 -14.26 0.59
CA VAL E 142 -28.90 -12.96 0.00
C VAL E 142 -27.56 -13.04 -0.71
N PHE E 143 -27.41 -12.22 -1.75
CA PHE E 143 -26.20 -12.20 -2.55
C PHE E 143 -25.72 -10.77 -2.77
N GLY E 144 -24.40 -10.65 -2.91
CA GLY E 144 -23.75 -9.38 -3.20
C GLY E 144 -23.63 -8.40 -2.06
N THR E 145 -23.42 -8.90 -0.83
CA THR E 145 -23.33 -8.00 0.31
C THR E 145 -22.01 -7.24 0.34
N ASN E 146 -20.90 -7.91 0.02
CA ASN E 146 -19.57 -7.35 0.20
C ASN E 146 -18.83 -7.16 -1.13
N THR E 147 -19.56 -6.84 -2.19
CA THR E 147 -18.92 -6.58 -3.48
C THR E 147 -18.25 -5.20 -3.47
N SER E 148 -17.02 -5.15 -3.94
CA SER E 148 -16.26 -3.91 -3.91
C SER E 148 -16.79 -2.92 -4.94
N SER E 149 -16.40 -1.65 -4.77
CA SER E 149 -16.91 -0.59 -5.65
C SER E 149 -16.28 -0.65 -7.02
N LEU E 150 -14.97 -0.92 -7.09
CA LEU E 150 -14.28 -0.95 -8.37
C LEU E 150 -14.85 -2.02 -9.29
N GLU E 151 -15.08 -3.21 -8.74
CA GLU E 151 -15.67 -4.29 -9.53
C GLU E 151 -17.07 -3.93 -10.00
N LEU E 152 -17.87 -3.34 -9.12
CA LEU E 152 -19.23 -2.95 -9.49
C LEU E 152 -19.19 -1.97 -10.66
N PHE E 153 -18.36 -0.93 -10.56
CA PHE E 153 -18.26 0.05 -11.64
C PHE E 153 -17.81 -0.61 -12.94
N LEU E 154 -16.77 -1.44 -12.86
CA LEU E 154 -16.20 -2.02 -14.08
C LEU E 154 -17.20 -2.92 -14.79
N MET E 155 -17.89 -3.80 -14.05
CA MET E 155 -18.84 -4.68 -14.74
C MET E 155 -20.13 -3.98 -15.10
N ASN E 156 -20.48 -2.87 -14.43
CA ASN E 156 -21.68 -2.15 -14.83
C ASN E 156 -21.45 -1.37 -16.12
N ARG E 157 -20.26 -0.80 -16.29
CA ARG E 157 -20.01 0.03 -17.46
C ARG E 157 -19.37 -0.73 -18.62
N LYS E 158 -19.18 -2.04 -18.49
CA LYS E 158 -18.69 -2.90 -19.58
C LYS E 158 -17.34 -2.41 -20.11
N ILE E 159 -16.45 -2.02 -19.21
CA ILE E 159 -15.12 -1.58 -19.57
C ILE E 159 -14.18 -2.78 -19.58
N LYS E 160 -13.49 -2.99 -20.69
CA LYS E 160 -12.59 -4.13 -20.88
C LYS E 160 -11.19 -3.59 -21.17
N GLY E 161 -10.41 -3.35 -20.12
CA GLY E 161 -9.06 -2.88 -20.26
C GLY E 161 -9.00 -1.43 -20.70
N PRO E 162 -7.81 -0.97 -21.08
CA PRO E 162 -7.68 0.42 -21.55
C PRO E 162 -8.48 0.65 -22.82
N CYS E 163 -9.26 1.73 -22.83
CA CYS E 163 -10.08 2.08 -23.98
C CYS E 163 -10.47 3.55 -23.87
N TRP E 164 -10.80 4.15 -25.01
CA TRP E 164 -11.22 5.55 -25.02
C TRP E 164 -12.55 5.70 -24.29
N LEU E 165 -12.66 6.73 -23.47
CA LEU E 165 -13.86 7.00 -22.69
C LEU E 165 -14.31 8.42 -22.95
N GLU E 166 -15.61 8.65 -22.76
CA GLU E 166 -16.19 9.96 -22.85
C GLU E 166 -17.02 10.22 -21.60
N VAL E 167 -17.04 11.48 -21.17
CA VAL E 167 -17.76 11.90 -19.98
C VAL E 167 -18.75 12.98 -20.38
N LYS E 168 -19.98 12.85 -19.91
CA LYS E 168 -21.06 13.78 -20.21
C LYS E 168 -21.29 14.70 -19.03
N SER E 169 -21.30 16.01 -19.29
CA SER E 169 -21.58 17.03 -18.29
C SER E 169 -20.61 16.93 -17.11
N PRO E 170 -19.34 17.25 -17.31
CA PRO E 170 -18.38 17.16 -16.20
C PRO E 170 -18.61 18.25 -15.16
N GLN E 171 -17.77 18.28 -14.12
CA GLN E 171 -17.83 19.29 -13.09
C GLN E 171 -16.42 19.79 -12.81
N LEU E 172 -16.29 20.69 -11.84
CA LEU E 172 -15.01 21.27 -11.49
C LEU E 172 -14.79 21.15 -9.99
N LEU E 173 -13.65 20.59 -9.60
CA LEU E 173 -13.35 20.37 -8.20
C LEU E 173 -13.00 21.68 -7.51
N ASN E 174 -13.41 21.80 -6.24
CA ASN E 174 -13.11 23.01 -5.48
C ASN E 174 -11.62 23.13 -5.18
N GLN E 175 -10.95 22.03 -4.89
CA GLN E 175 -9.54 22.03 -4.56
C GLN E 175 -8.81 20.94 -5.33
N PRO E 176 -7.51 21.13 -5.60
CA PRO E 176 -6.76 20.09 -6.30
C PRO E 176 -6.68 18.81 -5.49
N VAL E 177 -6.62 17.69 -6.20
CA VAL E 177 -6.54 16.36 -5.59
C VAL E 177 -5.30 15.62 -6.09
N SER E 178 -5.07 15.61 -7.39
CA SER E 178 -3.96 14.90 -8.00
C SER E 178 -2.91 15.86 -8.51
N TRP E 179 -1.79 15.29 -8.95
CA TRP E 179 -0.70 16.06 -9.55
C TRP E 179 -0.84 16.19 -11.05
N CYS E 180 -1.96 15.75 -11.62
CA CYS E 180 -2.16 15.81 -13.05
C CYS E 180 -2.34 17.25 -13.52
N LYS E 181 -2.17 17.45 -14.83
CA LYS E 181 -2.32 18.78 -15.40
C LYS E 181 -3.79 19.21 -15.43
N VAL E 182 -4.68 18.32 -15.84
CA VAL E 182 -6.10 18.62 -16.01
C VAL E 182 -6.90 17.67 -15.13
N GLU E 183 -7.89 18.22 -14.43
CA GLU E 183 -8.75 17.44 -13.55
C GLU E 183 -10.21 17.58 -13.98
N ALA E 184 -11.03 16.63 -13.54
CA ALA E 184 -12.44 16.62 -13.90
C ALA E 184 -13.20 15.85 -12.84
N MET E 185 -14.52 16.00 -12.86
CA MET E 185 -15.41 15.38 -11.87
C MET E 185 -16.65 14.86 -12.56
N ALA E 186 -17.09 13.67 -12.15
CA ALA E 186 -18.32 13.07 -12.64
C ALA E 186 -19.25 12.79 -11.47
N LEU E 187 -20.52 13.12 -11.63
CA LEU E 187 -21.48 12.97 -10.53
C LEU E 187 -21.87 11.51 -10.33
N LYS E 188 -22.26 10.83 -11.41
CA LYS E 188 -22.75 9.47 -11.33
C LYS E 188 -22.03 8.60 -12.34
N PRO E 189 -21.93 7.29 -12.08
CA PRO E 189 -21.32 6.37 -13.05
C PRO E 189 -22.21 6.07 -14.25
N ASP E 190 -23.34 6.75 -14.39
CA ASP E 190 -24.20 6.60 -15.55
C ASP E 190 -23.68 7.42 -16.72
N LEU E 191 -22.93 8.48 -16.47
CA LEU E 191 -22.46 9.38 -17.52
C LEU E 191 -21.25 8.85 -18.28
N VAL E 192 -20.51 7.90 -17.70
CA VAL E 192 -19.32 7.36 -18.35
C VAL E 192 -19.73 6.33 -19.39
N ASN E 193 -19.22 6.48 -20.61
CA ASN E 193 -19.55 5.60 -21.71
C ASN E 193 -18.28 5.18 -22.44
N VAL E 194 -18.31 3.98 -23.02
CA VAL E 194 -17.19 3.47 -23.80
C VAL E 194 -17.42 3.81 -25.27
N ILE E 195 -16.38 4.31 -25.92
CA ILE E 195 -16.48 4.78 -27.31
C ILE E 195 -15.32 4.23 -28.13
N LYS E 196 -14.66 3.20 -27.62
CA LYS E 196 -13.40 2.74 -28.21
C LYS E 196 -13.58 2.20 -29.63
N ASP E 197 -13.13 2.99 -30.61
CA ASP E 197 -13.04 2.52 -31.98
C ASP E 197 -11.79 3.04 -32.69
N VAL E 198 -10.91 3.75 -32.00
CA VAL E 198 -9.78 4.41 -32.64
C VAL E 198 -8.46 3.95 -32.03
N SER E 199 -7.34 4.48 -32.55
CA SER E 199 -6.00 4.06 -32.16
C SER E 199 -5.60 4.66 -30.82
N PRO E 200 -4.78 3.95 -30.05
CA PRO E 200 -4.32 4.49 -28.76
C PRO E 200 -3.25 5.54 -28.93
N PRO E 201 -3.05 6.39 -27.93
CA PRO E 201 -2.00 7.41 -28.02
C PRO E 201 -0.69 6.91 -27.46
N PRO E 202 0.43 7.54 -27.82
CA PRO E 202 1.72 7.12 -27.28
C PRO E 202 1.88 7.50 -25.81
N LEU E 203 2.78 6.80 -25.13
CA LEU E 203 3.09 7.02 -23.73
C LEU E 203 4.52 7.54 -23.57
N VAL E 204 4.93 7.74 -22.33
CA VAL E 204 6.27 8.21 -21.99
C VAL E 204 6.89 7.18 -21.06
N VAL E 205 8.11 6.75 -21.38
CA VAL E 205 8.76 5.65 -20.68
C VAL E 205 10.03 6.14 -20.01
N MET E 206 10.20 5.80 -18.74
CA MET E 206 11.42 6.14 -18.00
C MET E 206 12.02 4.87 -17.44
N ALA E 207 13.32 4.69 -17.63
CA ALA E 207 14.07 3.56 -17.11
C ALA E 207 15.13 4.07 -16.15
N PHE E 208 15.28 3.42 -15.00
CA PHE E 208 16.21 3.99 -14.03
C PHE E 208 16.91 2.93 -13.19
N SER E 209 18.07 3.31 -12.66
CA SER E 209 18.85 2.48 -11.75
C SER E 209 19.77 3.37 -10.92
N MET E 210 20.12 2.87 -9.72
CA MET E 210 20.95 3.63 -8.79
C MET E 210 21.98 2.71 -8.16
N LYS E 211 22.86 3.29 -7.36
CA LYS E 211 23.87 2.56 -6.61
C LYS E 211 23.74 2.83 -5.12
N THR E 212 24.22 1.89 -4.32
CA THR E 212 24.16 1.98 -2.87
C THR E 212 25.50 1.59 -2.25
N MET E 213 25.74 2.09 -1.05
CA MET E 213 26.92 1.75 -0.28
C MET E 213 26.54 1.61 1.19
N GLN E 214 27.28 0.78 1.91
CA GLN E 214 27.04 0.52 3.32
C GLN E 214 28.14 1.18 4.15
N ASN E 215 27.74 2.10 5.03
CA ASN E 215 28.68 2.80 5.88
C ASN E 215 29.03 1.94 7.10
N ALA E 216 30.25 2.12 7.61
CA ALA E 216 30.71 1.35 8.75
C ALA E 216 30.00 1.78 10.03
N LYS E 217 29.96 3.08 10.30
CA LYS E 217 29.38 3.57 11.55
C LYS E 217 27.89 3.28 11.62
N ASN E 218 27.11 3.88 10.73
CA ASN E 218 25.67 3.66 10.67
C ASN E 218 25.40 2.46 9.78
N HIS E 219 24.71 1.45 10.32
CA HIS E 219 24.45 0.22 9.59
C HIS E 219 23.18 0.35 8.76
N GLN E 220 23.21 1.30 7.82
CA GLN E 220 22.13 1.51 6.89
C GLN E 220 22.70 1.68 5.49
N ASN E 221 21.84 1.51 4.49
CA ASN E 221 22.22 1.62 3.09
C ASN E 221 21.91 3.02 2.59
N GLU E 222 22.90 3.66 1.99
CA GLU E 222 22.76 5.02 1.47
C GLU E 222 22.76 5.00 -0.05
N ILE E 223 22.24 6.08 -0.63
CA ILE E 223 22.21 6.26 -2.07
C ILE E 223 23.23 7.31 -2.45
N ILE E 224 24.16 6.94 -3.34
CA ILE E 224 25.26 7.82 -3.71
C ILE E 224 25.28 8.19 -5.19
N ALA E 225 24.53 7.50 -6.04
CA ALA E 225 24.51 7.83 -7.46
C ALA E 225 23.23 7.30 -8.09
N MET E 226 22.73 8.03 -9.08
CA MET E 226 21.50 7.64 -9.76
C MET E 226 21.64 7.94 -11.24
N ALA E 227 20.80 7.27 -12.05
CA ALA E 227 20.75 7.57 -13.47
C ALA E 227 19.32 7.36 -13.96
N ALA E 228 18.97 8.01 -15.06
CA ALA E 228 17.65 7.82 -15.62
C ALA E 228 17.65 8.18 -17.09
N LEU E 229 16.85 7.44 -17.85
CA LEU E 229 16.68 7.64 -19.29
C LEU E 229 15.19 7.75 -19.60
N VAL E 230 14.83 8.71 -20.46
CA VAL E 230 13.45 9.03 -20.75
C VAL E 230 13.23 9.04 -22.25
N HIS E 231 12.15 8.39 -22.70
CA HIS E 231 11.63 8.50 -24.06
C HIS E 231 10.24 9.11 -24.00
N HIS E 232 9.96 10.03 -24.92
CA HIS E 232 8.75 10.86 -24.87
C HIS E 232 7.62 10.38 -25.77
N SER E 233 7.91 9.60 -26.80
CA SER E 233 6.91 9.21 -27.79
C SER E 233 6.94 7.72 -28.05
N PHE E 234 6.96 6.94 -26.97
CA PHE E 234 7.03 5.49 -27.07
C PHE E 234 5.70 4.96 -27.61
N ALA E 235 5.73 4.37 -28.81
CA ALA E 235 4.54 3.79 -29.38
C ALA E 235 4.12 2.54 -28.60
N LEU E 236 2.81 2.28 -28.58
CA LEU E 236 2.28 1.20 -27.78
C LEU E 236 1.98 -0.06 -28.58
N ASP E 237 1.61 0.07 -29.86
CA ASP E 237 1.28 -1.09 -30.67
C ASP E 237 2.23 -1.33 -31.84
N LYS E 238 3.07 -0.37 -32.19
CA LYS E 238 3.99 -0.52 -33.30
C LYS E 238 5.33 -1.06 -32.79
N ALA E 239 6.35 -1.04 -33.66
CA ALA E 239 7.65 -1.55 -33.29
C ALA E 239 8.34 -0.62 -32.29
N ALA E 240 9.32 -1.17 -31.59
CA ALA E 240 10.06 -0.40 -30.60
C ALA E 240 10.89 0.68 -31.28
N PRO E 241 10.78 1.93 -30.86
CA PRO E 241 11.57 3.00 -31.50
C PRO E 241 13.06 2.81 -31.26
N LYS E 242 13.85 3.28 -32.22
CA LYS E 242 15.31 3.22 -32.14
C LYS E 242 15.86 4.59 -32.49
N PRO E 243 16.67 5.21 -31.62
CA PRO E 243 17.14 4.72 -30.31
C PRO E 243 16.04 4.79 -29.26
N PRO E 244 16.07 3.88 -28.27
CA PRO E 244 14.96 3.79 -27.30
C PRO E 244 14.92 4.93 -26.30
N PHE E 245 15.87 5.86 -26.31
CA PHE E 245 15.89 6.96 -25.35
C PHE E 245 16.13 8.27 -26.07
N GLN E 246 15.65 9.35 -25.47
CA GLN E 246 15.81 10.68 -26.04
C GLN E 246 16.45 11.66 -25.06
N SER E 247 16.27 11.43 -23.76
CA SER E 247 16.85 12.29 -22.76
C SER E 247 17.37 11.45 -21.60
N HIS E 248 18.24 12.04 -20.79
CA HIS E 248 18.83 11.32 -19.68
C HIS E 248 19.29 12.32 -18.63
N PHE E 249 19.52 11.81 -17.43
CA PHE E 249 20.18 12.61 -16.41
C PHE E 249 20.81 11.72 -15.36
N CYS E 250 21.79 12.29 -14.65
CA CYS E 250 22.53 11.58 -13.61
C CYS E 250 22.86 12.56 -12.48
N VAL E 251 22.91 12.00 -11.27
CA VAL E 251 23.14 12.80 -10.08
C VAL E 251 24.01 11.99 -9.12
N VAL E 252 25.01 12.67 -8.53
CA VAL E 252 25.98 12.02 -7.65
C VAL E 252 26.14 12.86 -6.39
N SER E 253 26.52 12.18 -5.30
CA SER E 253 26.70 12.85 -4.01
C SER E 253 27.62 12.00 -3.13
N LYS E 254 28.24 12.66 -2.13
CA LYS E 254 29.13 12.03 -1.15
C LYS E 254 28.32 11.57 0.06
N PRO E 255 28.58 10.35 0.58
CA PRO E 255 27.66 9.77 1.57
C PRO E 255 27.52 10.57 2.87
N LYS E 256 28.58 10.69 3.67
CA LYS E 256 28.51 11.56 4.83
C LYS E 256 29.80 12.33 5.13
N ASP E 257 30.98 11.76 4.87
CA ASP E 257 32.23 12.34 5.34
C ASP E 257 33.22 12.63 4.22
N CYS E 258 33.44 11.67 3.33
CA CYS E 258 34.49 11.79 2.33
C CYS E 258 34.22 12.97 1.40
N ILE E 259 35.24 13.78 1.20
CA ILE E 259 35.14 14.94 0.31
C ILE E 259 35.46 14.50 -1.10
N PHE E 260 34.86 15.19 -2.08
CA PHE E 260 35.13 14.89 -3.46
C PHE E 260 36.59 15.19 -3.80
N PRO E 261 37.18 14.42 -4.71
CA PRO E 261 38.56 14.70 -5.13
C PRO E 261 38.69 16.08 -5.73
N TYR E 262 39.85 16.69 -5.53
CA TYR E 262 40.07 18.06 -5.98
C TYR E 262 39.97 18.16 -7.51
N ALA E 263 39.55 19.33 -7.98
CA ALA E 263 39.38 19.61 -9.40
C ALA E 263 38.34 18.70 -10.05
N PHE E 264 37.39 18.19 -9.24
CA PHE E 264 36.31 17.38 -9.80
C PHE E 264 35.39 18.22 -10.68
N LYS E 265 35.03 19.42 -10.21
CA LYS E 265 34.14 20.28 -10.98
C LYS E 265 34.80 20.72 -12.28
N GLU E 266 36.10 21.04 -12.23
CA GLU E 266 36.81 21.42 -13.44
C GLU E 266 36.84 20.27 -14.45
N VAL E 267 37.07 19.05 -13.96
CA VAL E 267 37.07 17.88 -14.84
C VAL E 267 35.69 17.69 -15.46
N ILE E 268 34.64 17.84 -14.66
CA ILE E 268 33.28 17.69 -15.18
C ILE E 268 33.00 18.72 -16.26
N GLU E 269 33.42 19.97 -16.03
CA GLU E 269 33.24 21.00 -17.05
C GLU E 269 34.02 20.68 -18.31
N LYS E 270 35.24 20.15 -18.15
CA LYS E 270 36.06 19.80 -19.30
C LYS E 270 35.40 18.69 -20.13
N LYS E 271 34.85 17.67 -19.47
CA LYS E 271 34.21 16.56 -20.18
C LYS E 271 32.78 16.86 -20.61
N ASN E 272 32.23 18.02 -20.23
CA ASN E 272 30.94 18.51 -20.71
C ASN E 272 29.82 17.47 -20.56
N VAL E 273 29.82 16.76 -19.45
CA VAL E 273 28.80 15.75 -19.14
C VAL E 273 27.74 16.38 -18.25
N LYS E 274 26.47 16.14 -18.59
CA LYS E 274 25.35 16.71 -17.85
C LYS E 274 25.09 15.86 -16.61
N VAL E 275 25.92 16.06 -15.59
CA VAL E 275 25.84 15.35 -14.32
C VAL E 275 25.71 16.36 -13.20
N GLU E 276 24.77 16.14 -12.29
CA GLU E 276 24.51 17.07 -11.20
C GLU E 276 25.16 16.56 -9.91
N VAL E 277 26.01 17.39 -9.31
CA VAL E 277 26.63 17.09 -8.03
C VAL E 277 25.75 17.62 -6.92
N ALA E 278 25.67 16.88 -5.82
CA ALA E 278 24.87 17.25 -4.67
C ALA E 278 25.74 17.33 -3.42
N ALA E 279 25.20 17.96 -2.39
CA ALA E 279 25.92 18.12 -1.13
C ALA E 279 25.68 16.94 -0.19
N THR E 280 24.43 16.66 0.13
CA THR E 280 24.05 15.55 1.00
C THR E 280 23.03 14.68 0.31
N GLU E 281 22.60 13.63 1.01
CA GLU E 281 21.61 12.71 0.43
C GLU E 281 20.27 13.38 0.24
N ARG E 282 19.90 14.29 1.15
CA ARG E 282 18.60 14.96 1.05
C ARG E 282 18.51 15.79 -0.22
N THR E 283 19.60 16.47 -0.60
CA THR E 283 19.61 17.22 -1.86
C THR E 283 19.38 16.30 -3.04
N LEU E 284 20.03 15.13 -3.04
CA LEU E 284 19.85 14.18 -4.13
C LEU E 284 18.40 13.72 -4.22
N LEU E 285 17.80 13.38 -3.08
CA LEU E 285 16.41 12.92 -3.09
C LEU E 285 15.47 14.01 -3.59
N GLY E 286 15.67 15.25 -3.12
CA GLY E 286 14.83 16.34 -3.57
C GLY E 286 14.96 16.59 -5.06
N PHE E 287 16.19 16.55 -5.57
CA PHE E 287 16.40 16.73 -7.01
C PHE E 287 15.74 15.63 -7.80
N PHE E 288 15.85 14.38 -7.33
CA PHE E 288 15.23 13.27 -8.04
C PHE E 288 13.72 13.43 -8.08
N LEU E 289 13.11 13.80 -6.94
CA LEU E 289 11.66 13.96 -6.91
C LEU E 289 11.21 15.10 -7.81
N ALA E 290 11.92 16.22 -7.80
CA ALA E 290 11.57 17.32 -8.68
C ALA E 290 11.69 16.92 -10.14
N LYS E 291 12.73 16.16 -10.49
CA LYS E 291 12.92 15.75 -11.87
C LYS E 291 11.82 14.79 -12.32
N VAL E 292 11.44 13.83 -11.48
CA VAL E 292 10.40 12.89 -11.90
C VAL E 292 9.07 13.63 -12.04
N HIS E 293 8.81 14.58 -11.15
CA HIS E 293 7.58 15.38 -11.28
C HIS E 293 7.59 16.19 -12.57
N LYS E 294 8.73 16.78 -12.91
CA LYS E 294 8.80 17.60 -14.12
C LYS E 294 8.67 16.76 -15.38
N ILE E 295 9.31 15.59 -15.42
CA ILE E 295 9.25 14.74 -16.61
C ILE E 295 7.87 14.15 -16.78
N ASP E 296 7.23 13.74 -15.68
CA ASP E 296 5.90 13.14 -15.65
C ASP E 296 5.86 11.86 -16.47
N PRO E 297 6.53 10.80 -16.04
CA PRO E 297 6.50 9.54 -16.79
C PRO E 297 5.20 8.78 -16.55
N ASP E 298 4.95 7.81 -17.42
CA ASP E 298 3.80 6.92 -17.28
C ASP E 298 4.17 5.49 -16.96
N ILE E 299 5.35 5.04 -17.38
CA ILE E 299 5.85 3.71 -17.04
C ILE E 299 7.25 3.87 -16.51
N ILE E 300 7.52 3.27 -15.35
CA ILE E 300 8.84 3.27 -14.73
C ILE E 300 9.38 1.85 -14.78
N VAL E 301 10.49 1.65 -15.48
CA VAL E 301 11.05 0.32 -15.69
C VAL E 301 12.40 0.22 -15.01
N GLY E 302 12.58 -0.85 -14.24
CA GLY E 302 13.83 -1.11 -13.56
C GLY E 302 13.94 -2.58 -13.19
N HIS E 303 15.12 -2.95 -12.72
CA HIS E 303 15.41 -4.32 -12.33
C HIS E 303 15.29 -4.46 -10.81
N ASN E 304 14.57 -5.50 -10.38
CA ASN E 304 14.38 -5.79 -8.95
C ASN E 304 13.76 -4.60 -8.22
N ILE E 305 12.79 -3.94 -8.87
CA ILE E 305 12.18 -2.76 -8.29
C ILE E 305 11.37 -3.13 -7.05
N TYR E 306 10.53 -4.16 -7.17
CA TYR E 306 9.59 -4.47 -6.09
C TYR E 306 10.30 -5.04 -4.86
N GLY E 307 11.42 -5.73 -5.06
CA GLY E 307 12.06 -6.42 -3.96
C GLY E 307 12.94 -5.56 -3.08
N PHE E 308 13.86 -4.81 -3.69
CA PHE E 308 14.90 -4.12 -2.93
C PHE E 308 14.89 -2.61 -3.13
N GLU E 309 14.80 -2.14 -4.36
CA GLU E 309 15.09 -0.73 -4.65
C GLU E 309 14.03 0.20 -4.07
N LEU E 310 12.76 -0.10 -4.30
CA LEU E 310 11.69 0.80 -3.86
C LEU E 310 11.65 0.92 -2.34
N GLU E 311 11.82 -0.21 -1.64
CA GLU E 311 11.79 -0.18 -0.18
C GLU E 311 12.93 0.67 0.37
N VAL E 312 14.12 0.52 -0.20
CA VAL E 312 15.27 1.31 0.25
C VAL E 312 15.03 2.79 -0.01
N LEU E 313 14.50 3.12 -1.20
CA LEU E 313 14.24 4.52 -1.53
C LEU E 313 13.24 5.13 -0.56
N LEU E 314 12.15 4.42 -0.27
CA LEU E 314 11.15 4.94 0.65
C LEU E 314 11.68 5.07 2.06
N GLN E 315 12.48 4.09 2.51
CA GLN E 315 13.06 4.15 3.85
C GLN E 315 14.00 5.34 3.98
N ARG E 316 14.83 5.59 2.96
CA ARG E 316 15.73 6.73 3.03
C ARG E 316 14.97 8.04 2.96
N ILE E 317 13.88 8.09 2.19
CA ILE E 317 13.05 9.30 2.17
C ILE E 317 12.47 9.56 3.54
N ASN E 318 11.98 8.51 4.21
CA ASN E 318 11.42 8.67 5.55
C ASN E 318 12.48 9.12 6.54
N VAL E 319 13.66 8.50 6.51
CA VAL E 319 14.69 8.80 7.51
C VAL E 319 15.25 10.20 7.30
N CYS E 320 15.55 10.58 6.06
CA CYS E 320 16.13 11.89 5.78
C CYS E 320 15.14 13.03 5.93
N LYS E 321 13.85 12.73 6.13
CA LYS E 321 12.81 13.73 6.31
C LYS E 321 12.69 14.65 5.09
N ALA E 322 12.76 14.06 3.90
CA ALA E 322 12.56 14.83 2.68
C ALA E 322 11.07 15.16 2.52
N PRO E 323 10.76 16.32 1.94
CA PRO E 323 9.36 16.71 1.75
C PRO E 323 8.79 16.23 0.42
N HIS E 324 7.47 16.16 0.39
CA HIS E 324 6.71 15.82 -0.82
C HIS E 324 7.10 14.44 -1.34
N TRP E 325 6.88 13.43 -0.50
CA TRP E 325 7.15 12.05 -0.91
C TRP E 325 6.11 11.53 -1.89
N SER E 326 4.90 12.09 -1.88
CA SER E 326 3.83 11.58 -2.73
C SER E 326 4.04 11.87 -4.21
N LYS E 327 5.02 12.69 -4.57
CA LYS E 327 5.25 13.02 -5.96
C LYS E 327 5.65 11.80 -6.79
N ILE E 328 6.11 10.73 -6.14
CA ILE E 328 6.44 9.51 -6.86
C ILE E 328 5.21 8.87 -7.47
N GLY E 329 4.02 9.17 -6.95
CA GLY E 329 2.78 8.67 -7.52
C GLY E 329 2.02 9.74 -8.25
N ARG E 330 0.69 9.74 -8.10
CA ARG E 330 -0.14 10.78 -8.69
C ARG E 330 -1.24 11.27 -7.76
N LEU E 331 -1.30 10.80 -6.53
CA LEU E 331 -2.35 11.16 -5.59
C LEU E 331 -1.73 11.89 -4.40
N LYS E 332 -2.34 13.01 -4.01
CA LYS E 332 -1.84 13.79 -2.89
C LYS E 332 -2.11 13.05 -1.59
N ARG E 333 -1.04 12.57 -0.94
CA ARG E 333 -1.15 11.86 0.31
C ARG E 333 -0.03 12.32 1.23
N SER E 334 -0.27 12.21 2.54
CA SER E 334 0.71 12.63 3.53
C SER E 334 1.15 11.50 4.46
N ASN E 335 0.27 10.58 4.83
CA ASN E 335 0.64 9.44 5.66
C ASN E 335 1.07 8.29 4.76
N MET E 336 2.36 7.94 4.82
CA MET E 336 2.89 6.89 3.97
C MET E 336 2.48 5.51 4.49
N PRO E 337 2.13 4.59 3.59
CA PRO E 337 1.72 3.25 4.02
C PRO E 337 2.87 2.49 4.66
N LYS E 338 2.51 1.54 5.51
CA LYS E 338 3.51 0.74 6.23
C LYS E 338 4.41 0.01 5.24
N LEU E 339 5.72 0.09 5.48
CA LEU E 339 6.69 -0.44 4.53
C LEU E 339 6.91 -1.93 4.74
N GLY E 340 7.19 -2.62 3.63
CA GLY E 340 7.39 -4.05 3.65
C GLY E 340 6.08 -4.80 3.66
N GLY E 341 5.46 -4.89 4.84
CA GLY E 341 4.14 -5.47 5.00
C GLY E 341 3.95 -6.81 4.32
N ARG E 342 2.90 -6.92 3.52
CA ARG E 342 2.56 -8.14 2.83
C ARG E 342 3.25 -8.14 1.46
N SER E 343 2.87 -9.06 0.57
CA SER E 343 3.58 -9.23 -0.71
C SER E 343 3.27 -8.05 -1.64
N GLY E 344 4.13 -7.03 -1.56
CA GLY E 344 4.08 -5.91 -2.48
C GLY E 344 2.89 -5.00 -2.35
N PHE E 345 2.13 -5.11 -1.25
CA PHE E 345 0.96 -4.25 -1.09
C PHE E 345 1.36 -2.81 -0.86
N GLY E 346 2.30 -2.57 0.06
CA GLY E 346 2.73 -1.21 0.34
C GLY E 346 3.42 -0.56 -0.83
N GLU E 347 4.30 -1.31 -1.50
CA GLU E 347 5.00 -0.76 -2.66
C GLU E 347 4.03 -0.43 -3.79
N ARG E 348 3.05 -1.31 -4.03
CA ARG E 348 2.08 -1.04 -5.09
C ARG E 348 1.20 0.15 -4.73
N ASN E 349 0.84 0.29 -3.44
CA ASN E 349 0.03 1.43 -3.04
C ASN E 349 0.82 2.74 -3.08
N ALA E 350 2.14 2.66 -2.90
CA ALA E 350 2.94 3.88 -2.86
C ALA E 350 3.03 4.55 -4.24
N THR E 351 3.04 3.77 -5.31
CA THR E 351 3.19 4.29 -6.67
C THR E 351 1.86 4.34 -7.42
N CYS E 352 0.78 4.71 -6.72
CA CYS E 352 -0.52 4.80 -7.35
C CYS E 352 -0.50 5.79 -8.51
N GLY E 353 -1.06 5.39 -9.64
CA GLY E 353 -1.13 6.22 -10.82
C GLY E 353 0.02 6.03 -11.80
N ARG E 354 1.14 5.45 -11.35
CA ARG E 354 2.28 5.18 -12.20
C ARG E 354 2.54 3.69 -12.22
N MET E 355 2.82 3.14 -13.39
CA MET E 355 2.91 1.70 -13.57
C MET E 355 4.37 1.25 -13.57
N ILE E 356 4.65 0.21 -12.79
CA ILE E 356 6.00 -0.25 -12.54
C ILE E 356 6.26 -1.52 -13.35
N CYS E 357 7.37 -1.53 -14.09
CA CYS E 357 7.76 -2.66 -14.93
C CYS E 357 9.08 -3.21 -14.41
N ASP E 358 9.03 -4.39 -13.80
CA ASP E 358 10.21 -5.13 -13.36
C ASP E 358 10.53 -6.18 -14.41
N VAL E 359 11.76 -6.16 -14.91
CA VAL E 359 12.15 -7.09 -15.95
C VAL E 359 12.34 -8.50 -15.43
N GLU E 360 12.58 -8.66 -14.13
CA GLU E 360 12.82 -10.00 -13.58
C GLU E 360 11.56 -10.86 -13.65
N ILE E 361 10.41 -10.30 -13.25
CA ILE E 361 9.17 -11.05 -13.28
C ILE E 361 8.77 -11.38 -14.72
N SER E 362 8.91 -10.42 -15.63
CA SER E 362 8.59 -10.66 -17.03
C SER E 362 9.49 -11.73 -17.61
N ALA E 363 10.79 -11.68 -17.29
CA ALA E 363 11.71 -12.71 -17.77
C ALA E 363 11.37 -14.08 -17.23
N LYS E 364 10.96 -14.15 -15.95
CA LYS E 364 10.52 -15.41 -15.38
C LYS E 364 9.30 -15.94 -16.11
N GLU E 365 8.35 -15.07 -16.44
CA GLU E 365 7.12 -15.51 -17.07
C GLU E 365 7.34 -15.95 -18.51
N LEU E 366 8.19 -15.23 -19.26
CA LEU E 366 8.27 -15.42 -20.70
C LEU E 366 9.29 -16.48 -21.11
N ILE E 367 10.49 -16.44 -20.53
CA ILE E 367 11.55 -17.35 -20.95
C ILE E 367 12.02 -18.20 -19.77
N ARG E 368 13.01 -19.06 -20.03
CA ARG E 368 13.57 -19.92 -19.00
C ARG E 368 15.09 -19.76 -18.99
N CYS E 369 15.65 -19.48 -17.82
CA CYS E 369 17.08 -19.29 -17.64
C CYS E 369 17.55 -20.07 -16.43
N LYS E 370 18.88 -20.23 -16.32
CA LYS E 370 19.45 -20.91 -15.17
C LYS E 370 19.54 -20.01 -13.95
N SER E 371 19.61 -18.68 -14.15
CA SER E 371 19.61 -17.73 -13.05
C SER E 371 19.03 -16.43 -13.57
N TYR E 372 18.58 -15.58 -12.64
CA TYR E 372 17.81 -14.39 -13.00
C TYR E 372 18.44 -13.10 -12.49
N HIS E 373 19.76 -13.09 -12.26
CA HIS E 373 20.40 -11.81 -12.03
C HIS E 373 20.72 -11.14 -13.37
N LEU E 374 21.07 -9.86 -13.31
CA LEU E 374 21.19 -9.07 -14.53
C LEU E 374 22.28 -9.59 -15.45
N SER E 375 23.36 -10.12 -14.89
CA SER E 375 24.46 -10.62 -15.73
C SER E 375 23.98 -11.76 -16.63
N GLU E 376 23.24 -12.71 -16.06
CA GLU E 376 22.76 -13.84 -16.84
C GLU E 376 21.75 -13.40 -17.90
N LEU E 377 20.86 -12.47 -17.55
CA LEU E 377 19.88 -11.98 -18.52
C LEU E 377 20.57 -11.27 -19.68
N VAL E 378 21.60 -10.47 -19.38
CA VAL E 378 22.36 -9.82 -20.44
C VAL E 378 23.07 -10.87 -21.30
N GLN E 379 23.64 -11.89 -20.67
CA GLN E 379 24.39 -12.90 -21.41
C GLN E 379 23.48 -13.70 -22.34
N GLN E 380 22.25 -13.97 -21.91
CA GLN E 380 21.35 -14.83 -22.69
C GLN E 380 20.51 -14.05 -23.70
N ILE E 381 19.72 -13.10 -23.22
CA ILE E 381 18.82 -12.35 -24.10
C ILE E 381 19.64 -11.56 -25.12
N LEU E 382 20.62 -10.81 -24.66
CA LEU E 382 21.58 -10.15 -25.52
C LEU E 382 22.83 -11.01 -25.62
N LYS E 383 23.84 -10.50 -26.32
CA LYS E 383 25.16 -11.16 -26.39
C LYS E 383 26.21 -10.10 -26.05
N THR E 384 26.41 -9.89 -24.76
CA THR E 384 27.38 -8.90 -24.28
C THR E 384 27.78 -9.30 -22.87
N GLU E 385 28.92 -8.75 -22.43
CA GLU E 385 29.46 -9.01 -21.10
C GLU E 385 29.31 -7.77 -20.22
N ARG E 386 28.83 -7.98 -19.00
CA ARG E 386 28.68 -6.90 -18.03
C ARG E 386 29.66 -7.12 -16.88
N VAL E 387 30.46 -6.10 -16.58
CA VAL E 387 31.43 -6.16 -15.50
C VAL E 387 30.75 -5.77 -14.20
N VAL E 388 31.10 -6.47 -13.12
CA VAL E 388 30.47 -6.29 -11.82
C VAL E 388 31.48 -5.63 -10.89
N ILE E 389 31.04 -4.60 -10.18
CA ILE E 389 31.87 -3.86 -9.24
C ILE E 389 31.54 -4.34 -7.83
N PRO E 390 32.49 -4.92 -7.10
CA PRO E 390 32.21 -5.35 -5.72
C PRO E 390 31.92 -4.16 -4.82
N MET E 391 31.11 -4.42 -3.78
CA MET E 391 30.74 -3.36 -2.85
C MET E 391 31.94 -2.87 -2.03
N GLU E 392 32.91 -3.74 -1.78
CA GLU E 392 34.03 -3.36 -0.92
C GLU E 392 34.86 -2.25 -1.54
N ASN E 393 35.09 -2.32 -2.85
CA ASN E 393 35.98 -1.36 -3.50
C ASN E 393 35.38 0.05 -3.57
N ILE E 394 34.07 0.18 -3.34
CA ILE E 394 33.39 1.45 -3.60
C ILE E 394 34.04 2.59 -2.83
N GLN E 395 34.33 2.38 -1.54
CA GLN E 395 34.97 3.41 -0.74
C GLN E 395 36.31 3.83 -1.36
N ASN E 396 37.09 2.86 -1.81
CA ASN E 396 38.39 3.18 -2.41
C ASN E 396 38.23 4.01 -3.67
N MET E 397 37.11 3.85 -4.40
CA MET E 397 36.93 4.68 -5.59
C MET E 397 36.63 6.12 -5.26
N TYR E 398 36.67 6.56 -4.00
CA TYR E 398 36.45 7.97 -3.67
C TYR E 398 37.76 8.74 -3.53
N SER E 399 38.84 8.26 -4.13
CA SER E 399 40.14 8.93 -4.05
C SER E 399 40.50 9.72 -5.31
N GLU E 400 40.08 9.26 -6.47
CA GLU E 400 40.42 9.90 -7.74
C GLU E 400 39.17 10.11 -8.58
N SER E 401 39.16 11.21 -9.32
CA SER E 401 37.96 11.57 -10.09
C SER E 401 37.67 10.56 -11.19
N SER E 402 38.71 9.93 -11.75
CA SER E 402 38.49 8.98 -12.83
C SER E 402 37.65 7.80 -12.37
N GLN E 403 37.89 7.32 -11.15
CA GLN E 403 37.10 6.21 -10.62
C GLN E 403 35.63 6.62 -10.45
N LEU E 404 35.39 7.84 -9.98
CA LEU E 404 34.02 8.31 -9.85
C LEU E 404 33.32 8.39 -11.21
N LEU E 405 34.03 8.91 -12.22
CA LEU E 405 33.46 8.97 -13.56
C LEU E 405 33.17 7.57 -14.10
N TYR E 406 34.08 6.63 -13.83
CA TYR E 406 33.85 5.25 -14.25
C TYR E 406 32.63 4.65 -13.57
N LEU E 407 32.45 4.93 -12.28
CA LEU E 407 31.26 4.46 -11.58
C LEU E 407 29.99 5.01 -12.20
N LEU E 408 29.98 6.31 -12.50
CA LEU E 408 28.80 6.92 -13.12
C LEU E 408 28.52 6.31 -14.50
N GLU E 409 29.58 6.10 -15.28
CA GLU E 409 29.41 5.47 -16.58
C GLU E 409 28.85 4.06 -16.45
N HIS E 410 29.29 3.32 -15.44
CA HIS E 410 28.77 1.98 -15.20
C HIS E 410 27.29 2.01 -14.86
N THR E 411 26.88 2.96 -14.02
CA THR E 411 25.45 3.06 -13.69
C THR E 411 24.62 3.41 -14.92
N TRP E 412 25.12 4.34 -15.75
CA TRP E 412 24.41 4.68 -16.98
C TRP E 412 24.30 3.47 -17.91
N LYS E 413 25.38 2.70 -18.02
CA LYS E 413 25.35 1.50 -18.85
C LYS E 413 24.35 0.48 -18.31
N ASP E 414 24.26 0.35 -16.99
CA ASP E 414 23.29 -0.56 -16.40
C ASP E 414 21.87 -0.15 -16.77
N ALA E 415 21.57 1.14 -16.68
CA ALA E 415 20.22 1.61 -17.06
C ALA E 415 19.96 1.34 -18.54
N LYS E 416 20.96 1.59 -19.38
CA LYS E 416 20.78 1.33 -20.82
C LYS E 416 20.53 -0.14 -21.09
N PHE E 417 21.24 -1.03 -20.38
CA PHE E 417 21.04 -2.46 -20.56
C PHE E 417 19.63 -2.86 -20.15
N ILE E 418 19.13 -2.30 -19.05
CA ILE E 418 17.77 -2.62 -18.62
C ILE E 418 16.76 -2.20 -19.68
N LEU E 419 16.91 -0.98 -20.21
CA LEU E 419 16.00 -0.51 -21.23
C LEU E 419 16.07 -1.38 -22.49
N GLN E 420 17.28 -1.76 -22.90
CA GLN E 420 17.43 -2.59 -24.09
C GLN E 420 16.79 -3.96 -23.90
N ILE E 421 16.95 -4.56 -22.73
CA ILE E 421 16.32 -5.85 -22.47
C ILE E 421 14.80 -5.72 -22.52
N MET E 422 14.26 -4.67 -21.90
CA MET E 422 12.81 -4.48 -21.90
C MET E 422 12.28 -4.30 -23.31
N CYS E 423 12.99 -3.53 -24.15
CA CYS E 423 12.55 -3.34 -25.52
C CYS E 423 12.68 -4.63 -26.34
N GLU E 424 13.75 -5.39 -26.12
CA GLU E 424 13.97 -6.61 -26.88
C GLU E 424 12.93 -7.68 -26.56
N LEU E 425 12.57 -7.83 -25.28
CA LEU E 425 11.61 -8.86 -24.92
C LEU E 425 10.21 -8.58 -25.44
N ASN E 426 9.91 -7.33 -25.79
CA ASN E 426 8.58 -6.92 -26.27
C ASN E 426 7.51 -7.24 -25.23
N VAL E 427 7.62 -6.58 -24.09
CA VAL E 427 6.74 -6.84 -22.96
C VAL E 427 5.47 -6.00 -23.03
N LEU E 428 5.59 -4.73 -23.39
CA LEU E 428 4.43 -3.83 -23.34
C LEU E 428 3.31 -4.24 -24.30
N PRO E 429 3.56 -4.49 -25.60
CA PRO E 429 2.45 -4.93 -26.46
C PRO E 429 1.80 -6.22 -26.01
N LEU E 430 2.60 -7.18 -25.52
CA LEU E 430 2.03 -8.43 -25.04
C LEU E 430 1.15 -8.20 -23.82
N ALA E 431 1.61 -7.36 -22.89
CA ALA E 431 0.80 -7.06 -21.70
C ALA E 431 -0.49 -6.36 -22.10
N LEU E 432 -0.42 -5.42 -23.04
CA LEU E 432 -1.63 -4.74 -23.48
C LEU E 432 -2.61 -5.70 -24.13
N GLN E 433 -2.12 -6.60 -24.99
CA GLN E 433 -3.00 -7.57 -25.63
C GLN E 433 -3.64 -8.50 -24.60
N ILE E 434 -2.86 -8.98 -23.63
CA ILE E 434 -3.40 -9.88 -22.62
C ILE E 434 -4.46 -9.16 -21.79
N THR E 435 -4.20 -7.91 -21.41
CA THR E 435 -5.17 -7.16 -20.62
C THR E 435 -6.44 -6.91 -21.41
N ASN E 436 -6.32 -6.57 -22.70
CA ASN E 436 -7.51 -6.36 -23.51
C ASN E 436 -8.31 -7.64 -23.68
N ILE E 437 -7.62 -8.80 -23.73
CA ILE E 437 -8.33 -10.07 -23.82
C ILE E 437 -9.06 -10.36 -22.52
N ALA E 438 -8.40 -10.19 -21.38
CA ALA E 438 -8.98 -10.57 -20.10
C ALA E 438 -9.94 -9.49 -19.58
N GLY E 439 -9.43 -8.31 -19.29
CA GLY E 439 -10.27 -7.22 -18.85
C GLY E 439 -9.94 -6.66 -17.48
N ASN E 440 -8.80 -7.05 -16.91
CA ASN E 440 -8.40 -6.56 -15.61
C ASN E 440 -7.63 -5.24 -15.76
N ILE E 441 -7.05 -4.77 -14.65
CA ILE E 441 -6.18 -3.60 -14.68
C ILE E 441 -4.78 -4.04 -15.09
N MET E 442 -4.21 -3.36 -16.09
CA MET E 442 -3.03 -3.92 -16.74
C MET E 442 -1.78 -3.81 -15.87
N SER E 443 -1.81 -2.95 -14.84
CA SER E 443 -0.72 -2.96 -13.86
C SER E 443 -0.65 -4.30 -13.13
N ARG E 444 -1.82 -4.85 -12.77
CA ARG E 444 -1.85 -6.19 -12.19
C ARG E 444 -1.34 -7.23 -13.18
N THR E 445 -1.59 -7.01 -14.48
CA THR E 445 -1.04 -7.91 -15.48
C THR E 445 0.48 -7.86 -15.47
N LEU E 446 1.06 -6.67 -15.37
CA LEU E 446 2.51 -6.55 -15.27
C LEU E 446 3.03 -7.14 -13.97
N MET E 447 2.20 -7.16 -12.92
CA MET E 447 2.64 -7.74 -11.65
C MET E 447 2.91 -9.24 -11.78
N GLY E 448 2.05 -9.96 -12.47
CA GLY E 448 2.18 -11.39 -12.64
C GLY E 448 0.98 -12.14 -12.07
N GLY E 449 1.02 -13.45 -12.27
CA GLY E 449 -0.05 -14.31 -11.80
C GLY E 449 -1.03 -14.68 -12.89
N ARG E 450 -1.64 -15.85 -12.74
CA ARG E 450 -2.56 -16.38 -13.75
C ARG E 450 -3.98 -16.56 -13.26
N SER E 451 -4.23 -16.54 -11.95
CA SER E 451 -5.59 -16.76 -11.46
C SER E 451 -6.48 -15.54 -11.69
N GLU E 452 -5.94 -14.34 -11.49
CA GLU E 452 -6.76 -13.14 -11.58
C GLU E 452 -7.29 -12.93 -12.99
N ARG E 453 -6.46 -13.19 -14.00
CA ARG E 453 -6.92 -13.00 -15.38
C ARG E 453 -8.09 -13.92 -15.70
N ASN E 454 -7.97 -15.20 -15.36
CA ASN E 454 -9.06 -16.14 -15.62
C ASN E 454 -10.31 -15.77 -14.83
N GLU E 455 -10.14 -15.37 -13.58
CA GLU E 455 -11.28 -14.99 -12.76
C GLU E 455 -12.02 -13.80 -13.37
N PHE E 456 -11.27 -12.78 -13.82
CA PHE E 456 -11.91 -11.60 -14.40
C PHE E 456 -12.58 -11.94 -15.73
N LEU E 457 -11.95 -12.79 -16.55
CA LEU E 457 -12.56 -13.17 -17.81
C LEU E 457 -13.87 -13.90 -17.59
N LEU E 458 -13.89 -14.87 -16.67
CA LEU E 458 -15.13 -15.59 -16.39
C LEU E 458 -16.17 -14.66 -15.78
N LEU E 459 -15.75 -13.73 -14.94
CA LEU E 459 -16.69 -12.77 -14.36
C LEU E 459 -17.36 -11.92 -15.42
N HIS E 460 -16.58 -11.41 -16.37
CA HIS E 460 -17.14 -10.62 -17.45
C HIS E 460 -18.11 -11.45 -18.29
N ALA E 461 -17.70 -12.68 -18.62
CA ALA E 461 -18.55 -13.52 -19.46
C ALA E 461 -19.87 -13.83 -18.77
N PHE E 462 -19.84 -14.09 -17.46
CA PHE E 462 -21.08 -14.43 -16.76
C PHE E 462 -21.95 -13.19 -16.55
N TYR E 463 -21.33 -12.04 -16.27
CA TYR E 463 -22.12 -10.83 -16.09
C TYR E 463 -22.83 -10.42 -17.39
N GLU E 464 -22.15 -10.56 -18.52
CA GLU E 464 -22.74 -10.16 -19.79
C GLU E 464 -23.95 -11.02 -20.16
N ASN E 465 -24.06 -12.23 -19.61
CA ASN E 465 -25.08 -13.18 -20.02
C ASN E 465 -26.21 -13.31 -19.00
N ASN E 466 -26.38 -12.30 -18.14
CA ASN E 466 -27.49 -12.26 -17.18
C ASN E 466 -27.48 -13.46 -16.24
N TYR E 467 -26.42 -13.55 -15.43
CA TYR E 467 -26.28 -14.57 -14.41
C TYR E 467 -25.99 -13.89 -13.08
N ILE E 468 -25.76 -14.71 -12.05
CA ILE E 468 -25.33 -14.23 -10.73
C ILE E 468 -24.05 -14.95 -10.38
N VAL E 469 -23.02 -14.18 -10.03
CA VAL E 469 -21.69 -14.74 -9.78
C VAL E 469 -21.52 -14.96 -8.27
N PRO E 470 -20.73 -15.95 -7.85
CA PRO E 470 -20.54 -16.17 -6.41
C PRO E 470 -19.85 -14.99 -5.76
N ASP E 471 -20.22 -14.73 -4.51
CA ASP E 471 -19.61 -13.64 -3.76
C ASP E 471 -18.21 -14.02 -3.30
N LYS E 472 -17.39 -12.99 -3.07
CA LYS E 472 -16.00 -13.21 -2.69
C LYS E 472 -15.91 -13.91 -1.34
N GLN E 473 -14.90 -14.78 -1.21
CA GLN E 473 -14.67 -15.44 0.07
C GLN E 473 -14.08 -14.46 1.07
N ILE E 474 -14.42 -14.66 2.34
CA ILE E 474 -13.95 -13.77 3.39
C ILE E 474 -12.52 -14.12 3.81
N PHE E 475 -12.26 -15.40 4.06
CA PHE E 475 -10.96 -15.88 4.51
C PHE E 475 -10.38 -15.07 5.66
N LYS E 498 3.80 -22.20 -1.12
CA LYS E 498 4.91 -23.11 -0.84
C LYS E 498 5.02 -24.20 -1.91
N GLY E 499 5.63 -25.32 -1.53
CA GLY E 499 5.84 -26.41 -2.47
C GLY E 499 4.54 -27.09 -2.85
N ARG E 500 4.64 -27.92 -3.89
CA ARG E 500 3.49 -28.66 -4.38
C ARG E 500 2.94 -29.59 -3.30
N LYS E 501 1.62 -29.60 -3.15
CA LYS E 501 0.96 -30.41 -2.14
C LYS E 501 0.59 -31.77 -2.73
N LYS E 502 -0.14 -32.56 -1.95
CA LYS E 502 -0.54 -33.89 -2.40
C LYS E 502 -1.57 -33.80 -3.53
N ALA E 503 -1.54 -34.79 -4.41
CA ALA E 503 -2.49 -34.85 -5.51
C ALA E 503 -3.91 -35.09 -4.99
N ALA E 504 -4.88 -34.51 -5.68
CA ALA E 504 -6.28 -34.63 -5.28
C ALA E 504 -7.11 -35.50 -6.19
N TYR E 505 -6.75 -35.62 -7.47
CA TYR E 505 -7.51 -36.45 -8.39
C TYR E 505 -6.59 -36.97 -9.48
N ALA E 506 -7.05 -37.99 -10.20
CA ALA E 506 -6.24 -38.62 -11.22
C ALA E 506 -5.94 -37.65 -12.36
N GLY E 507 -4.71 -37.67 -12.84
CA GLY E 507 -4.29 -36.78 -13.90
C GLY E 507 -4.09 -37.47 -15.23
N GLY E 508 -2.97 -37.20 -15.89
CA GLY E 508 -2.69 -37.78 -17.18
C GLY E 508 -2.19 -39.21 -17.07
N LEU E 509 -1.86 -39.77 -18.23
CA LEU E 509 -1.36 -41.13 -18.33
C LEU E 509 -0.09 -41.15 -19.15
N VAL E 510 0.89 -41.96 -18.70
CA VAL E 510 2.13 -42.17 -19.43
C VAL E 510 2.24 -43.65 -19.77
N LEU E 511 2.45 -43.96 -21.04
CA LEU E 511 2.55 -45.35 -21.46
C LEU E 511 3.87 -45.96 -20.99
N ASP E 512 3.90 -47.28 -20.96
CA ASP E 512 5.11 -48.00 -20.61
C ASP E 512 6.12 -47.89 -21.74
N PRO E 513 7.33 -47.42 -21.48
CA PRO E 513 8.32 -47.24 -22.55
C PRO E 513 8.91 -48.57 -22.99
N LYS E 514 9.71 -48.51 -24.04
CA LYS E 514 10.44 -49.66 -24.56
C LYS E 514 11.90 -49.22 -24.64
N VAL E 515 12.65 -49.47 -23.57
CA VAL E 515 13.99 -48.91 -23.42
C VAL E 515 14.91 -49.41 -24.51
N GLY E 516 15.86 -48.56 -24.92
CA GLY E 516 16.92 -49.00 -25.79
C GLY E 516 17.25 -47.98 -26.85
N PHE E 517 17.90 -48.50 -27.90
CA PHE E 517 18.41 -47.73 -29.02
C PHE E 517 17.69 -48.15 -30.29
N TYR E 518 17.20 -47.17 -31.05
CA TYR E 518 16.53 -47.43 -32.31
C TYR E 518 17.24 -46.68 -33.44
N ASP E 519 17.34 -47.33 -34.59
CA ASP E 519 18.23 -46.86 -35.64
C ASP E 519 17.51 -46.67 -36.97
N LYS E 520 16.39 -47.36 -37.18
CA LYS E 520 15.78 -47.33 -38.51
C LYS E 520 15.07 -46.01 -38.77
N PHE E 521 13.95 -45.76 -38.09
CA PHE E 521 13.18 -44.53 -38.24
C PHE E 521 12.09 -44.49 -37.18
N ILE E 522 11.86 -43.30 -36.63
CA ILE E 522 10.86 -43.07 -35.59
C ILE E 522 9.90 -42.00 -36.07
N LEU E 523 8.60 -42.22 -35.89
CA LEU E 523 7.57 -41.27 -36.28
C LEU E 523 6.82 -40.81 -35.03
N LEU E 524 6.45 -39.52 -34.99
CA LEU E 524 5.79 -38.92 -33.84
C LEU E 524 4.48 -38.27 -34.26
N LEU E 525 3.40 -38.61 -33.54
CA LEU E 525 2.08 -38.07 -33.79
C LEU E 525 1.56 -37.38 -32.54
N ASP E 526 0.86 -36.26 -32.73
CA ASP E 526 0.50 -35.42 -31.60
C ASP E 526 -0.79 -34.67 -31.90
N PHE E 527 -1.60 -34.46 -30.87
CA PHE E 527 -2.85 -33.71 -30.98
C PHE E 527 -2.58 -32.20 -30.84
N ASN E 528 -3.56 -31.41 -31.24
CA ASN E 528 -3.50 -29.95 -31.14
C ASN E 528 -4.51 -29.47 -30.10
N SER E 529 -4.02 -28.88 -29.01
CA SER E 529 -4.86 -28.28 -27.97
C SER E 529 -5.86 -29.30 -27.42
N LEU E 530 -5.30 -30.33 -26.78
CA LEU E 530 -6.10 -31.49 -26.40
C LEU E 530 -7.22 -31.11 -25.43
N TYR E 531 -6.91 -30.34 -24.39
CA TYR E 531 -7.90 -30.10 -23.34
C TYR E 531 -8.94 -29.06 -23.76
N PRO E 532 -8.55 -27.94 -24.39
CA PRO E 532 -9.59 -27.06 -24.97
C PRO E 532 -10.47 -27.76 -25.98
N SER E 533 -9.89 -28.64 -26.81
CA SER E 533 -10.71 -29.38 -27.76
C SER E 533 -11.64 -30.36 -27.06
N ILE E 534 -11.20 -30.98 -25.97
CA ILE E 534 -12.09 -31.84 -25.20
C ILE E 534 -13.27 -31.04 -24.65
N ILE E 535 -12.98 -29.89 -24.06
CA ILE E 535 -14.03 -29.06 -23.46
C ILE E 535 -15.01 -28.61 -24.54
N GLN E 536 -14.50 -28.21 -25.70
CA GLN E 536 -15.38 -27.75 -26.78
C GLN E 536 -16.16 -28.90 -27.39
N GLU E 537 -15.57 -30.10 -27.45
CA GLU E 537 -16.22 -31.24 -28.09
C GLU E 537 -17.36 -31.78 -27.25
N PHE E 538 -17.14 -31.98 -25.96
CA PHE E 538 -18.14 -32.64 -25.12
C PHE E 538 -19.05 -31.68 -24.39
N ASN E 539 -18.97 -30.38 -24.66
CA ASN E 539 -19.89 -29.38 -24.12
C ASN E 539 -19.92 -29.41 -22.59
N ILE E 540 -18.75 -29.16 -22.01
CA ILE E 540 -18.56 -29.22 -20.56
C ILE E 540 -18.54 -27.79 -20.03
N CYS E 541 -19.44 -27.49 -19.09
CA CYS E 541 -19.62 -26.13 -18.62
C CYS E 541 -20.28 -26.19 -17.25
N PHE E 542 -20.22 -25.07 -16.53
CA PHE E 542 -20.88 -24.99 -15.23
C PHE E 542 -22.37 -25.23 -15.35
N THR E 543 -23.00 -24.66 -16.37
CA THR E 543 -24.45 -24.74 -16.51
C THR E 543 -24.89 -26.15 -16.90
N THR E 544 -24.14 -26.80 -17.78
CA THR E 544 -24.64 -28.00 -18.43
C THR E 544 -24.50 -29.25 -17.55
N VAL E 545 -23.30 -29.51 -17.03
CA VAL E 545 -23.05 -30.73 -16.28
C VAL E 545 -23.78 -30.67 -14.95
N GLN E 546 -24.54 -31.73 -14.65
CA GLN E 546 -25.30 -31.82 -13.41
C GLN E 546 -24.47 -32.55 -12.36
N ARG E 547 -24.14 -31.85 -11.28
CA ARG E 547 -23.36 -32.39 -10.19
C ARG E 547 -24.25 -32.57 -8.96
N VAL E 548 -24.19 -33.75 -8.36
CA VAL E 548 -25.00 -34.04 -7.19
C VAL E 548 -24.31 -33.52 -5.93
N GLU E 562 -14.58 -39.97 -4.56
CA GLU E 562 -14.55 -39.26 -5.84
C GLU E 562 -15.28 -40.05 -6.92
N GLN E 563 -16.32 -39.45 -7.49
CA GLN E 563 -17.12 -40.09 -8.54
C GLN E 563 -17.15 -39.18 -9.76
N ILE E 564 -16.88 -39.76 -10.92
CA ILE E 564 -16.91 -39.00 -12.17
C ILE E 564 -18.35 -38.86 -12.62
N PRO E 565 -18.83 -37.64 -12.90
CA PRO E 565 -20.23 -37.47 -13.32
C PRO E 565 -20.51 -38.01 -14.71
N GLU E 566 -21.75 -37.86 -15.16
CA GLU E 566 -22.18 -38.39 -16.44
C GLU E 566 -22.06 -37.31 -17.53
N LEU E 567 -21.84 -37.76 -18.76
CA LEU E 567 -21.68 -36.84 -19.87
C LEU E 567 -22.99 -36.09 -20.14
N PRO E 568 -22.90 -34.86 -20.67
CA PRO E 568 -24.11 -34.09 -20.93
C PRO E 568 -24.94 -34.68 -22.07
N ASP E 569 -26.22 -34.35 -22.06
CA ASP E 569 -27.11 -34.77 -23.13
C ASP E 569 -26.74 -34.06 -24.42
N PRO E 570 -26.52 -34.79 -25.53
CA PRO E 570 -26.04 -34.19 -26.79
C PRO E 570 -27.11 -33.51 -27.63
N SER E 571 -27.92 -32.66 -26.99
CA SER E 571 -28.89 -31.86 -27.72
C SER E 571 -28.98 -30.43 -27.20
N LEU E 572 -28.12 -30.03 -26.29
CA LEU E 572 -28.17 -28.70 -25.69
C LEU E 572 -27.37 -27.71 -26.54
N GLU E 573 -27.16 -26.51 -26.02
CA GLU E 573 -26.39 -25.47 -26.70
C GLU E 573 -25.05 -25.27 -25.99
N MET E 574 -24.16 -24.57 -26.65
CA MET E 574 -22.83 -24.32 -26.08
C MET E 574 -22.93 -23.40 -24.87
N GLY E 575 -22.18 -23.75 -23.83
CA GLY E 575 -22.12 -22.93 -22.63
C GLY E 575 -21.14 -21.78 -22.77
N ILE E 576 -20.97 -21.06 -21.67
CA ILE E 576 -20.07 -19.91 -21.67
C ILE E 576 -18.61 -20.37 -21.82
N LEU E 577 -18.23 -21.39 -21.04
CA LEU E 577 -16.85 -21.88 -21.08
C LEU E 577 -16.44 -22.39 -22.46
N PRO E 578 -17.25 -23.18 -23.17
CA PRO E 578 -16.83 -23.57 -24.54
C PRO E 578 -16.60 -22.38 -25.46
N ARG E 579 -17.43 -21.35 -25.37
CA ARG E 579 -17.25 -20.20 -26.25
C ARG E 579 -16.00 -19.42 -25.91
N GLU E 580 -15.73 -19.21 -24.61
CA GLU E 580 -14.51 -18.52 -24.22
C GLU E 580 -13.27 -19.31 -24.65
N ILE E 581 -13.30 -20.63 -24.46
CA ILE E 581 -12.17 -21.46 -24.87
C ILE E 581 -12.00 -21.41 -26.38
N ARG E 582 -13.11 -21.40 -27.13
CA ARG E 582 -13.02 -21.31 -28.58
C ARG E 582 -12.38 -20.01 -29.02
N LYS E 583 -12.77 -18.89 -28.40
CA LYS E 583 -12.15 -17.61 -28.75
C LYS E 583 -10.66 -17.63 -28.45
N LEU E 584 -10.28 -18.14 -27.27
CA LEU E 584 -8.87 -18.13 -26.89
C LEU E 584 -8.05 -19.04 -27.80
N VAL E 585 -8.60 -20.17 -28.23
CA VAL E 585 -7.84 -21.08 -29.07
C VAL E 585 -7.81 -20.60 -30.52
N GLU E 586 -8.83 -19.85 -30.95
CA GLU E 586 -8.83 -19.29 -32.30
C GLU E 586 -7.97 -18.05 -32.41
N ARG E 587 -7.66 -17.40 -31.30
CA ARG E 587 -6.72 -16.28 -31.35
C ARG E 587 -5.29 -16.72 -31.66
N ARG E 588 -4.98 -18.01 -31.59
CA ARG E 588 -3.63 -18.52 -31.79
C ARG E 588 -3.37 -18.99 -33.22
N LYS E 589 -4.41 -19.42 -33.94
CA LYS E 589 -4.19 -19.91 -35.30
C LYS E 589 -3.70 -18.82 -36.23
N GLN E 590 -4.15 -17.58 -36.01
CA GLN E 590 -3.65 -16.47 -36.83
C GLN E 590 -2.17 -16.24 -36.60
N VAL E 591 -1.72 -16.32 -35.35
CA VAL E 591 -0.30 -16.16 -35.05
C VAL E 591 0.50 -17.29 -35.68
N LYS E 592 -0.03 -18.51 -35.62
CA LYS E 592 0.66 -19.64 -36.28
C LYS E 592 0.74 -19.42 -37.78
N GLN E 593 -0.32 -18.89 -38.39
CA GLN E 593 -0.31 -18.60 -39.82
C GLN E 593 0.75 -17.56 -40.15
N LEU E 594 0.88 -16.53 -39.30
CA LEU E 594 1.94 -15.55 -39.49
C LEU E 594 3.31 -16.21 -39.38
N MET E 595 3.46 -17.15 -38.44
CA MET E 595 4.71 -17.89 -38.30
C MET E 595 5.06 -18.66 -39.57
N LYS E 596 4.06 -19.29 -40.19
CA LYS E 596 4.33 -20.15 -41.33
C LYS E 596 4.91 -19.40 -42.53
N GLN E 597 4.77 -18.08 -42.57
CA GLN E 597 5.34 -17.30 -43.66
C GLN E 597 6.87 -17.33 -43.59
N GLN E 598 7.49 -17.51 -44.74
CA GLN E 598 8.95 -17.59 -44.83
C GLN E 598 9.57 -16.22 -45.04
N ASP E 599 10.90 -16.17 -45.07
CA ASP E 599 11.66 -14.94 -45.26
C ASP E 599 11.35 -13.93 -44.15
N LEU E 600 11.69 -14.31 -42.93
CA LEU E 600 11.46 -13.47 -41.75
C LEU E 600 12.76 -13.34 -40.97
N ASN E 601 12.96 -12.16 -40.39
CA ASN E 601 14.13 -11.94 -39.55
C ASN E 601 14.00 -12.77 -38.27
N PRO E 602 15.12 -13.30 -37.76
CA PRO E 602 15.04 -14.22 -36.60
C PRO E 602 14.40 -13.60 -35.36
N ASP E 603 14.64 -12.31 -35.10
CA ASP E 603 14.08 -11.70 -33.90
C ASP E 603 12.56 -11.65 -33.95
N LEU E 604 11.99 -11.36 -35.12
CA LEU E 604 10.55 -11.36 -35.26
C LEU E 604 9.98 -12.76 -35.04
N ILE E 605 10.68 -13.78 -35.54
CA ILE E 605 10.28 -15.16 -35.31
C ILE E 605 10.27 -15.47 -33.81
N LEU E 606 11.31 -15.02 -33.10
CA LEU E 606 11.37 -15.26 -31.66
C LEU E 606 10.22 -14.58 -30.93
N GLN E 607 9.92 -13.33 -31.31
CA GLN E 607 8.82 -12.62 -30.66
C GLN E 607 7.48 -13.33 -30.92
N TYR E 608 7.26 -13.77 -32.16
CA TYR E 608 6.02 -14.46 -32.47
C TYR E 608 5.92 -15.78 -31.71
N ASP E 609 7.03 -16.51 -31.59
CA ASP E 609 7.03 -17.75 -30.83
C ASP E 609 6.68 -17.49 -29.36
N ILE E 610 7.26 -16.45 -28.78
CA ILE E 610 6.96 -16.11 -27.39
C ILE E 610 5.49 -15.77 -27.24
N ARG E 611 4.94 -15.00 -28.18
CA ARG E 611 3.52 -14.63 -28.10
C ARG E 611 2.62 -15.84 -28.17
N GLN E 612 2.91 -16.76 -29.10
CA GLN E 612 2.08 -17.96 -29.23
C GLN E 612 2.17 -18.84 -27.98
N LYS E 613 3.38 -18.98 -27.42
CA LYS E 613 3.52 -19.75 -26.19
C LYS E 613 2.73 -19.11 -25.05
N ALA E 614 2.75 -17.78 -24.97
CA ALA E 614 1.98 -17.10 -23.93
C ALA E 614 0.49 -17.36 -24.07
N LEU E 615 -0.02 -17.32 -25.32
CA LEU E 615 -1.44 -17.60 -25.51
C LEU E 615 -1.79 -19.03 -25.12
N LYS E 616 -0.94 -19.99 -25.49
CA LYS E 616 -1.18 -21.38 -25.10
C LYS E 616 -1.19 -21.53 -23.59
N LEU E 617 -0.25 -20.89 -22.91
CA LEU E 617 -0.20 -20.96 -21.46
C LEU E 617 -1.44 -20.34 -20.83
N THR E 618 -1.94 -19.25 -21.41
CA THR E 618 -3.16 -18.64 -20.90
C THR E 618 -4.35 -19.59 -21.02
N ALA E 619 -4.49 -20.26 -22.16
CA ALA E 619 -5.59 -21.21 -22.31
C ALA E 619 -5.46 -22.37 -21.32
N ASN E 620 -4.25 -22.90 -21.15
CA ASN E 620 -4.05 -24.00 -20.22
C ASN E 620 -4.34 -23.56 -18.78
N SER E 621 -3.96 -22.33 -18.43
CA SER E 621 -4.28 -21.80 -17.10
C SER E 621 -5.78 -21.67 -16.90
N MET E 622 -6.50 -21.24 -17.95
CA MET E 622 -7.95 -21.18 -17.87
C MET E 622 -8.52 -22.56 -17.58
N TYR E 623 -7.97 -23.60 -18.21
CA TYR E 623 -8.40 -24.95 -17.86
C TYR E 623 -8.08 -25.27 -16.41
N GLY E 624 -6.85 -25.01 -15.99
CA GLY E 624 -6.35 -25.50 -14.71
C GLY E 624 -6.92 -24.80 -13.51
N CYS E 625 -7.44 -23.58 -13.68
CA CYS E 625 -8.00 -22.86 -12.54
C CYS E 625 -9.21 -23.57 -11.95
N LEU E 626 -9.80 -24.53 -12.67
CA LEU E 626 -10.94 -25.28 -12.14
C LEU E 626 -10.55 -26.19 -10.98
N GLY E 627 -9.25 -26.46 -10.80
CA GLY E 627 -8.79 -27.27 -9.69
C GLY E 627 -8.21 -26.50 -8.53
N PHE E 628 -8.11 -25.18 -8.62
CA PHE E 628 -7.54 -24.39 -7.54
C PHE E 628 -8.48 -24.37 -6.35
N SER E 629 -7.95 -24.67 -5.17
CA SER E 629 -8.80 -24.77 -3.99
C SER E 629 -9.31 -23.41 -3.54
N TYR E 630 -8.46 -22.38 -3.62
CA TYR E 630 -8.82 -21.05 -3.17
C TYR E 630 -9.48 -20.20 -4.25
N SER E 631 -9.73 -20.77 -5.43
CA SER E 631 -10.28 -20.01 -6.53
C SER E 631 -11.74 -19.66 -6.26
N ARG E 632 -12.22 -18.66 -7.00
CA ARG E 632 -13.62 -18.24 -6.89
C ARG E 632 -14.58 -19.20 -7.59
N PHE E 633 -14.06 -20.07 -8.46
CA PHE E 633 -14.87 -20.99 -9.25
C PHE E 633 -14.38 -22.42 -9.07
N TYR E 634 -14.16 -22.82 -7.82
CA TYR E 634 -13.67 -24.16 -7.52
C TYR E 634 -14.69 -25.21 -7.92
N ALA E 635 -14.25 -26.19 -8.70
CA ALA E 635 -15.12 -27.29 -9.12
C ALA E 635 -14.24 -28.46 -9.49
N LYS E 636 -14.24 -29.50 -8.64
CA LYS E 636 -13.33 -30.61 -8.86
C LYS E 636 -13.80 -31.58 -9.95
N PRO E 637 -15.06 -32.03 -9.95
CA PRO E 637 -15.47 -32.99 -10.99
C PRO E 637 -15.31 -32.47 -12.40
N LEU E 638 -15.43 -31.15 -12.58
CA LEU E 638 -15.34 -30.57 -13.92
C LEU E 638 -14.00 -30.85 -14.57
N ALA E 639 -12.94 -31.04 -13.77
CA ALA E 639 -11.63 -31.38 -14.31
C ALA E 639 -11.37 -32.89 -14.32
N ALA E 640 -11.93 -33.61 -13.34
CA ALA E 640 -11.80 -35.06 -13.34
C ALA E 640 -12.42 -35.67 -14.60
N LEU E 641 -13.56 -35.12 -15.03
CA LEU E 641 -14.18 -35.60 -16.26
C LEU E 641 -13.26 -35.39 -17.46
N VAL E 642 -12.63 -34.22 -17.54
CA VAL E 642 -11.75 -33.92 -18.66
C VAL E 642 -10.57 -34.89 -18.68
N THR E 643 -9.95 -35.11 -17.53
CA THR E 643 -8.81 -36.02 -17.47
C THR E 643 -9.22 -37.45 -17.82
N TYR E 644 -10.38 -37.88 -17.34
CA TYR E 644 -10.87 -39.23 -17.66
C TYR E 644 -11.10 -39.39 -19.16
N LYS E 645 -11.71 -38.40 -19.80
CA LYS E 645 -11.89 -38.47 -21.24
C LYS E 645 -10.55 -38.48 -21.96
N GLY E 646 -9.57 -37.74 -21.46
CA GLY E 646 -8.25 -37.76 -22.07
C GLY E 646 -7.61 -39.14 -22.03
N ARG E 647 -7.67 -39.79 -20.87
CA ARG E 647 -7.13 -41.14 -20.76
C ARG E 647 -7.86 -42.11 -21.69
N GLU E 648 -9.20 -42.00 -21.76
CA GLU E 648 -9.96 -42.89 -22.62
C GLU E 648 -9.58 -42.70 -24.09
N ILE E 649 -9.41 -41.44 -24.51
CA ILE E 649 -9.04 -41.17 -25.90
C ILE E 649 -7.65 -41.72 -26.19
N LEU E 650 -6.73 -41.58 -25.24
CA LEU E 650 -5.39 -42.14 -25.47
C LEU E 650 -5.44 -43.65 -25.61
N MET E 651 -6.21 -44.32 -24.76
CA MET E 651 -6.37 -45.77 -24.90
C MET E 651 -6.92 -46.15 -26.27
N HIS E 652 -7.99 -45.45 -26.70
CA HIS E 652 -8.61 -45.78 -27.98
C HIS E 652 -7.64 -45.56 -29.13
N THR E 653 -6.90 -44.46 -29.10
CA THR E 653 -5.92 -44.19 -30.16
C THR E 653 -4.83 -45.25 -30.19
N LYS E 654 -4.33 -45.65 -29.01
CA LYS E 654 -3.28 -46.67 -28.99
C LYS E 654 -3.78 -47.98 -29.55
N GLU E 655 -5.00 -48.40 -29.16
CA GLU E 655 -5.54 -49.65 -29.70
C GLU E 655 -5.75 -49.56 -31.21
N MET E 656 -6.26 -48.42 -31.69
CA MET E 656 -6.49 -48.27 -33.12
C MET E 656 -5.18 -48.33 -33.90
N VAL E 657 -4.13 -47.69 -33.39
CA VAL E 657 -2.84 -47.73 -34.08
C VAL E 657 -2.26 -49.14 -34.05
N GLN E 658 -2.34 -49.82 -32.91
CA GLN E 658 -1.83 -51.19 -32.84
C GLN E 658 -2.61 -52.15 -33.73
N LYS E 659 -3.87 -51.83 -34.05
CA LYS E 659 -4.65 -52.70 -34.92
C LYS E 659 -4.08 -52.79 -36.34
N MET E 660 -3.32 -51.78 -36.78
CA MET E 660 -2.81 -51.72 -38.14
C MET E 660 -1.46 -52.41 -38.30
N ASN E 661 -1.13 -53.36 -37.44
CA ASN E 661 0.13 -54.11 -37.51
C ASN E 661 1.34 -53.16 -37.46
N LEU E 662 1.30 -52.23 -36.52
CA LEU E 662 2.40 -51.32 -36.27
C LEU E 662 2.83 -51.40 -34.82
N GLU E 663 4.11 -51.18 -34.57
CA GLU E 663 4.69 -51.30 -33.24
C GLU E 663 4.74 -49.95 -32.56
N VAL E 664 4.19 -49.89 -31.35
CA VAL E 664 4.13 -48.66 -30.56
C VAL E 664 5.10 -48.79 -29.39
N ILE E 665 5.94 -47.77 -29.21
CA ILE E 665 6.96 -47.82 -28.18
C ILE E 665 6.83 -46.73 -27.12
N TYR E 666 6.09 -45.66 -27.37
CA TYR E 666 6.03 -44.57 -26.40
C TYR E 666 4.80 -43.71 -26.65
N GLY E 667 4.43 -42.96 -25.62
CA GLY E 667 3.33 -42.02 -25.69
C GLY E 667 3.14 -41.29 -24.38
N ASP E 668 2.95 -39.97 -24.42
CA ASP E 668 2.87 -39.15 -23.21
C ASP E 668 1.59 -38.30 -23.27
N THR E 669 0.47 -38.93 -22.90
CA THR E 669 -0.87 -38.42 -22.58
C THR E 669 -1.54 -37.70 -23.74
N ASP E 670 -0.80 -37.41 -24.80
CA ASP E 670 -1.43 -36.94 -26.03
C ASP E 670 -0.73 -37.37 -27.32
N SER E 671 0.33 -38.16 -27.25
CA SER E 671 1.18 -38.41 -28.41
C SER E 671 1.43 -39.90 -28.57
N ILE E 672 1.92 -40.26 -29.76
CA ILE E 672 2.18 -41.66 -30.10
C ILE E 672 3.50 -41.73 -30.85
N MET E 673 4.35 -42.68 -30.47
CA MET E 673 5.58 -42.99 -31.18
C MET E 673 5.41 -44.28 -31.97
N ILE E 674 5.75 -44.25 -33.25
CA ILE E 674 5.61 -45.41 -34.13
C ILE E 674 6.98 -45.76 -34.69
N ASN E 675 7.36 -47.02 -34.60
CA ASN E 675 8.61 -47.52 -35.17
C ASN E 675 8.28 -48.13 -36.53
N THR E 676 8.53 -47.38 -37.60
CA THR E 676 8.17 -47.85 -38.93
C THR E 676 9.10 -48.95 -39.41
N ASN E 677 10.35 -48.98 -38.92
CA ASN E 677 11.36 -49.95 -39.34
C ASN E 677 11.59 -49.89 -40.84
N SER E 678 11.94 -48.69 -41.31
CA SER E 678 12.14 -48.44 -42.73
C SER E 678 13.30 -47.47 -42.90
N THR E 679 13.64 -47.20 -44.14
CA THR E 679 14.69 -46.25 -44.49
C THR E 679 14.22 -45.21 -45.49
N ASN E 680 13.37 -45.57 -46.43
CA ASN E 680 12.86 -44.62 -47.41
C ASN E 680 11.97 -43.59 -46.73
N LEU E 681 12.23 -42.31 -47.00
CA LEU E 681 11.52 -41.24 -46.32
C LEU E 681 10.09 -41.08 -46.84
N GLU E 682 9.88 -41.21 -48.16
CA GLU E 682 8.56 -41.03 -48.74
C GLU E 682 7.58 -42.07 -48.21
N GLU E 683 8.05 -43.30 -47.99
CA GLU E 683 7.20 -44.32 -47.40
C GLU E 683 6.73 -43.91 -46.01
N VAL E 684 7.64 -43.37 -45.21
CA VAL E 684 7.28 -42.90 -43.86
C VAL E 684 6.27 -41.77 -43.94
N PHE E 685 6.49 -40.83 -44.86
CA PHE E 685 5.55 -39.71 -45.01
C PHE E 685 4.18 -40.21 -45.40
N LYS E 686 4.10 -41.15 -46.34
CA LYS E 686 2.82 -41.69 -46.77
C LYS E 686 2.13 -42.44 -45.64
N LEU E 687 2.88 -43.22 -44.87
CA LEU E 687 2.30 -43.95 -43.76
C LEU E 687 1.75 -42.99 -42.70
N GLY E 688 2.50 -41.94 -42.39
CA GLY E 688 2.01 -40.95 -41.44
C GLY E 688 0.76 -40.25 -41.94
N ASN E 689 0.74 -39.90 -43.22
CA ASN E 689 -0.45 -39.26 -43.78
C ASN E 689 -1.66 -40.19 -43.71
N LYS E 690 -1.46 -41.47 -44.01
CA LYS E 690 -2.57 -42.42 -43.94
C LYS E 690 -3.09 -42.57 -42.51
N VAL E 691 -2.17 -42.66 -41.54
CA VAL E 691 -2.60 -42.80 -40.15
C VAL E 691 -3.36 -41.56 -39.70
N LYS E 692 -2.86 -40.38 -40.06
CA LYS E 692 -3.54 -39.13 -39.69
C LYS E 692 -4.93 -39.07 -40.32
N SER E 693 -5.05 -39.44 -41.59
CA SER E 693 -6.36 -39.42 -42.25
C SER E 693 -7.32 -40.40 -41.60
N GLU E 694 -6.84 -41.59 -41.25
CA GLU E 694 -7.71 -42.57 -40.61
C GLU E 694 -8.18 -42.09 -39.24
N VAL E 695 -7.28 -41.50 -38.46
CA VAL E 695 -7.66 -41.05 -37.11
C VAL E 695 -8.61 -39.88 -37.17
N ASN E 696 -8.33 -38.89 -38.03
CA ASN E 696 -9.17 -37.70 -38.11
C ASN E 696 -10.57 -38.00 -38.63
N LYS E 697 -10.76 -39.15 -39.29
CA LYS E 697 -12.07 -39.49 -39.85
C LYS E 697 -13.14 -39.66 -38.79
N LEU E 698 -12.75 -39.91 -37.53
CA LEU E 698 -13.71 -40.27 -36.49
C LEU E 698 -14.29 -39.05 -35.79
N TYR E 699 -13.43 -38.23 -35.19
CA TYR E 699 -13.90 -37.14 -34.33
C TYR E 699 -14.40 -35.95 -35.16
N LYS E 700 -14.98 -34.98 -34.47
CA LYS E 700 -15.54 -33.79 -35.10
C LYS E 700 -14.58 -32.61 -35.04
N LEU E 701 -14.13 -32.24 -33.83
CA LEU E 701 -13.22 -31.12 -33.66
C LEU E 701 -11.79 -31.54 -33.39
N LEU E 702 -11.58 -32.75 -32.86
CA LEU E 702 -10.23 -33.21 -32.56
C LEU E 702 -9.44 -33.41 -33.84
N GLU E 703 -8.16 -33.04 -33.80
CA GLU E 703 -7.27 -33.19 -34.94
C GLU E 703 -5.92 -33.72 -34.48
N ILE E 704 -5.23 -34.40 -35.39
CA ILE E 704 -3.93 -34.99 -35.13
C ILE E 704 -2.96 -34.50 -36.20
N ASP E 705 -1.67 -34.56 -35.89
CA ASP E 705 -0.67 -34.09 -36.84
C ASP E 705 0.65 -34.77 -36.59
N ILE E 706 1.51 -34.72 -37.61
CA ILE E 706 2.88 -35.22 -37.50
C ILE E 706 3.70 -34.16 -36.78
N ASP E 707 4.34 -34.53 -35.67
CA ASP E 707 5.15 -33.59 -34.91
C ASP E 707 6.64 -33.70 -35.20
N GLY E 708 7.07 -34.76 -35.86
CA GLY E 708 8.47 -34.89 -36.21
C GLY E 708 8.84 -36.28 -36.67
N VAL E 709 9.99 -36.41 -37.31
CA VAL E 709 10.50 -37.69 -37.78
C VAL E 709 11.93 -37.81 -37.27
N PHE E 710 12.20 -38.85 -36.50
CA PHE E 710 13.50 -39.03 -35.86
C PHE E 710 14.31 -40.07 -36.65
N LYS E 711 15.56 -39.71 -36.96
CA LYS E 711 16.42 -40.63 -37.70
C LYS E 711 16.96 -41.74 -36.80
N SER E 712 17.25 -41.42 -35.53
CA SER E 712 17.70 -42.42 -34.58
C SER E 712 17.37 -41.93 -33.17
N LEU E 713 16.95 -42.84 -32.30
CA LEU E 713 16.41 -42.47 -31.00
C LEU E 713 17.08 -43.28 -29.90
N LEU E 714 17.42 -42.61 -28.80
CA LEU E 714 17.95 -43.27 -27.60
C LEU E 714 16.98 -42.99 -26.47
N LEU E 715 16.25 -44.01 -26.04
CA LEU E 715 15.22 -43.89 -25.01
C LEU E 715 15.74 -44.49 -23.72
N LEU E 716 15.60 -43.75 -22.61
CA LEU E 716 16.14 -44.22 -21.33
C LEU E 716 15.05 -44.62 -20.35
N LYS E 717 14.11 -43.71 -20.08
CA LYS E 717 13.04 -43.96 -19.12
C LYS E 717 11.83 -43.17 -19.58
N LYS E 718 10.85 -43.01 -18.69
CA LYS E 718 9.71 -42.16 -19.01
C LYS E 718 10.15 -40.70 -19.03
N LYS E 719 9.79 -40.01 -20.11
CA LYS E 719 10.11 -38.59 -20.31
C LYS E 719 11.61 -38.35 -20.37
N LYS E 720 12.38 -39.32 -20.85
CA LYS E 720 13.85 -39.18 -20.93
C LYS E 720 14.34 -39.84 -22.21
N TYR E 721 14.75 -39.01 -23.17
CA TYR E 721 15.25 -39.54 -24.44
C TYR E 721 16.07 -38.48 -25.16
N ALA E 722 16.72 -38.91 -26.23
CA ALA E 722 17.48 -38.02 -27.08
C ALA E 722 17.39 -38.51 -28.52
N ALA E 723 17.32 -37.57 -29.46
CA ALA E 723 17.09 -37.97 -30.84
C ALA E 723 17.60 -36.91 -31.81
N LEU E 724 17.74 -37.32 -33.06
CA LEU E 724 18.07 -36.42 -34.16
C LEU E 724 16.78 -36.08 -34.91
N VAL E 725 16.38 -34.82 -34.85
CA VAL E 725 15.19 -34.35 -35.53
C VAL E 725 15.54 -34.03 -36.96
N VAL E 726 14.74 -34.54 -37.90
CA VAL E 726 14.95 -34.33 -39.32
C VAL E 726 14.21 -33.07 -39.73
N GLU E 727 14.95 -32.10 -40.26
CA GLU E 727 14.38 -30.87 -40.82
C GLU E 727 14.46 -30.97 -42.33
N PRO E 728 13.33 -31.12 -43.02
CA PRO E 728 13.34 -31.25 -44.48
C PRO E 728 13.55 -29.91 -45.16
N THR E 729 14.71 -29.73 -45.76
CA THR E 729 14.99 -28.58 -46.62
C THR E 729 14.70 -28.88 -48.10
N SER E 730 14.25 -30.10 -48.40
CA SER E 730 13.94 -30.53 -49.75
C SER E 730 15.19 -30.39 -50.63
N ASP E 731 15.00 -30.27 -51.94
CA ASP E 731 16.10 -30.13 -52.90
C ASP E 731 17.09 -31.28 -52.79
N GLY E 732 16.59 -32.47 -52.46
CA GLY E 732 17.44 -33.65 -52.38
C GLY E 732 18.27 -33.79 -51.13
N ASN E 733 17.98 -33.02 -50.09
CA ASN E 733 18.76 -33.11 -48.85
C ASN E 733 17.92 -32.63 -47.68
N TYR E 734 18.31 -33.06 -46.48
CA TYR E 734 17.67 -32.68 -45.24
C TYR E 734 18.74 -32.53 -44.17
N VAL E 735 18.41 -31.80 -43.11
CA VAL E 735 19.39 -31.46 -42.07
C VAL E 735 18.93 -32.06 -40.75
N THR E 736 19.84 -32.71 -40.04
CA THR E 736 19.52 -33.32 -38.75
C THR E 736 20.02 -32.43 -37.62
N LYS E 737 19.20 -32.29 -36.58
CA LYS E 737 19.52 -31.44 -35.44
C LYS E 737 19.36 -32.20 -34.14
N GLN E 738 20.26 -31.95 -33.19
CA GLN E 738 20.21 -32.63 -31.90
C GLN E 738 19.00 -32.19 -31.10
N GLU E 739 18.41 -33.12 -30.35
CA GLU E 739 17.31 -32.82 -29.44
C GLU E 739 17.40 -33.70 -28.22
N LEU E 740 17.18 -33.11 -27.04
CA LEU E 740 17.21 -33.80 -25.77
C LEU E 740 15.90 -33.54 -25.04
N LYS E 741 15.46 -34.51 -24.25
CA LYS E 741 14.21 -34.35 -23.50
C LYS E 741 14.39 -35.05 -22.14
N GLY E 742 14.48 -34.25 -21.08
CA GLY E 742 14.44 -34.74 -19.72
C GLY E 742 15.74 -35.25 -19.16
N LEU E 743 16.83 -35.17 -19.90
CA LEU E 743 18.09 -35.74 -19.45
C LEU E 743 18.68 -34.91 -18.31
N ASP E 744 19.80 -35.39 -17.77
CA ASP E 744 20.58 -34.63 -16.80
C ASP E 744 21.63 -33.76 -17.49
N ILE E 745 21.18 -33.04 -18.51
CA ILE E 745 22.02 -32.13 -19.27
C ILE E 745 21.33 -30.78 -19.27
N VAL E 746 20.00 -30.80 -19.12
CA VAL E 746 19.21 -29.58 -19.07
C VAL E 746 18.91 -29.13 -17.65
N ARG E 747 19.20 -29.95 -16.64
CA ARG E 747 18.97 -29.55 -15.26
C ARG E 747 20.00 -28.50 -14.84
N ARG E 748 19.62 -27.68 -13.87
CA ARG E 748 20.46 -26.58 -13.41
C ARG E 748 21.27 -26.92 -12.16
N ASP E 749 21.16 -28.14 -11.64
CA ASP E 749 21.81 -28.49 -10.38
C ASP E 749 23.00 -29.44 -10.56
N TRP E 750 23.54 -29.54 -11.77
CA TRP E 750 24.75 -30.32 -12.02
C TRP E 750 25.85 -29.39 -12.52
N CYS E 751 27.09 -29.76 -12.24
CA CYS E 751 28.23 -28.95 -12.66
C CYS E 751 28.36 -28.94 -14.18
N ASP E 752 29.00 -27.90 -14.69
CA ASP E 752 29.14 -27.75 -16.14
C ASP E 752 30.03 -28.84 -16.73
N LEU E 753 31.01 -29.33 -15.97
CA LEU E 753 31.91 -30.36 -16.49
C LEU E 753 31.14 -31.64 -16.82
N ALA E 754 30.28 -32.08 -15.91
CA ALA E 754 29.49 -33.29 -16.14
C ALA E 754 28.54 -33.09 -17.32
N LYS E 755 27.94 -31.92 -17.43
CA LYS E 755 27.03 -31.66 -18.54
C LYS E 755 27.76 -31.71 -19.88
N ASP E 756 28.95 -31.11 -19.94
CA ASP E 756 29.73 -31.14 -21.17
C ASP E 756 30.14 -32.57 -21.53
N THR E 757 30.59 -33.35 -20.55
CA THR E 757 30.99 -34.72 -20.83
C THR E 757 29.81 -35.55 -21.31
N GLY E 758 28.66 -35.40 -20.67
CA GLY E 758 27.47 -36.13 -21.10
C GLY E 758 27.03 -35.73 -22.50
N ASN E 759 27.10 -34.43 -22.82
CA ASN E 759 26.75 -33.99 -24.16
C ASN E 759 27.69 -34.60 -25.20
N PHE E 760 28.99 -34.63 -24.91
CA PHE E 760 29.93 -35.24 -25.86
C PHE E 760 29.64 -36.71 -26.05
N VAL E 761 29.41 -37.44 -24.95
CA VAL E 761 29.17 -38.88 -25.06
C VAL E 761 27.91 -39.15 -25.85
N ILE E 762 26.84 -38.40 -25.57
CA ILE E 762 25.58 -38.65 -26.28
C ILE E 762 25.67 -38.22 -27.73
N GLY E 763 26.51 -37.23 -28.04
CA GLY E 763 26.75 -36.90 -29.43
C GLY E 763 27.49 -38.01 -30.16
N GLN E 764 28.45 -38.64 -29.48
CA GLN E 764 29.17 -39.76 -30.07
C GLN E 764 28.26 -40.97 -30.28
N ILE E 765 27.36 -41.23 -29.33
CA ILE E 765 26.52 -42.42 -29.42
C ILE E 765 25.60 -42.35 -30.64
N LEU E 766 24.97 -41.20 -30.86
CA LEU E 766 24.02 -41.06 -31.95
C LEU E 766 24.67 -40.98 -33.32
N SER E 767 26.00 -40.86 -33.38
CA SER E 767 26.68 -40.75 -34.66
C SER E 767 26.60 -42.07 -35.43
N ASP E 768 26.90 -42.00 -36.73
CA ASP E 768 26.84 -43.16 -37.61
C ASP E 768 28.27 -43.68 -37.79
N GLN E 769 28.68 -44.55 -36.87
CA GLN E 769 30.00 -45.17 -36.93
C GLN E 769 29.90 -46.57 -36.35
N SER E 770 31.00 -47.32 -36.45
CA SER E 770 31.04 -48.65 -35.85
C SER E 770 31.08 -48.54 -34.34
N ARG E 771 30.54 -49.57 -33.68
CA ARG E 771 30.41 -49.53 -32.22
C ARG E 771 31.78 -49.51 -31.55
N ASP E 772 32.74 -50.26 -32.09
CA ASP E 772 34.06 -50.32 -31.48
C ASP E 772 34.75 -48.96 -31.49
N THR E 773 34.60 -48.22 -32.60
CA THR E 773 35.15 -46.86 -32.64
C THR E 773 34.51 -45.98 -31.59
N ILE E 774 33.20 -46.13 -31.40
CA ILE E 774 32.50 -45.37 -30.36
C ILE E 774 33.08 -45.68 -28.99
N VAL E 775 33.29 -46.96 -28.70
CA VAL E 775 33.83 -47.36 -27.40
C VAL E 775 35.24 -46.79 -27.20
N GLU E 776 36.08 -46.90 -28.23
CA GLU E 776 37.45 -46.41 -28.10
C GLU E 776 37.49 -44.89 -27.91
N ASN E 777 36.66 -44.15 -28.67
CA ASN E 777 36.63 -42.71 -28.52
C ASN E 777 36.13 -42.31 -27.13
N ILE E 778 35.11 -43.01 -26.64
CA ILE E 778 34.59 -42.71 -25.31
C ILE E 778 35.66 -42.96 -24.26
N GLN E 779 36.39 -44.07 -24.38
CA GLN E 779 37.43 -44.38 -23.41
C GLN E 779 38.54 -43.33 -23.45
N LYS E 780 38.96 -42.92 -24.64
CA LYS E 780 40.01 -41.90 -24.75
C LYS E 780 39.56 -40.58 -24.15
N ARG E 781 38.31 -40.18 -24.42
CA ARG E 781 37.81 -38.93 -23.86
C ARG E 781 37.74 -39.00 -22.34
N LEU E 782 37.31 -40.13 -21.80
CA LEU E 782 37.24 -40.25 -20.35
C LEU E 782 38.62 -40.23 -19.72
N ILE E 783 39.60 -40.88 -20.35
CA ILE E 783 40.95 -40.87 -19.79
C ILE E 783 41.53 -39.45 -19.83
N GLU E 784 41.26 -38.71 -20.90
CA GLU E 784 41.74 -37.33 -20.98
C GLU E 784 41.07 -36.47 -19.93
N ILE E 785 39.77 -36.64 -19.73
CA ILE E 785 39.05 -35.86 -18.71
C ILE E 785 39.61 -36.16 -17.33
N GLY E 786 39.83 -37.44 -17.02
CA GLY E 786 40.38 -37.79 -15.72
C GLY E 786 41.76 -37.21 -15.49
N GLU E 787 42.63 -37.32 -16.50
CA GLU E 787 43.98 -36.76 -16.36
C GLU E 787 43.93 -35.25 -16.17
N ASN E 788 43.09 -34.57 -16.94
CA ASN E 788 43.02 -33.11 -16.85
C ASN E 788 42.49 -32.69 -15.48
N VAL E 789 41.45 -33.37 -14.98
CA VAL E 789 40.91 -33.01 -13.68
C VAL E 789 41.93 -33.26 -12.58
N LEU E 790 42.67 -34.37 -12.66
CA LEU E 790 43.71 -34.62 -11.67
C LEU E 790 44.78 -33.53 -11.73
N ASN E 791 45.17 -33.12 -12.93
CA ASN E 791 46.20 -32.10 -13.08
C ASN E 791 45.76 -30.73 -12.61
N GLY E 792 44.46 -30.50 -12.45
CA GLY E 792 43.98 -29.21 -11.99
C GLY E 792 44.08 -28.10 -13.01
N SER E 793 44.03 -28.43 -14.30
CA SER E 793 44.15 -27.43 -15.35
C SER E 793 42.81 -26.79 -15.74
N VAL E 794 41.69 -27.32 -15.27
CA VAL E 794 40.38 -26.79 -15.61
C VAL E 794 40.18 -25.42 -14.97
N PRO E 795 39.42 -24.52 -15.59
CA PRO E 795 39.12 -23.25 -14.96
C PRO E 795 38.25 -23.43 -13.73
N VAL E 796 38.30 -22.44 -12.84
CA VAL E 796 37.51 -22.49 -11.61
C VAL E 796 36.02 -22.41 -11.95
N SER E 797 35.67 -21.67 -13.00
CA SER E 797 34.26 -21.41 -13.31
C SER E 797 33.49 -22.69 -13.61
N GLN E 798 34.15 -23.72 -14.13
CA GLN E 798 33.47 -24.97 -14.46
C GLN E 798 33.38 -25.90 -13.26
N PHE E 799 33.03 -25.35 -12.11
CA PHE E 799 32.81 -26.17 -10.92
C PHE E 799 31.58 -25.79 -10.13
N GLU E 800 30.83 -24.78 -10.54
CA GLU E 800 29.75 -24.27 -9.71
C GLU E 800 28.50 -25.12 -9.82
N ILE E 801 27.70 -25.11 -8.77
CA ILE E 801 26.40 -25.77 -8.73
C ILE E 801 25.37 -24.72 -8.32
N ASN E 802 24.28 -24.63 -9.08
CA ASN E 802 23.25 -23.63 -8.86
C ASN E 802 21.99 -24.29 -8.28
N LYS E 803 21.42 -23.67 -7.25
CA LYS E 803 20.16 -24.12 -6.69
C LYS E 803 19.31 -22.91 -6.36
N ALA E 804 18.03 -23.14 -6.08
CA ALA E 804 17.13 -22.06 -5.70
C ALA E 804 16.44 -22.38 -4.39
N LEU E 805 15.98 -21.32 -3.72
CA LEU E 805 15.34 -21.45 -2.41
C LEU E 805 13.84 -21.25 -2.56
N THR E 806 13.07 -22.22 -2.04
CA THR E 806 11.62 -22.09 -2.04
C THR E 806 11.12 -21.14 -0.96
N LYS E 807 11.81 -21.09 0.18
CA LYS E 807 11.42 -20.27 1.31
C LYS E 807 12.58 -19.36 1.68
N ASP E 808 12.38 -18.55 2.72
CA ASP E 808 13.43 -17.67 3.20
C ASP E 808 14.53 -18.48 3.88
N PRO E 809 15.77 -17.99 3.85
CA PRO E 809 16.88 -18.78 4.42
C PRO E 809 16.77 -19.05 5.90
N GLN E 810 16.00 -18.26 6.66
CA GLN E 810 15.90 -18.42 8.09
C GLN E 810 14.81 -19.41 8.51
N ASP E 811 14.08 -19.99 7.56
CA ASP E 811 12.94 -20.84 7.86
C ASP E 811 13.26 -22.33 7.72
N TYR E 812 14.52 -22.70 7.58
CA TYR E 812 14.89 -24.09 7.42
C TYR E 812 15.42 -24.62 8.76
N PRO E 813 14.69 -25.51 9.43
CA PRO E 813 15.21 -26.06 10.69
C PRO E 813 16.50 -26.86 10.54
N ASP E 814 16.70 -27.51 9.40
CA ASP E 814 17.81 -28.43 9.20
C ASP E 814 18.91 -27.81 8.35
N LYS E 815 19.23 -26.53 8.59
CA LYS E 815 20.26 -25.83 7.84
C LYS E 815 21.63 -26.49 7.93
N LYS E 816 21.82 -27.44 8.84
CA LYS E 816 23.13 -28.07 9.01
C LYS E 816 23.56 -28.82 7.76
N SER E 817 22.65 -29.56 7.14
CA SER E 817 22.98 -30.42 6.01
C SER E 817 22.62 -29.82 4.65
N LEU E 818 22.09 -28.60 4.62
CA LEU E 818 21.69 -27.99 3.36
C LEU E 818 22.77 -27.02 2.90
N PRO E 819 23.45 -27.29 1.78
CA PRO E 819 24.53 -26.37 1.37
C PRO E 819 24.02 -25.05 0.81
N HIS E 820 22.99 -25.09 -0.05
CA HIS E 820 22.50 -23.85 -0.64
C HIS E 820 21.77 -22.97 0.35
N VAL E 821 21.43 -23.49 1.53
CA VAL E 821 20.92 -22.66 2.61
C VAL E 821 22.06 -22.08 3.44
N HIS E 822 23.10 -22.88 3.67
CA HIS E 822 24.27 -22.40 4.42
C HIS E 822 24.93 -21.24 3.71
N VAL E 823 25.16 -21.37 2.40
CA VAL E 823 25.80 -20.30 1.64
C VAL E 823 24.92 -19.06 1.61
N ALA E 824 23.61 -19.25 1.45
CA ALA E 824 22.69 -18.12 1.44
C ALA E 824 22.71 -17.38 2.77
N LEU E 825 22.71 -18.12 3.88
CA LEU E 825 22.77 -17.47 5.18
C LEU E 825 24.08 -16.73 5.37
N TRP E 826 25.19 -17.31 4.91
CA TRP E 826 26.48 -16.62 5.01
C TRP E 826 26.47 -15.32 4.21
N ILE E 827 25.92 -15.36 3.00
CA ILE E 827 25.87 -14.16 2.16
C ILE E 827 24.99 -13.10 2.82
N ASN E 828 23.84 -13.50 3.35
CA ASN E 828 22.96 -12.55 4.01
C ASN E 828 23.61 -11.92 5.22
N SER E 829 24.32 -12.72 6.02
CA SER E 829 24.94 -12.20 7.24
C SER E 829 26.18 -11.36 6.98
N GLN E 830 26.88 -11.59 5.87
CA GLN E 830 28.15 -10.90 5.65
C GLN E 830 27.94 -9.47 5.16
N GLY E 831 27.33 -9.32 3.98
CA GLY E 831 27.24 -8.00 3.37
C GLY E 831 25.82 -7.53 3.16
N GLY E 832 25.41 -7.38 1.90
CA GLY E 832 24.09 -6.92 1.54
C GLY E 832 23.48 -7.77 0.44
N ARG E 833 22.67 -7.10 -0.38
CA ARG E 833 21.95 -7.66 -1.53
C ARG E 833 20.83 -8.60 -1.09
N LYS E 834 20.78 -8.93 0.20
CA LYS E 834 19.63 -9.53 0.87
C LYS E 834 18.92 -10.57 0.00
N VAL E 835 19.64 -11.66 -0.28
CA VAL E 835 19.05 -12.74 -1.09
C VAL E 835 17.81 -13.27 -0.40
N LYS E 836 16.75 -13.47 -1.18
CA LYS E 836 15.46 -13.88 -0.65
C LYS E 836 14.89 -15.04 -1.44
N ALA E 837 13.63 -15.39 -1.17
CA ALA E 837 13.00 -16.51 -1.85
C ALA E 837 12.89 -16.24 -3.34
N GLY E 838 13.20 -17.27 -4.15
CA GLY E 838 13.16 -17.19 -5.58
C GLY E 838 14.51 -16.95 -6.24
N ASP E 839 15.48 -16.47 -5.49
CA ASP E 839 16.82 -16.23 -6.03
C ASP E 839 17.56 -17.54 -6.22
N THR E 840 18.68 -17.47 -6.94
CA THR E 840 19.54 -18.62 -7.17
C THR E 840 20.86 -18.42 -6.44
N VAL E 841 21.31 -19.48 -5.76
CA VAL E 841 22.56 -19.49 -5.01
C VAL E 841 23.50 -20.50 -5.65
N SER E 842 24.72 -20.07 -5.94
CA SER E 842 25.75 -20.93 -6.48
C SER E 842 26.73 -21.33 -5.37
N TYR E 843 27.26 -22.53 -5.48
CA TYR E 843 28.21 -23.01 -4.47
C TYR E 843 29.16 -24.02 -5.10
N VAL E 844 30.29 -24.22 -4.43
CA VAL E 844 31.27 -25.23 -4.79
C VAL E 844 31.69 -25.96 -3.52
N ILE E 845 32.32 -27.12 -3.71
CA ILE E 845 32.76 -27.96 -2.60
C ILE E 845 34.25 -27.77 -2.40
N CYS E 846 34.65 -27.42 -1.19
CA CYS E 846 36.03 -27.16 -0.84
C CYS E 846 36.57 -28.22 0.11
N GLN E 847 37.88 -28.20 0.31
CA GLN E 847 38.56 -29.13 1.21
C GLN E 847 39.12 -28.33 2.38
N ASP E 848 38.40 -28.35 3.51
CA ASP E 848 38.78 -27.57 4.68
C ASP E 848 39.65 -28.36 5.65
N GLY E 849 39.91 -29.63 5.39
CA GLY E 849 40.71 -30.43 6.30
C GLY E 849 40.08 -30.63 7.67
N SER E 850 38.78 -30.89 7.70
CA SER E 850 38.08 -31.10 8.96
C SER E 850 37.33 -32.43 9.00
N ASN E 851 37.68 -33.35 8.09
CA ASN E 851 37.12 -34.71 8.01
C ASN E 851 35.61 -34.77 8.17
N LEU E 852 34.90 -33.75 7.68
CA LEU E 852 33.45 -33.74 7.73
C LEU E 852 32.89 -34.31 6.43
N THR E 853 31.56 -34.43 6.37
CA THR E 853 30.92 -34.93 5.16
C THR E 853 31.03 -33.90 4.03
N ALA E 854 30.92 -34.40 2.80
CA ALA E 854 31.05 -33.54 1.63
C ALA E 854 29.95 -32.50 1.54
N SER E 855 28.81 -32.73 2.19
CA SER E 855 27.68 -31.81 2.09
C SER E 855 27.79 -30.61 3.03
N GLN E 856 28.67 -30.65 4.02
CA GLN E 856 28.81 -29.57 4.98
C GLN E 856 30.04 -28.70 4.72
N ARG E 857 30.67 -28.84 3.56
CA ARG E 857 31.88 -28.10 3.21
C ARG E 857 31.66 -27.25 1.96
N ALA E 858 30.49 -26.64 1.87
CA ALA E 858 30.15 -25.79 0.73
C ALA E 858 30.55 -24.34 1.00
N TYR E 859 31.13 -23.70 -0.01
CA TYR E 859 31.56 -22.32 0.12
C TYR E 859 31.29 -21.59 -1.19
N ALA E 860 31.06 -20.28 -1.08
CA ALA E 860 30.85 -19.44 -2.25
C ALA E 860 32.16 -19.29 -3.02
N PRO E 861 32.08 -19.00 -4.33
CA PRO E 861 33.32 -18.85 -5.11
C PRO E 861 34.25 -17.78 -4.58
N GLU E 862 33.69 -16.67 -4.06
CA GLU E 862 34.53 -15.61 -3.52
C GLU E 862 35.34 -16.09 -2.33
N GLN E 863 34.74 -16.93 -1.47
CA GLN E 863 35.47 -17.49 -0.35
C GLN E 863 36.63 -18.35 -0.83
N LEU E 864 36.40 -19.16 -1.87
CA LEU E 864 37.47 -19.99 -2.42
C LEU E 864 38.59 -19.14 -2.98
N GLN E 865 38.25 -18.07 -3.71
CA GLN E 865 39.28 -17.24 -4.32
C GLN E 865 40.06 -16.45 -3.28
N LYS E 866 39.38 -15.99 -2.23
CA LYS E 866 40.01 -15.10 -1.26
C LYS E 866 40.85 -15.87 -0.24
N GLN E 867 40.21 -16.77 0.50
CA GLN E 867 40.90 -17.51 1.55
C GLN E 867 41.96 -18.44 0.95
N ASP E 868 43.00 -18.69 1.73
CA ASP E 868 44.11 -19.52 1.27
C ASP E 868 43.96 -20.99 1.64
N ASN E 869 43.32 -21.31 2.76
CA ASN E 869 43.16 -22.70 3.19
C ASN E 869 41.91 -23.32 2.57
N LEU E 870 41.79 -23.21 1.25
CA LEU E 870 40.65 -23.75 0.54
C LEU E 870 41.10 -24.22 -0.83
N THR E 871 40.60 -25.38 -1.26
CA THR E 871 40.95 -25.93 -2.56
C THR E 871 39.79 -26.80 -3.05
N ILE E 872 39.73 -26.97 -4.37
CA ILE E 872 38.65 -27.74 -4.97
C ILE E 872 38.84 -29.22 -4.68
N ASP E 873 37.79 -29.86 -4.18
CA ASP E 873 37.84 -31.29 -3.87
C ASP E 873 37.69 -32.10 -5.15
N THR E 874 38.78 -32.69 -5.62
CA THR E 874 38.74 -33.40 -6.89
C THR E 874 38.02 -34.74 -6.78
N GLN E 875 38.24 -35.47 -5.68
CA GLN E 875 37.68 -36.81 -5.56
C GLN E 875 36.16 -36.78 -5.56
N TYR E 876 35.57 -35.83 -4.84
CA TYR E 876 34.12 -35.72 -4.81
C TYR E 876 33.56 -35.44 -6.20
N TYR E 877 34.20 -34.55 -6.95
CA TYR E 877 33.71 -34.21 -8.28
C TYR E 877 33.88 -35.37 -9.25
N LEU E 878 34.94 -36.17 -9.09
CA LEU E 878 35.12 -37.34 -9.94
C LEU E 878 34.22 -38.50 -9.55
N ALA E 879 33.73 -38.53 -8.31
CA ALA E 879 32.96 -39.68 -7.84
C ALA E 879 31.45 -39.47 -7.82
N GLN E 880 30.98 -38.22 -7.68
CA GLN E 880 29.56 -37.97 -7.52
C GLN E 880 28.97 -37.04 -8.58
N GLN E 881 29.74 -36.60 -9.55
CA GLN E 881 29.22 -35.71 -10.58
C GLN E 881 29.36 -36.25 -11.99
N ILE E 882 30.48 -36.87 -12.32
CA ILE E 882 30.72 -37.40 -13.65
C ILE E 882 30.36 -38.87 -13.75
N HIS E 883 30.74 -39.67 -12.76
CA HIS E 883 30.47 -41.10 -12.81
C HIS E 883 28.99 -41.43 -12.90
N PRO E 884 28.09 -40.89 -12.07
CA PRO E 884 26.68 -41.25 -12.21
C PRO E 884 26.07 -40.84 -13.55
N VAL E 885 26.40 -39.65 -14.05
CA VAL E 885 25.81 -39.18 -15.30
C VAL E 885 26.22 -40.08 -16.46
N VAL E 886 27.51 -40.37 -16.56
CA VAL E 886 28.00 -41.22 -17.64
C VAL E 886 27.45 -42.63 -17.51
N ALA E 887 27.38 -43.15 -16.27
CA ALA E 887 26.85 -44.49 -16.07
C ALA E 887 25.39 -44.58 -16.50
N ARG E 888 24.58 -43.57 -16.14
CA ARG E 888 23.18 -43.58 -16.52
C ARG E 888 23.00 -43.41 -18.02
N ILE E 889 23.83 -42.59 -18.66
CA ILE E 889 23.70 -42.38 -20.10
C ILE E 889 24.10 -43.63 -20.87
N CYS E 890 25.19 -44.28 -20.46
CA CYS E 890 25.75 -45.40 -21.20
C CYS E 890 25.17 -46.75 -20.80
N GLU E 891 24.16 -46.77 -19.94
CA GLU E 891 23.57 -48.03 -19.48
C GLU E 891 23.07 -48.93 -20.61
N PRO E 892 22.28 -48.45 -21.58
CA PRO E 892 21.74 -49.34 -22.61
C PRO E 892 22.71 -49.65 -23.76
N ILE E 893 24.00 -49.39 -23.61
CA ILE E 893 24.99 -49.66 -24.64
C ILE E 893 25.90 -50.77 -24.16
N ASP E 894 26.01 -51.82 -24.95
CA ASP E 894 26.85 -52.96 -24.58
C ASP E 894 28.32 -52.61 -24.72
N GLY E 895 29.14 -53.12 -23.81
CA GLY E 895 30.56 -52.88 -23.80
C GLY E 895 31.03 -51.86 -22.78
N ILE E 896 30.13 -51.08 -22.19
CA ILE E 896 30.46 -50.09 -21.18
C ILE E 896 29.66 -50.38 -19.92
N ASP E 897 30.34 -50.47 -18.79
CA ASP E 897 29.72 -50.77 -17.51
C ASP E 897 30.22 -49.80 -16.45
N ALA E 898 29.57 -49.86 -15.29
CA ALA E 898 29.92 -48.95 -14.20
C ALA E 898 31.34 -49.18 -13.70
N VAL E 899 31.75 -50.45 -13.57
CA VAL E 899 33.08 -50.75 -13.07
C VAL E 899 34.15 -50.32 -14.08
N LEU E 900 33.87 -50.47 -15.36
CA LEU E 900 34.81 -50.00 -16.38
C LEU E 900 34.92 -48.47 -16.35
N ILE E 901 33.80 -47.78 -16.12
CA ILE E 901 33.85 -46.33 -15.98
C ILE E 901 34.69 -45.94 -14.77
N ALA E 902 34.51 -46.65 -13.66
CA ALA E 902 35.30 -46.34 -12.46
C ALA E 902 36.78 -46.57 -12.69
N THR E 903 37.13 -47.66 -13.38
CA THR E 903 38.55 -47.93 -13.65
C THR E 903 39.13 -46.91 -14.61
N TRP E 904 38.35 -46.47 -15.60
CA TRP E 904 38.86 -45.52 -16.58
C TRP E 904 39.23 -44.19 -15.95
N LEU E 905 38.39 -43.70 -15.03
CA LEU E 905 38.71 -42.46 -14.33
C LEU E 905 39.87 -42.60 -13.36
N GLY E 906 40.31 -43.82 -13.10
CA GLY E 906 41.37 -44.05 -12.13
C GLY E 906 40.97 -43.72 -10.71
N LEU E 907 39.73 -44.03 -10.35
CA LEU E 907 39.20 -43.74 -9.01
C LEU E 907 39.39 -44.91 -8.06
N ASP E 908 40.64 -45.39 -7.94
CA ASP E 908 40.96 -46.54 -7.09
C ASP E 908 40.05 -47.72 -7.44
N PRO E 909 40.31 -48.38 -8.60
CA PRO E 909 39.36 -49.38 -9.13
C PRO E 909 38.76 -50.32 -8.10
N THR E 910 39.58 -50.86 -7.22
CA THR E 910 39.09 -51.77 -6.19
C THR E 910 38.59 -51.00 -4.97
#